data_1WND
#
_entry.id   1WND
#
_cell.length_a   85.036
_cell.length_b   79.680
_cell.length_c   158.669
_cell.angle_alpha   90.00
_cell.angle_beta   95.77
_cell.angle_gamma   90.00
#
_symmetry.space_group_name_H-M   'P 1 21 1'
#
loop_
_entity.id
_entity.type
_entity.pdbx_description
1 polymer 'Putative betaine aldehyde dehydrogenase'
2 non-polymer 'CALCIUM ION'
3 water water
#
_entity_poly.entity_id   1
_entity_poly.type   'polypeptide(L)'
_entity_poly.pdbx_seq_one_letter_code
;SYYHHHHHHLESTSLYKKAGLMQHKLLINGELVSGEGEKQPVYNPATGDVLLEIAEASAEQVDAAVRAADAAFAEWGQTT
PKVRAECLLKLADVIEENGQVFAELESRNCGKPLHSAFNDEIPAIVDVFRFFAGAARCLNGLAAGEYLEGHTSMIRRDPL
GVVASIAPWNYPLMMAAWKLAPALAAGNCVVLKPSEITPLTALKLAELAKDIFPAGVVNILFGRGKTVGDPLTGHPKVRM
VSLTGSIATGEHIISHTASSIKRTHMELGGKAPVIVFDDADIEAVVEGVRTFGYYNAGQDCTAACRIYAQKGIYDTLVEK
LGAAVATLKSGAPDDESTELGPLSSLAHLERVGKAVEEAKATGHIKVITGGEKRKGNGYYYAPTLLAGALQDDAIVQKEV
FGPVVSVTPFDNEEQVVNWANDSQYGLASSVWTKDVGRAHRVSARLQYGCTWVNTHFMLVSEMPHGGQKLSGYGKDMSLY
GLEDYTVVRHVMVKH
;
_entity_poly.pdbx_strand_id   A,B,C,D
#
loop_
_chem_comp.id
_chem_comp.type
_chem_comp.name
_chem_comp.formula
CA non-polymer 'CALCIUM ION' 'Ca 2'
#
# COMPACT_ATOMS: atom_id res chain seq x y z
N MET A 22 -22.52 -33.75 -19.36
CA MET A 22 -23.14 -34.76 -18.63
C MET A 22 -22.44 -34.95 -17.28
N GLN A 23 -21.44 -34.17 -16.84
CA GLN A 23 -20.84 -34.48 -15.53
C GLN A 23 -21.85 -34.16 -14.43
N HIS A 24 -22.02 -35.05 -13.46
CA HIS A 24 -23.01 -34.83 -12.42
C HIS A 24 -22.53 -35.25 -11.03
N LYS A 25 -21.23 -35.48 -10.87
CA LYS A 25 -20.73 -35.94 -9.58
C LYS A 25 -20.19 -34.78 -8.73
N LEU A 26 -20.25 -34.95 -7.42
CA LEU A 26 -19.70 -33.97 -6.49
C LEU A 26 -18.20 -34.20 -6.35
N LEU A 27 -17.48 -33.15 -5.97
CA LEU A 27 -16.06 -33.26 -5.68
C LEU A 27 -15.91 -33.15 -4.18
N ILE A 28 -15.52 -34.24 -3.54
CA ILE A 28 -15.30 -34.21 -2.11
C ILE A 28 -13.97 -34.88 -1.78
N ASN A 29 -13.07 -34.11 -1.19
CA ASN A 29 -11.79 -34.65 -0.74
C ASN A 29 -11.05 -35.38 -1.86
N GLY A 30 -11.00 -34.76 -3.02
CA GLY A 30 -10.24 -35.30 -4.14
C GLY A 30 -10.89 -36.42 -4.90
N GLU A 31 -12.12 -36.76 -4.56
CA GLU A 31 -12.84 -37.81 -5.27
C GLU A 31 -14.13 -37.32 -5.88
N LEU A 32 -14.51 -37.87 -7.02
CA LEU A 32 -15.77 -37.53 -7.64
C LEU A 32 -16.78 -38.58 -7.18
N VAL A 33 -17.82 -38.13 -6.47
CA VAL A 33 -18.83 -39.06 -5.98
C VAL A 33 -20.25 -38.60 -6.28
N SER A 34 -21.16 -39.56 -6.42
CA SER A 34 -22.55 -39.22 -6.65
C SER A 34 -23.18 -38.67 -5.38
N GLY A 35 -24.10 -37.73 -5.56
CA GLY A 35 -24.86 -37.21 -4.45
C GLY A 35 -25.70 -38.33 -3.87
N GLU A 36 -25.97 -38.27 -2.57
CA GLU A 36 -26.73 -39.33 -1.93
C GLU A 36 -28.10 -38.85 -1.46
N GLY A 37 -28.42 -37.60 -1.79
CA GLY A 37 -29.71 -37.01 -1.44
C GLY A 37 -30.72 -37.19 -2.55
N GLU A 38 -31.83 -36.45 -2.47
CA GLU A 38 -32.91 -36.55 -3.45
C GLU A 38 -32.50 -35.97 -4.81
N LYS A 39 -32.98 -36.60 -5.88
CA LYS A 39 -32.71 -36.13 -7.24
C LYS A 39 -33.46 -34.83 -7.50
N GLN A 40 -32.83 -33.97 -8.30
CA GLN A 40 -33.35 -32.64 -8.56
C GLN A 40 -33.22 -32.38 -10.06
N PRO A 41 -34.26 -31.84 -10.70
CA PRO A 41 -34.27 -31.56 -12.13
C PRO A 41 -33.54 -30.28 -12.52
N VAL A 42 -32.81 -30.31 -13.63
CA VAL A 42 -32.13 -29.14 -14.13
C VAL A 42 -32.75 -28.85 -15.49
N TYR A 43 -33.21 -27.62 -15.70
CA TYR A 43 -33.93 -27.27 -16.92
C TYR A 43 -33.13 -26.48 -17.92
N ASN A 44 -33.55 -26.60 -19.19
CA ASN A 44 -33.04 -25.79 -20.27
C ASN A 44 -34.06 -24.68 -20.45
N PRO A 45 -33.72 -23.48 -19.99
CA PRO A 45 -34.64 -22.34 -20.03
C PRO A 45 -35.13 -21.90 -21.41
N ALA A 46 -34.41 -22.28 -22.45
CA ALA A 46 -34.81 -21.91 -23.79
C ALA A 46 -35.93 -22.81 -24.32
N THR A 47 -36.04 -24.02 -23.78
CA THR A 47 -37.10 -24.93 -24.23
C THR A 47 -38.08 -25.31 -23.15
N GLY A 48 -37.68 -25.13 -21.90
CA GLY A 48 -38.51 -25.53 -20.78
C GLY A 48 -38.44 -27.04 -20.53
N ASP A 49 -37.49 -27.70 -21.18
CA ASP A 49 -37.32 -29.15 -21.04
C ASP A 49 -36.25 -29.45 -19.98
N VAL A 50 -36.38 -30.63 -19.37
CA VAL A 50 -35.44 -31.10 -18.37
C VAL A 50 -34.15 -31.62 -19.04
N LEU A 51 -33.01 -31.13 -18.58
CA LEU A 51 -31.71 -31.55 -19.12
C LEU A 51 -31.31 -32.84 -18.44
N LEU A 52 -31.51 -32.88 -17.13
CA LEU A 52 -31.33 -34.10 -16.36
C LEU A 52 -31.67 -33.93 -14.89
N GLU A 53 -31.73 -35.05 -14.19
CA GLU A 53 -31.97 -35.05 -12.76
C GLU A 53 -30.64 -35.40 -12.10
N ILE A 54 -30.28 -34.64 -11.07
CA ILE A 54 -29.02 -34.86 -10.36
C ILE A 54 -29.28 -35.07 -8.88
N ALA A 55 -28.68 -36.11 -8.30
CA ALA A 55 -28.81 -36.35 -6.87
C ALA A 55 -28.06 -35.26 -6.10
N GLU A 56 -28.71 -34.64 -5.13
CA GLU A 56 -27.99 -33.63 -4.37
C GLU A 56 -27.20 -34.26 -3.24
N ALA A 57 -26.35 -33.46 -2.61
CA ALA A 57 -25.52 -33.93 -1.51
C ALA A 57 -26.40 -34.29 -0.34
N SER A 58 -26.07 -35.36 0.37
CA SER A 58 -26.79 -35.71 1.57
C SER A 58 -26.19 -34.88 2.69
N ALA A 59 -26.84 -34.94 3.86
CA ALA A 59 -26.35 -34.22 5.03
C ALA A 59 -24.95 -34.72 5.40
N GLU A 60 -24.76 -36.02 5.33
CA GLU A 60 -23.46 -36.61 5.66
C GLU A 60 -22.38 -36.15 4.70
N GLN A 61 -22.74 -35.96 3.43
CA GLN A 61 -21.74 -35.50 2.44
C GLN A 61 -21.37 -34.03 2.67
N VAL A 62 -22.34 -33.21 3.05
CA VAL A 62 -22.02 -31.83 3.35
C VAL A 62 -21.00 -31.84 4.50
N ASP A 63 -21.29 -32.61 5.54
CA ASP A 63 -20.38 -32.68 6.68
C ASP A 63 -19.00 -33.22 6.29
N ALA A 64 -18.98 -34.26 5.46
CA ALA A 64 -17.70 -34.78 4.99
C ALA A 64 -16.92 -33.77 4.16
N ALA A 65 -17.61 -32.91 3.40
CA ALA A 65 -16.87 -31.93 2.61
C ALA A 65 -16.21 -30.90 3.52
N VAL A 66 -16.93 -30.45 4.53
CA VAL A 66 -16.37 -29.46 5.42
C VAL A 66 -15.21 -30.07 6.22
N ARG A 67 -15.38 -31.29 6.70
CA ARG A 67 -14.29 -31.96 7.43
C ARG A 67 -13.05 -32.18 6.53
N ALA A 68 -13.24 -32.56 5.28
CA ALA A 68 -12.09 -32.70 4.39
C ALA A 68 -11.41 -31.34 4.15
N ALA A 69 -12.20 -30.26 4.03
CA ALA A 69 -11.58 -28.98 3.83
C ALA A 69 -10.78 -28.58 5.07
N ASP A 70 -11.38 -28.79 6.24
CA ASP A 70 -10.70 -28.43 7.47
C ASP A 70 -9.39 -29.21 7.63
N ALA A 71 -9.40 -30.50 7.29
CA ALA A 71 -8.19 -31.32 7.44
C ALA A 71 -7.13 -30.88 6.43
N ALA A 72 -7.56 -30.54 5.22
CA ALA A 72 -6.60 -30.10 4.22
C ALA A 72 -5.99 -28.73 4.55
N PHE A 73 -6.70 -27.92 5.31
CA PHE A 73 -6.20 -26.60 5.67
C PHE A 73 -4.86 -26.62 6.42
N ALA A 74 -4.65 -27.62 7.29
CA ALA A 74 -3.39 -27.73 8.02
C ALA A 74 -2.17 -27.54 7.13
N GLU A 75 -2.13 -28.20 5.99
CA GLU A 75 -1.02 -28.04 5.03
C GLU A 75 -1.23 -26.91 4.03
N TRP A 76 -2.41 -26.81 3.44
CA TRP A 76 -2.68 -25.77 2.45
C TRP A 76 -2.50 -24.37 3.03
N GLY A 77 -2.94 -24.17 4.26
CA GLY A 77 -2.85 -22.86 4.87
C GLY A 77 -1.42 -22.40 5.11
N GLN A 78 -0.49 -23.35 5.00
CA GLN A 78 0.93 -23.11 5.22
C GLN A 78 1.74 -23.04 3.92
N THR A 79 1.11 -23.24 2.76
CA THR A 79 1.86 -23.17 1.49
C THR A 79 2.36 -21.77 1.23
N THR A 80 3.36 -21.64 0.35
CA THR A 80 3.83 -20.31 -0.06
C THR A 80 2.88 -19.75 -1.13
N PRO A 81 2.85 -18.42 -1.29
CA PRO A 81 2.11 -17.81 -2.39
C PRO A 81 2.54 -18.35 -3.75
N LYS A 82 3.85 -18.59 -3.92
CA LYS A 82 4.33 -19.11 -5.18
C LYS A 82 3.63 -20.41 -5.53
N VAL A 83 3.59 -21.34 -4.61
CA VAL A 83 2.93 -22.61 -4.86
C VAL A 83 1.43 -22.45 -5.16
N ARG A 84 0.75 -21.57 -4.43
CA ARG A 84 -0.68 -21.36 -4.67
C ARG A 84 -0.89 -20.72 -6.03
N ALA A 85 -0.07 -19.72 -6.35
CA ALA A 85 -0.14 -19.06 -7.63
C ALA A 85 0.02 -20.08 -8.77
N GLU A 86 0.92 -21.06 -8.60
CA GLU A 86 1.15 -22.09 -9.62
C GLU A 86 -0.12 -22.95 -9.82
N CYS A 87 -0.79 -23.28 -8.72
CA CYS A 87 -2.04 -24.04 -8.84
C CYS A 87 -3.08 -23.20 -9.62
N LEU A 88 -3.20 -21.93 -9.28
CA LEU A 88 -4.17 -21.05 -9.94
C LEU A 88 -3.88 -20.89 -11.44
N LEU A 89 -2.61 -20.81 -11.81
CA LEU A 89 -2.29 -20.70 -13.24
C LEU A 89 -2.65 -22.01 -13.96
N LYS A 90 -2.41 -23.15 -13.31
CA LYS A 90 -2.81 -24.41 -13.92
C LYS A 90 -4.32 -24.48 -14.12
N LEU A 91 -5.10 -24.03 -13.13
CA LEU A 91 -6.56 -24.06 -13.26
C LEU A 91 -6.97 -23.13 -14.41
N ALA A 92 -6.37 -21.95 -14.46
CA ALA A 92 -6.70 -21.04 -15.56
C ALA A 92 -6.46 -21.70 -16.91
N ASP A 93 -5.32 -22.38 -17.07
CA ASP A 93 -5.04 -23.07 -18.33
C ASP A 93 -6.07 -24.14 -18.69
N VAL A 94 -6.49 -24.93 -17.69
CA VAL A 94 -7.49 -25.98 -17.88
C VAL A 94 -8.84 -25.39 -18.31
N ILE A 95 -9.24 -24.30 -17.69
CA ILE A 95 -10.49 -23.65 -18.07
C ILE A 95 -10.36 -23.14 -19.52
N GLU A 96 -9.26 -22.46 -19.82
CA GLU A 96 -9.05 -21.93 -21.17
C GLU A 96 -9.09 -23.03 -22.21
N GLU A 97 -8.37 -24.11 -21.95
CA GLU A 97 -8.34 -25.22 -22.90
C GLU A 97 -9.75 -25.80 -23.13
N ASN A 98 -10.59 -25.76 -22.11
CA ASN A 98 -11.94 -26.33 -22.20
C ASN A 98 -13.01 -25.26 -22.39
N GLY A 99 -12.58 -24.11 -22.90
CA GLY A 99 -13.48 -22.99 -23.08
C GLY A 99 -14.79 -23.26 -23.81
N GLN A 100 -14.70 -23.95 -24.94
CA GLN A 100 -15.87 -24.23 -25.75
C GLN A 100 -16.89 -25.09 -25.03
N VAL A 101 -16.39 -26.11 -24.35
CA VAL A 101 -17.23 -27.01 -23.57
C VAL A 101 -17.94 -26.22 -22.48
N PHE A 102 -17.19 -25.38 -21.76
CA PHE A 102 -17.81 -24.60 -20.70
C PHE A 102 -18.87 -23.67 -21.26
N ALA A 103 -18.57 -23.01 -22.38
CA ALA A 103 -19.53 -22.08 -22.98
C ALA A 103 -20.80 -22.81 -23.43
N GLU A 104 -20.65 -24.01 -23.98
CA GLU A 104 -21.81 -24.81 -24.39
C GLU A 104 -22.70 -25.21 -23.19
N LEU A 105 -22.07 -25.67 -22.11
CA LEU A 105 -22.81 -26.06 -20.93
C LEU A 105 -23.60 -24.86 -20.37
N GLU A 106 -22.95 -23.71 -20.28
CA GLU A 106 -23.57 -22.54 -19.69
C GLU A 106 -24.71 -22.06 -20.58
N SER A 107 -24.53 -22.15 -21.89
CA SER A 107 -25.58 -21.74 -22.81
C SER A 107 -26.79 -22.69 -22.70
N ARG A 108 -26.53 -23.97 -22.53
CA ARG A 108 -27.61 -24.93 -22.41
C ARG A 108 -28.36 -24.78 -21.09
N ASN A 109 -27.62 -24.56 -20.01
CA ASN A 109 -28.20 -24.45 -18.67
C ASN A 109 -28.85 -23.10 -18.41
N CYS A 110 -28.32 -22.03 -19.01
CA CYS A 110 -28.79 -20.67 -18.71
C CYS A 110 -29.51 -19.97 -19.82
N GLY A 111 -29.42 -20.50 -21.03
CA GLY A 111 -30.06 -19.87 -22.16
C GLY A 111 -29.26 -18.69 -22.72
N LYS A 112 -28.04 -18.50 -22.27
CA LYS A 112 -27.29 -17.38 -22.87
C LYS A 112 -26.87 -17.68 -24.31
N PRO A 113 -26.95 -16.66 -25.16
CA PRO A 113 -26.48 -16.81 -26.53
C PRO A 113 -25.06 -17.39 -26.47
N LEU A 114 -24.81 -18.45 -27.23
CA LEU A 114 -23.54 -19.15 -27.15
C LEU A 114 -22.37 -18.24 -27.48
N HIS A 115 -22.55 -17.37 -28.47
CA HIS A 115 -21.46 -16.49 -28.88
C HIS A 115 -21.04 -15.56 -27.78
N SER A 116 -22.00 -15.15 -26.96
CA SER A 116 -21.72 -14.26 -25.84
C SER A 116 -21.02 -15.01 -24.72
N ALA A 117 -21.51 -16.20 -24.43
CA ALA A 117 -20.89 -16.98 -23.38
C ALA A 117 -19.45 -17.28 -23.74
N PHE A 118 -19.17 -17.62 -25.00
CA PHE A 118 -17.81 -17.96 -25.38
C PHE A 118 -16.91 -16.74 -25.53
N ASN A 119 -17.36 -15.73 -26.26
CA ASN A 119 -16.52 -14.56 -26.54
C ASN A 119 -16.35 -13.61 -25.36
N ASP A 120 -17.37 -13.50 -24.51
CA ASP A 120 -17.25 -12.58 -23.37
C ASP A 120 -16.89 -13.26 -22.06
N GLU A 121 -17.66 -14.26 -21.66
CA GLU A 121 -17.46 -14.85 -20.34
C GLU A 121 -16.19 -15.68 -20.16
N ILE A 122 -15.93 -16.60 -21.09
CA ILE A 122 -14.78 -17.48 -20.93
C ILE A 122 -13.44 -16.74 -20.70
N PRO A 123 -13.11 -15.79 -21.56
CA PRO A 123 -11.83 -15.06 -21.39
C PRO A 123 -11.81 -14.32 -20.07
N ALA A 124 -12.94 -13.78 -19.63
CA ALA A 124 -12.98 -13.07 -18.35
C ALA A 124 -12.73 -14.03 -17.19
N ILE A 125 -13.31 -15.22 -17.28
CA ILE A 125 -13.16 -16.20 -16.24
C ILE A 125 -11.70 -16.67 -16.13
N VAL A 126 -11.10 -16.97 -17.27
CA VAL A 126 -9.71 -17.38 -17.31
C VAL A 126 -8.86 -16.27 -16.69
N ASP A 127 -9.15 -15.04 -17.09
CA ASP A 127 -8.39 -13.91 -16.55
C ASP A 127 -8.49 -13.71 -15.03
N VAL A 128 -9.64 -14.04 -14.45
CA VAL A 128 -9.80 -13.90 -13.00
C VAL A 128 -8.80 -14.79 -12.28
N PHE A 129 -8.65 -16.01 -12.78
CA PHE A 129 -7.72 -16.95 -12.15
C PHE A 129 -6.26 -16.50 -12.37
N ARG A 130 -5.96 -16.00 -13.57
CA ARG A 130 -4.60 -15.54 -13.81
C ARG A 130 -4.30 -14.31 -13.00
N PHE A 131 -5.28 -13.40 -12.88
CA PHE A 131 -5.05 -12.20 -12.08
C PHE A 131 -4.74 -12.55 -10.64
N PHE A 132 -5.56 -13.41 -10.05
CA PHE A 132 -5.38 -13.76 -8.65
C PHE A 132 -4.14 -14.62 -8.41
N ALA A 133 -3.67 -15.30 -9.44
CA ALA A 133 -2.43 -16.04 -9.32
C ALA A 133 -1.32 -15.00 -9.05
N GLY A 134 -1.36 -13.89 -9.78
CA GLY A 134 -0.37 -12.85 -9.61
C GLY A 134 -0.53 -12.09 -8.28
N ALA A 135 -1.78 -11.80 -7.93
CA ALA A 135 -2.09 -11.05 -6.70
C ALA A 135 -1.75 -11.79 -5.42
N ALA A 136 -1.84 -13.10 -5.45
CA ALA A 136 -1.48 -13.89 -4.30
C ALA A 136 -0.07 -13.58 -3.81
N ARG A 137 0.80 -13.14 -4.71
CA ARG A 137 2.19 -12.88 -4.38
C ARG A 137 2.50 -11.39 -4.12
N CYS A 138 1.48 -10.55 -4.12
CA CYS A 138 1.68 -9.10 -4.02
C CYS A 138 0.93 -8.43 -2.87
N LEU A 139 0.80 -9.11 -1.74
CA LEU A 139 0.03 -8.54 -0.64
C LEU A 139 0.76 -7.47 0.16
N ASN A 140 0.11 -6.32 0.32
CA ASN A 140 0.66 -5.22 1.10
C ASN A 140 0.49 -5.39 2.58
N GLY A 141 1.19 -4.55 3.34
CA GLY A 141 1.10 -4.55 4.80
C GLY A 141 1.72 -3.25 5.30
N LEU A 142 2.00 -3.19 6.59
CA LEU A 142 2.63 -2.00 7.14
C LEU A 142 4.10 -2.36 7.31
N ALA A 143 4.98 -1.35 7.23
CA ALA A 143 6.39 -1.63 7.38
C ALA A 143 6.69 -2.24 8.77
N ALA A 144 7.54 -3.25 8.78
CA ALA A 144 7.97 -3.80 10.06
C ALA A 144 8.99 -2.85 10.70
N GLY A 145 9.05 -2.80 12.03
CA GLY A 145 9.97 -1.89 12.71
C GLY A 145 9.67 -1.74 14.19
N GLU A 146 10.35 -0.83 14.85
CA GLU A 146 10.14 -0.63 16.27
C GLU A 146 9.18 0.53 16.47
N TYR A 147 7.93 0.23 16.77
CA TYR A 147 6.96 1.30 17.00
C TYR A 147 6.88 1.59 18.49
N LEU A 148 7.35 0.62 19.27
CA LEU A 148 7.50 0.75 20.71
C LEU A 148 8.99 0.47 20.95
N GLU A 149 9.71 1.32 21.67
CA GLU A 149 11.15 1.09 21.92
C GLU A 149 11.44 -0.34 22.32
N GLY A 150 12.42 -0.95 21.69
CA GLY A 150 12.82 -2.28 22.10
C GLY A 150 11.89 -3.42 21.70
N HIS A 151 10.97 -3.17 20.77
CA HIS A 151 10.08 -4.25 20.30
C HIS A 151 9.96 -4.16 18.79
N THR A 152 10.18 -5.27 18.08
CA THR A 152 9.99 -5.23 16.62
C THR A 152 8.61 -5.78 16.31
N SER A 153 7.85 -5.00 15.55
CA SER A 153 6.53 -5.40 15.09
C SER A 153 6.53 -5.70 13.60
N MET A 154 5.70 -6.68 13.21
CA MET A 154 5.46 -6.94 11.80
C MET A 154 3.97 -7.29 11.62
N ILE A 155 3.48 -7.10 10.40
CA ILE A 155 2.12 -7.41 10.00
C ILE A 155 2.10 -8.54 8.97
N ARG A 156 1.34 -9.59 9.23
CA ARG A 156 1.12 -10.69 8.28
C ARG A 156 -0.34 -10.72 7.84
N ARG A 157 -0.59 -11.41 6.74
CA ARG A 157 -1.96 -11.64 6.29
C ARG A 157 -2.11 -13.15 6.13
N ASP A 158 -2.79 -13.77 7.09
CA ASP A 158 -2.98 -15.22 7.07
C ASP A 158 -4.39 -15.59 6.61
N PRO A 159 -4.56 -16.82 6.15
CA PRO A 159 -5.90 -17.32 5.76
C PRO A 159 -6.78 -17.58 6.98
N LEU A 160 -8.08 -17.70 6.73
CA LEU A 160 -9.07 -17.91 7.78
C LEU A 160 -9.28 -19.38 8.07
N GLY A 161 -9.34 -20.18 7.02
CA GLY A 161 -9.63 -21.59 7.21
C GLY A 161 -10.55 -22.11 6.13
N VAL A 162 -11.73 -22.58 6.51
CA VAL A 162 -12.67 -23.11 5.54
C VAL A 162 -13.66 -22.03 5.12
N VAL A 163 -13.76 -21.78 3.82
CA VAL A 163 -14.70 -20.80 3.27
C VAL A 163 -15.85 -21.55 2.58
N ALA A 164 -17.10 -21.19 2.89
CA ALA A 164 -18.26 -21.74 2.21
C ALA A 164 -18.69 -20.69 1.17
N SER A 165 -18.79 -21.11 -0.09
CA SER A 165 -19.17 -20.18 -1.14
C SER A 165 -20.47 -20.60 -1.77
N ILE A 166 -21.37 -19.65 -1.96
CA ILE A 166 -22.66 -19.91 -2.54
C ILE A 166 -22.80 -19.08 -3.80
N ALA A 167 -22.84 -19.73 -4.97
CA ALA A 167 -22.89 -19.00 -6.24
C ALA A 167 -24.34 -18.85 -6.75
N PRO A 168 -24.65 -17.76 -7.44
CA PRO A 168 -26.01 -17.54 -7.96
C PRO A 168 -26.21 -18.19 -9.34
N TRP A 169 -27.40 -18.08 -9.90
CA TRP A 169 -27.69 -18.73 -11.17
C TRP A 169 -27.47 -17.86 -12.42
N ASN A 170 -27.23 -16.56 -12.25
CA ASN A 170 -27.11 -15.72 -13.46
C ASN A 170 -25.80 -15.87 -14.25
N TYR A 171 -24.67 -16.02 -13.54
CA TYR A 171 -23.37 -16.28 -14.20
C TYR A 171 -22.71 -17.35 -13.36
N PRO A 172 -23.17 -18.58 -13.51
CA PRO A 172 -22.72 -19.66 -12.64
C PRO A 172 -21.20 -19.86 -12.62
N LEU A 173 -20.56 -20.06 -13.77
CA LEU A 173 -19.11 -20.29 -13.78
C LEU A 173 -18.31 -19.04 -13.36
N MET A 174 -18.69 -17.87 -13.85
CA MET A 174 -17.99 -16.64 -13.50
C MET A 174 -18.01 -16.36 -11.98
N MET A 175 -19.19 -16.49 -11.39
CA MET A 175 -19.34 -16.25 -9.95
C MET A 175 -18.63 -17.35 -9.17
N ALA A 176 -18.61 -18.57 -9.69
CA ALA A 176 -17.83 -19.60 -9.05
C ALA A 176 -16.36 -19.16 -9.07
N ALA A 177 -15.89 -18.65 -10.21
CA ALA A 177 -14.49 -18.15 -10.30
C ALA A 177 -14.22 -17.01 -9.32
N TRP A 178 -15.11 -16.03 -9.26
CA TRP A 178 -14.95 -14.92 -8.35
C TRP A 178 -14.84 -15.35 -6.88
N LYS A 179 -15.43 -16.49 -6.52
CA LYS A 179 -15.34 -16.89 -5.13
C LYS A 179 -14.17 -17.84 -4.90
N LEU A 180 -13.92 -18.73 -5.85
CA LEU A 180 -12.82 -19.67 -5.69
C LEU A 180 -11.46 -18.99 -5.74
N ALA A 181 -11.23 -18.18 -6.77
CA ALA A 181 -9.89 -17.63 -6.99
C ALA A 181 -9.26 -16.89 -5.81
N PRO A 182 -9.92 -15.87 -5.26
CA PRO A 182 -9.33 -15.15 -4.13
C PRO A 182 -9.22 -16.02 -2.89
N ALA A 183 -10.25 -16.80 -2.58
CA ALA A 183 -10.21 -17.64 -1.39
C ALA A 183 -9.00 -18.59 -1.41
N LEU A 184 -8.78 -19.23 -2.54
CA LEU A 184 -7.66 -20.15 -2.71
C LEU A 184 -6.33 -19.40 -2.72
N ALA A 185 -6.28 -18.27 -3.42
CA ALA A 185 -5.06 -17.49 -3.49
C ALA A 185 -4.62 -17.08 -2.08
N ALA A 186 -5.59 -16.87 -1.20
CA ALA A 186 -5.31 -16.42 0.15
C ALA A 186 -4.84 -17.58 1.02
N GLY A 187 -4.97 -18.81 0.54
CA GLY A 187 -4.55 -19.94 1.36
C GLY A 187 -5.69 -20.63 2.12
N ASN A 188 -6.93 -20.34 1.76
CA ASN A 188 -8.06 -21.04 2.39
C ASN A 188 -8.46 -22.29 1.62
N CYS A 189 -9.20 -23.18 2.29
CA CYS A 189 -9.85 -24.29 1.62
C CYS A 189 -11.31 -23.88 1.37
N VAL A 190 -11.90 -24.43 0.31
CA VAL A 190 -13.22 -23.96 -0.10
C VAL A 190 -14.24 -25.08 -0.29
N VAL A 191 -15.47 -24.87 0.18
CA VAL A 191 -16.58 -25.75 -0.16
C VAL A 191 -17.58 -24.87 -0.95
N LEU A 192 -17.75 -25.18 -2.23
CA LEU A 192 -18.58 -24.38 -3.11
C LEU A 192 -19.91 -25.05 -3.41
N LYS A 193 -20.99 -24.26 -3.35
CA LYS A 193 -22.30 -24.76 -3.71
C LYS A 193 -22.84 -23.87 -4.80
N PRO A 194 -23.07 -24.40 -5.99
CA PRO A 194 -23.67 -23.60 -7.06
C PRO A 194 -25.16 -23.53 -6.81
N SER A 195 -25.87 -22.71 -7.56
CA SER A 195 -27.32 -22.68 -7.46
C SER A 195 -27.90 -24.01 -7.92
N GLU A 196 -29.01 -24.40 -7.32
CA GLU A 196 -29.68 -25.66 -7.71
C GLU A 196 -30.18 -25.59 -9.15
N ILE A 197 -30.40 -24.37 -9.63
CA ILE A 197 -30.87 -24.10 -10.99
C ILE A 197 -29.77 -24.30 -12.04
N THR A 198 -28.53 -23.96 -11.70
CA THR A 198 -27.46 -23.99 -12.70
C THR A 198 -26.17 -24.64 -12.25
N PRO A 199 -26.17 -25.94 -12.01
CA PRO A 199 -24.96 -26.60 -11.55
C PRO A 199 -24.04 -27.16 -12.64
N LEU A 200 -24.46 -27.18 -13.90
CA LEU A 200 -23.66 -27.88 -14.91
C LEU A 200 -22.20 -27.46 -15.00
N THR A 201 -21.93 -26.17 -15.11
CA THR A 201 -20.53 -25.78 -15.28
C THR A 201 -19.72 -26.07 -14.05
N ALA A 202 -20.32 -25.99 -12.87
CA ALA A 202 -19.57 -26.23 -11.66
C ALA A 202 -19.18 -27.71 -11.53
N LEU A 203 -20.09 -28.59 -11.93
CA LEU A 203 -19.81 -30.02 -11.91
C LEU A 203 -18.80 -30.42 -13.00
N LYS A 204 -18.78 -29.72 -14.13
CA LYS A 204 -17.74 -29.97 -15.12
C LYS A 204 -16.40 -29.49 -14.55
N LEU A 205 -16.42 -28.35 -13.86
CA LEU A 205 -15.21 -27.85 -13.24
C LEU A 205 -14.71 -28.83 -12.20
N ALA A 206 -15.63 -29.46 -11.46
CA ALA A 206 -15.24 -30.43 -10.44
C ALA A 206 -14.43 -31.54 -11.09
N GLU A 207 -14.90 -32.03 -12.24
CA GLU A 207 -14.21 -33.10 -12.94
C GLU A 207 -12.82 -32.65 -13.37
N LEU A 208 -12.76 -31.48 -13.99
CA LEU A 208 -11.50 -31.01 -14.55
C LEU A 208 -10.48 -30.59 -13.50
N ALA A 209 -10.95 -30.13 -12.36
CA ALA A 209 -10.06 -29.55 -11.37
C ALA A 209 -9.66 -30.50 -10.24
N LYS A 210 -10.22 -31.69 -10.28
CA LYS A 210 -10.02 -32.69 -9.23
C LYS A 210 -8.57 -32.88 -8.76
N ASP A 211 -7.60 -32.83 -9.67
CA ASP A 211 -6.23 -33.15 -9.29
C ASP A 211 -5.27 -31.98 -9.26
N ILE A 212 -5.80 -30.77 -9.43
CA ILE A 212 -4.93 -29.61 -9.45
C ILE A 212 -4.53 -29.15 -8.07
N PHE A 213 -5.45 -29.28 -7.12
CA PHE A 213 -5.16 -28.88 -5.75
C PHE A 213 -5.11 -30.12 -4.89
N PRO A 214 -4.40 -30.09 -3.76
CA PRO A 214 -4.41 -31.26 -2.87
C PRO A 214 -5.87 -31.57 -2.47
N ALA A 215 -6.11 -32.82 -2.12
CA ALA A 215 -7.42 -33.36 -1.74
C ALA A 215 -8.06 -32.57 -0.62
N GLY A 216 -9.29 -32.12 -0.84
CA GLY A 216 -10.00 -31.40 0.20
C GLY A 216 -9.80 -29.90 0.14
N VAL A 217 -8.82 -29.43 -0.62
CA VAL A 217 -8.66 -27.98 -0.76
C VAL A 217 -9.84 -27.31 -1.51
N VAL A 218 -10.35 -27.99 -2.52
CA VAL A 218 -11.55 -27.52 -3.20
C VAL A 218 -12.60 -28.62 -3.18
N ASN A 219 -13.83 -28.28 -2.81
CA ASN A 219 -14.91 -29.25 -2.77
C ASN A 219 -16.10 -28.60 -3.41
N ILE A 220 -16.85 -29.35 -4.20
CA ILE A 220 -17.98 -28.79 -4.89
C ILE A 220 -19.19 -29.66 -4.67
N LEU A 221 -20.25 -29.06 -4.14
CA LEU A 221 -21.47 -29.80 -3.80
C LEU A 221 -22.60 -29.37 -4.73
N PHE A 222 -23.78 -29.95 -4.55
CA PHE A 222 -24.93 -29.54 -5.33
C PHE A 222 -26.15 -29.71 -4.46
N GLY A 223 -27.10 -28.79 -4.57
CA GLY A 223 -28.36 -28.95 -3.87
C GLY A 223 -29.05 -27.65 -3.57
N ARG A 224 -30.22 -27.77 -2.97
CA ARG A 224 -31.04 -26.61 -2.61
C ARG A 224 -30.51 -25.87 -1.39
N GLY A 225 -31.00 -24.72 -1.19
CA GLY A 225 -30.60 -23.83 -0.08
C GLY A 225 -30.89 -24.47 1.28
N LYS A 226 -32.12 -24.94 1.43
CA LYS A 226 -32.60 -25.56 2.70
C LYS A 226 -31.91 -26.89 3.05
N THR A 227 -31.72 -27.68 2.03
CA THR A 227 -31.17 -29.04 2.16
C THR A 227 -29.63 -29.12 2.19
N VAL A 228 -28.97 -28.28 1.45
CA VAL A 228 -27.50 -28.32 1.40
C VAL A 228 -26.88 -27.00 1.81
N GLY A 229 -27.34 -25.89 1.34
CA GLY A 229 -26.79 -24.58 1.70
C GLY A 229 -26.78 -24.26 3.18
N ASP A 230 -27.91 -24.43 3.85
CA ASP A 230 -28.01 -24.17 5.29
C ASP A 230 -27.06 -25.06 6.17
N PRO A 231 -27.08 -26.37 5.98
CA PRO A 231 -26.13 -27.23 6.69
C PRO A 231 -24.68 -26.81 6.45
N LEU A 232 -24.38 -26.36 5.23
CA LEU A 232 -23.05 -25.92 4.88
C LEU A 232 -22.65 -24.63 5.59
N THR A 233 -23.42 -23.56 5.40
CA THR A 233 -23.04 -22.28 6.00
C THR A 233 -23.19 -22.28 7.52
N GLY A 234 -23.92 -23.23 8.08
CA GLY A 234 -24.09 -23.34 9.51
C GLY A 234 -23.07 -24.23 10.20
N HIS A 235 -22.17 -24.85 9.42
CA HIS A 235 -21.19 -25.79 10.00
C HIS A 235 -20.19 -25.08 10.91
N PRO A 236 -19.95 -25.65 12.09
CA PRO A 236 -19.01 -25.05 13.06
C PRO A 236 -17.60 -24.82 12.52
N LYS A 237 -17.13 -25.63 11.58
CA LYS A 237 -15.78 -25.36 11.09
C LYS A 237 -15.69 -24.34 9.93
N VAL A 238 -16.82 -23.89 9.42
CA VAL A 238 -16.81 -22.87 8.40
C VAL A 238 -16.53 -21.50 9.05
N ARG A 239 -15.52 -20.80 8.55
CA ARG A 239 -15.15 -19.50 9.13
C ARG A 239 -15.72 -18.30 8.39
N MET A 240 -15.99 -18.45 7.11
CA MET A 240 -16.47 -17.34 6.30
C MET A 240 -17.45 -17.85 5.29
N VAL A 241 -18.48 -17.05 5.02
CA VAL A 241 -19.48 -17.40 4.03
C VAL A 241 -19.52 -16.30 3.00
N SER A 242 -19.37 -16.68 1.76
CA SER A 242 -19.39 -15.73 0.67
C SER A 242 -20.61 -16.00 -0.17
N LEU A 243 -21.44 -14.97 -0.37
CA LEU A 243 -22.69 -15.17 -1.12
C LEU A 243 -22.93 -14.09 -2.14
N THR A 244 -23.36 -14.51 -3.32
CA THR A 244 -23.93 -13.57 -4.26
C THR A 244 -25.34 -14.10 -4.41
N GLY A 245 -26.33 -13.24 -4.20
CA GLY A 245 -27.73 -13.65 -4.25
C GLY A 245 -28.67 -12.50 -3.93
N SER A 246 -29.85 -12.84 -3.47
CA SER A 246 -30.87 -11.84 -3.18
C SER A 246 -30.66 -11.25 -1.82
N ILE A 247 -31.32 -10.12 -1.58
CA ILE A 247 -31.28 -9.47 -0.29
C ILE A 247 -31.91 -10.39 0.74
N ALA A 248 -33.00 -11.04 0.36
CA ALA A 248 -33.67 -11.96 1.27
C ALA A 248 -32.73 -13.12 1.69
N THR A 249 -32.00 -13.66 0.72
CA THR A 249 -31.06 -14.74 1.03
C THR A 249 -29.97 -14.18 1.96
N GLY A 250 -29.48 -12.99 1.63
CA GLY A 250 -28.47 -12.33 2.45
C GLY A 250 -28.91 -12.22 3.92
N GLU A 251 -30.13 -11.74 4.15
CA GLU A 251 -30.62 -11.61 5.52
C GLU A 251 -30.70 -12.98 6.21
N HIS A 252 -31.15 -13.97 5.46
CA HIS A 252 -31.29 -15.31 6.00
C HIS A 252 -29.92 -15.86 6.43
N ILE A 253 -28.91 -15.70 5.56
CA ILE A 253 -27.57 -16.20 5.89
C ILE A 253 -26.98 -15.49 7.12
N ILE A 254 -27.13 -14.17 7.17
CA ILE A 254 -26.60 -13.42 8.31
C ILE A 254 -27.26 -13.89 9.60
N SER A 255 -28.59 -14.02 9.60
CA SER A 255 -29.30 -14.52 10.77
C SER A 255 -28.82 -15.93 11.11
N HIS A 256 -28.58 -16.74 10.09
CA HIS A 256 -28.23 -18.15 10.28
C HIS A 256 -26.85 -18.32 10.90
N THR A 257 -25.91 -17.42 10.54
CA THR A 257 -24.54 -17.49 11.03
C THR A 257 -24.24 -16.62 12.25
N ALA A 258 -25.23 -15.87 12.72
CA ALA A 258 -25.03 -14.98 13.86
C ALA A 258 -24.51 -15.70 15.11
N SER A 259 -25.06 -16.87 15.39
CA SER A 259 -24.67 -17.62 16.57
C SER A 259 -23.17 -17.91 16.66
N SER A 260 -22.46 -17.95 15.54
CA SER A 260 -21.04 -18.23 15.60
C SER A 260 -20.16 -17.12 15.03
N ILE A 261 -20.72 -15.92 14.93
CA ILE A 261 -19.97 -14.76 14.48
C ILE A 261 -19.18 -15.00 13.20
N LYS A 262 -19.70 -15.78 12.28
CA LYS A 262 -18.92 -16.02 11.05
C LYS A 262 -18.68 -14.74 10.25
N ARG A 263 -17.53 -14.68 9.59
CA ARG A 263 -17.26 -13.59 8.67
C ARG A 263 -18.16 -13.80 7.46
N THR A 264 -18.64 -12.71 6.88
CA THR A 264 -19.47 -12.86 5.69
C THR A 264 -19.00 -11.91 4.62
N HIS A 265 -19.37 -12.20 3.39
CA HIS A 265 -18.93 -11.43 2.25
C HIS A 265 -20.12 -11.52 1.32
N MET A 266 -20.72 -10.37 1.02
CA MET A 266 -22.00 -10.38 0.37
C MET A 266 -22.28 -9.40 -0.76
N GLU A 267 -22.74 -9.92 -1.89
CA GLU A 267 -23.17 -9.07 -2.99
C GLU A 267 -24.63 -9.42 -3.22
N LEU A 268 -25.52 -8.50 -2.92
CA LEU A 268 -26.93 -8.84 -2.87
C LEU A 268 -27.87 -8.20 -3.87
N GLY A 269 -27.40 -7.71 -4.97
CA GLY A 269 -28.41 -7.15 -5.86
C GLY A 269 -28.12 -5.68 -6.10
N GLY A 270 -28.67 -5.16 -7.17
CA GLY A 270 -28.43 -3.78 -7.51
C GLY A 270 -29.58 -3.25 -8.31
N LYS A 271 -29.56 -1.95 -8.51
CA LYS A 271 -30.58 -1.30 -9.31
C LYS A 271 -29.84 -0.08 -9.82
N ALA A 272 -28.86 -0.31 -10.68
CA ALA A 272 -27.94 0.74 -11.14
C ALA A 272 -28.62 1.97 -11.76
N PRO A 273 -28.43 3.13 -11.14
CA PRO A 273 -28.91 4.38 -11.72
C PRO A 273 -28.04 4.75 -12.93
N VAL A 274 -28.68 5.22 -13.99
CA VAL A 274 -28.00 5.68 -15.20
C VAL A 274 -28.44 7.13 -15.37
N ILE A 275 -27.56 8.05 -15.04
CA ILE A 275 -27.89 9.46 -15.04
C ILE A 275 -27.46 10.18 -16.32
N VAL A 276 -28.44 10.59 -17.12
CA VAL A 276 -28.17 11.20 -18.43
C VAL A 276 -28.48 12.67 -18.39
N PHE A 277 -27.46 13.51 -18.52
CA PHE A 277 -27.64 14.96 -18.55
C PHE A 277 -27.94 15.46 -19.97
N ASP A 278 -28.42 16.70 -20.08
CA ASP A 278 -28.78 17.31 -21.36
C ASP A 278 -27.64 17.34 -22.38
N ASP A 279 -26.39 17.34 -21.90
CA ASP A 279 -25.26 17.39 -22.80
C ASP A 279 -24.65 16.03 -23.14
N ALA A 280 -25.34 14.93 -22.81
CA ALA A 280 -24.79 13.62 -23.10
C ALA A 280 -24.85 13.33 -24.60
N ASP A 281 -24.01 12.39 -25.04
CA ASP A 281 -24.12 11.89 -26.42
C ASP A 281 -25.31 10.89 -26.43
N ILE A 282 -26.47 11.33 -26.89
CA ILE A 282 -27.66 10.48 -26.81
C ILE A 282 -27.55 9.19 -27.61
N GLU A 283 -26.94 9.28 -28.79
CA GLU A 283 -26.69 8.10 -29.63
C GLU A 283 -25.84 7.06 -28.85
N ALA A 284 -24.82 7.53 -28.14
CA ALA A 284 -23.98 6.63 -27.32
C ALA A 284 -24.81 6.05 -26.17
N VAL A 285 -25.66 6.85 -25.56
CA VAL A 285 -26.45 6.33 -24.46
C VAL A 285 -27.37 5.22 -24.97
N VAL A 286 -28.01 5.46 -26.09
CA VAL A 286 -28.90 4.46 -26.66
C VAL A 286 -28.19 3.17 -27.01
N GLU A 287 -27.12 3.28 -27.80
CA GLU A 287 -26.33 2.11 -28.18
C GLU A 287 -25.87 1.40 -26.92
N GLY A 288 -25.50 2.16 -25.91
CA GLY A 288 -25.05 1.57 -24.66
C GLY A 288 -26.12 0.76 -23.96
N VAL A 289 -27.25 1.42 -23.66
CA VAL A 289 -28.33 0.79 -22.92
C VAL A 289 -28.96 -0.41 -23.64
N ARG A 290 -29.05 -0.34 -24.96
CA ARG A 290 -29.58 -1.45 -25.72
C ARG A 290 -28.80 -2.70 -25.35
N THR A 291 -27.51 -2.54 -25.06
CA THR A 291 -26.71 -3.68 -24.61
C THR A 291 -26.80 -3.89 -23.09
N PHE A 292 -26.45 -2.86 -22.33
CA PHE A 292 -26.30 -2.96 -20.87
C PHE A 292 -27.61 -3.18 -20.09
N GLY A 293 -28.74 -2.77 -20.63
CA GLY A 293 -29.99 -3.00 -19.93
C GLY A 293 -30.61 -4.35 -20.22
N TYR A 294 -30.08 -5.06 -21.22
CA TYR A 294 -30.70 -6.27 -21.73
C TYR A 294 -29.78 -7.50 -21.85
N TYR A 295 -28.49 -7.29 -21.70
CA TYR A 295 -27.52 -8.38 -21.74
C TYR A 295 -27.91 -9.42 -20.69
N ASN A 296 -27.73 -10.70 -20.99
CA ASN A 296 -28.12 -11.77 -20.06
C ASN A 296 -29.60 -11.63 -19.64
N ALA A 297 -30.40 -11.05 -20.54
CA ALA A 297 -31.81 -10.76 -20.30
C ALA A 297 -32.02 -9.88 -19.07
N GLY A 298 -31.06 -9.02 -18.78
CA GLY A 298 -31.20 -8.10 -17.66
C GLY A 298 -30.97 -8.76 -16.31
N GLN A 299 -30.56 -10.03 -16.32
CA GLN A 299 -30.27 -10.75 -15.09
C GLN A 299 -28.81 -10.50 -14.70
N ASP A 300 -28.53 -9.26 -14.35
CA ASP A 300 -27.18 -8.82 -14.04
C ASP A 300 -27.33 -7.75 -12.98
N CYS A 301 -26.60 -7.90 -11.88
CA CYS A 301 -26.73 -6.94 -10.78
C CYS A 301 -26.32 -5.51 -11.15
N THR A 302 -25.60 -5.34 -12.27
CA THR A 302 -25.21 -4.00 -12.72
C THR A 302 -25.96 -3.58 -14.00
N ALA A 303 -27.05 -4.25 -14.32
CA ALA A 303 -27.82 -3.93 -15.51
C ALA A 303 -28.18 -2.45 -15.46
N ALA A 304 -28.17 -1.81 -16.63
CA ALA A 304 -28.51 -0.41 -16.76
C ALA A 304 -30.03 -0.28 -16.75
N CYS A 305 -30.65 -0.49 -15.59
CA CYS A 305 -32.10 -0.61 -15.51
C CYS A 305 -32.89 0.62 -15.07
N ARG A 306 -32.25 1.54 -14.37
CA ARG A 306 -32.92 2.69 -13.81
C ARG A 306 -32.37 3.96 -14.44
N ILE A 307 -33.03 4.46 -15.46
CA ILE A 307 -32.51 5.66 -16.12
C ILE A 307 -33.17 6.92 -15.59
N TYR A 308 -32.34 7.89 -15.21
CA TYR A 308 -32.80 9.21 -14.86
C TYR A 308 -32.34 10.09 -16.02
N ALA A 309 -33.30 10.71 -16.70
CA ALA A 309 -32.98 11.48 -17.91
C ALA A 309 -33.40 12.96 -17.76
N GLN A 310 -32.48 13.89 -17.97
CA GLN A 310 -32.79 15.30 -17.75
C GLN A 310 -33.92 15.74 -18.70
N LYS A 311 -34.78 16.63 -18.22
CA LYS A 311 -35.96 17.03 -19.01
C LYS A 311 -35.67 17.47 -20.44
N GLY A 312 -34.53 18.09 -20.67
CA GLY A 312 -34.22 18.53 -22.02
C GLY A 312 -34.12 17.42 -23.04
N ILE A 313 -33.48 16.31 -22.67
CA ILE A 313 -33.29 15.21 -23.61
C ILE A 313 -34.27 14.06 -23.40
N TYR A 314 -35.13 14.16 -22.39
CA TYR A 314 -35.99 13.03 -22.03
C TYR A 314 -36.77 12.40 -23.18
N ASP A 315 -37.58 13.19 -23.86
CA ASP A 315 -38.40 12.65 -24.93
C ASP A 315 -37.58 12.11 -26.08
N THR A 316 -36.48 12.77 -26.41
CA THR A 316 -35.60 12.30 -27.46
C THR A 316 -34.99 10.95 -27.08
N LEU A 317 -34.49 10.85 -25.86
CA LEU A 317 -33.90 9.59 -25.41
C LEU A 317 -34.95 8.47 -25.45
N VAL A 318 -36.12 8.71 -24.90
CA VAL A 318 -37.11 7.64 -24.84
C VAL A 318 -37.47 7.10 -26.24
N GLU A 319 -37.78 7.99 -27.18
CA GLU A 319 -38.14 7.58 -28.53
C GLU A 319 -36.98 6.82 -29.22
N LYS A 320 -35.77 7.30 -29.12
CA LYS A 320 -34.68 6.57 -29.76
C LYS A 320 -34.38 5.24 -29.05
N LEU A 321 -34.50 5.22 -27.73
CA LEU A 321 -34.17 4.02 -26.98
C LEU A 321 -35.19 2.95 -27.29
N GLY A 322 -36.44 3.38 -27.36
CA GLY A 322 -37.53 2.49 -27.65
C GLY A 322 -37.36 1.80 -28.98
N ALA A 323 -36.96 2.55 -30.00
CA ALA A 323 -36.77 1.95 -31.31
C ALA A 323 -35.54 1.03 -31.29
N ALA A 324 -34.52 1.36 -30.54
CA ALA A 324 -33.36 0.48 -30.51
C ALA A 324 -33.65 -0.83 -29.75
N VAL A 325 -34.41 -0.72 -28.67
CA VAL A 325 -34.68 -1.88 -27.84
C VAL A 325 -35.57 -2.83 -28.61
N ALA A 326 -36.46 -2.26 -29.41
CA ALA A 326 -37.43 -3.07 -30.16
C ALA A 326 -36.80 -4.01 -31.18
N THR A 327 -35.56 -3.74 -31.61
CA THR A 327 -34.94 -4.62 -32.60
C THR A 327 -34.11 -5.74 -31.98
N LEU A 328 -34.08 -5.83 -30.65
CA LEU A 328 -33.29 -6.89 -30.02
C LEU A 328 -33.84 -8.25 -30.46
N LYS A 329 -32.94 -9.10 -30.95
CA LYS A 329 -33.37 -10.37 -31.49
C LYS A 329 -33.33 -11.53 -30.49
N SER A 330 -34.46 -12.17 -30.28
CA SER A 330 -34.48 -13.35 -29.44
C SER A 330 -34.71 -14.57 -30.32
N GLY A 331 -34.08 -15.68 -29.94
CA GLY A 331 -34.13 -16.90 -30.74
C GLY A 331 -33.31 -17.94 -30.04
N ALA A 332 -32.96 -19.01 -30.76
CA ALA A 332 -32.19 -20.09 -30.15
C ALA A 332 -30.83 -19.59 -29.70
N PRO A 333 -30.42 -20.01 -28.52
CA PRO A 333 -29.14 -19.58 -27.98
C PRO A 333 -27.97 -19.98 -28.88
N ASP A 334 -28.09 -21.09 -29.60
CA ASP A 334 -27.01 -21.52 -30.50
C ASP A 334 -26.94 -20.76 -31.84
N ASP A 335 -27.87 -19.85 -32.06
CA ASP A 335 -27.87 -19.06 -33.30
C ASP A 335 -27.05 -17.79 -33.08
N GLU A 336 -26.09 -17.55 -33.97
CA GLU A 336 -25.21 -16.40 -33.84
C GLU A 336 -25.95 -15.06 -33.88
N SER A 337 -27.17 -15.04 -34.45
CA SER A 337 -27.96 -13.80 -34.53
C SER A 337 -28.73 -13.50 -33.25
N THR A 338 -28.79 -14.46 -32.34
CA THR A 338 -29.54 -14.26 -31.13
C THR A 338 -28.84 -13.28 -30.19
N GLU A 339 -29.57 -12.25 -29.76
CA GLU A 339 -29.04 -11.24 -28.85
C GLU A 339 -29.63 -11.37 -27.47
N LEU A 340 -30.87 -11.86 -27.39
CA LEU A 340 -31.57 -11.95 -26.12
C LEU A 340 -32.05 -13.37 -25.83
N GLY A 341 -31.54 -13.95 -24.76
CA GLY A 341 -31.95 -15.28 -24.32
C GLY A 341 -33.15 -15.19 -23.40
N PRO A 342 -33.59 -16.31 -22.84
CA PRO A 342 -34.77 -16.33 -21.97
C PRO A 342 -34.38 -16.01 -20.54
N LEU A 343 -35.37 -15.90 -19.65
CA LEU A 343 -35.11 -15.74 -18.22
C LEU A 343 -34.76 -17.12 -17.62
N SER A 344 -34.20 -17.15 -16.41
CA SER A 344 -33.66 -18.39 -15.86
C SER A 344 -34.63 -19.49 -15.48
N SER A 345 -35.88 -19.14 -15.20
CA SER A 345 -36.86 -20.10 -14.75
C SER A 345 -38.27 -19.56 -14.89
N LEU A 346 -39.23 -20.48 -14.74
CA LEU A 346 -40.64 -20.15 -14.85
C LEU A 346 -41.01 -19.19 -13.74
N ALA A 347 -40.52 -19.46 -12.54
CA ALA A 347 -40.77 -18.59 -11.39
C ALA A 347 -40.24 -17.19 -11.61
N HIS A 348 -39.00 -17.07 -12.09
CA HIS A 348 -38.46 -15.74 -12.30
C HIS A 348 -39.25 -15.01 -13.41
N LEU A 349 -39.66 -15.74 -14.44
CA LEU A 349 -40.42 -15.17 -15.53
C LEU A 349 -41.72 -14.59 -14.97
N GLU A 350 -42.34 -15.33 -14.04
CA GLU A 350 -43.58 -14.82 -13.46
C GLU A 350 -43.32 -13.57 -12.61
N ARG A 351 -42.24 -13.54 -11.86
CA ARG A 351 -41.97 -12.34 -11.06
C ARG A 351 -41.72 -11.11 -11.92
N VAL A 352 -40.97 -11.28 -13.00
CA VAL A 352 -40.70 -10.17 -13.88
C VAL A 352 -42.00 -9.63 -14.45
N GLY A 353 -42.84 -10.53 -14.94
CA GLY A 353 -44.14 -10.19 -15.47
C GLY A 353 -44.99 -9.42 -14.47
N LYS A 354 -44.98 -9.87 -13.21
CA LYS A 354 -45.69 -9.17 -12.14
C LYS A 354 -45.18 -7.73 -11.94
N ALA A 355 -43.87 -7.54 -11.88
CA ALA A 355 -43.36 -6.19 -11.68
C ALA A 355 -43.81 -5.26 -12.81
N VAL A 356 -43.82 -5.76 -14.04
CA VAL A 356 -44.22 -4.90 -15.14
C VAL A 356 -45.70 -4.56 -15.02
N GLU A 357 -46.52 -5.56 -14.70
CA GLU A 357 -47.95 -5.29 -14.54
C GLU A 357 -48.22 -4.29 -13.41
N GLU A 358 -47.47 -4.38 -12.33
CA GLU A 358 -47.62 -3.41 -11.25
C GLU A 358 -47.26 -2.01 -11.74
N ALA A 359 -46.20 -1.91 -12.55
CA ALA A 359 -45.81 -0.62 -13.06
C ALA A 359 -46.94 -0.08 -13.90
N LYS A 360 -47.58 -0.93 -14.69
CA LYS A 360 -48.68 -0.48 -15.53
C LYS A 360 -49.93 -0.10 -14.75
N ALA A 361 -50.22 -0.79 -13.65
CA ALA A 361 -51.43 -0.49 -12.86
C ALA A 361 -51.30 0.86 -12.16
N THR A 362 -50.09 1.40 -12.19
CA THR A 362 -49.78 2.69 -11.60
C THR A 362 -50.59 3.82 -12.26
N GLY A 363 -50.89 3.66 -13.54
CA GLY A 363 -51.66 4.67 -14.24
C GLY A 363 -50.82 5.78 -14.89
N HIS A 364 -49.56 5.93 -14.50
CA HIS A 364 -48.76 6.98 -15.12
C HIS A 364 -47.51 6.47 -15.84
N ILE A 365 -47.39 5.16 -16.00
CA ILE A 365 -46.22 4.63 -16.69
C ILE A 365 -46.65 4.13 -18.06
N LYS A 366 -45.89 4.50 -19.09
CA LYS A 366 -46.24 4.05 -20.43
C LYS A 366 -45.28 2.97 -20.92
N VAL A 367 -45.82 1.94 -21.55
CA VAL A 367 -44.97 0.91 -22.11
C VAL A 367 -44.55 1.37 -23.49
N ILE A 368 -43.27 1.67 -23.67
CA ILE A 368 -42.79 2.14 -24.97
C ILE A 368 -42.67 0.96 -25.92
N THR A 369 -42.20 -0.17 -25.41
CA THR A 369 -42.12 -1.39 -26.19
C THR A 369 -41.98 -2.58 -25.24
N GLY A 370 -42.40 -3.75 -25.73
CA GLY A 370 -42.36 -4.99 -24.96
C GLY A 370 -43.49 -5.09 -23.95
N GLY A 371 -43.17 -5.52 -22.74
CA GLY A 371 -44.17 -5.62 -21.69
C GLY A 371 -45.06 -6.85 -21.75
N GLU A 372 -44.57 -7.93 -22.33
CA GLU A 372 -45.33 -9.18 -22.40
C GLU A 372 -44.39 -10.37 -22.51
N LYS A 373 -44.84 -11.52 -22.03
CA LYS A 373 -44.05 -12.73 -22.16
C LYS A 373 -44.18 -13.19 -23.61
N ARG A 374 -43.17 -13.89 -24.13
CA ARG A 374 -43.24 -14.34 -25.51
C ARG A 374 -44.04 -15.62 -25.62
N LYS A 375 -44.77 -15.75 -26.71
CA LYS A 375 -45.48 -16.98 -26.97
C LYS A 375 -44.44 -18.05 -27.27
N GLY A 376 -44.75 -19.27 -26.88
CA GLY A 376 -43.85 -20.37 -27.15
C GLY A 376 -43.25 -21.01 -25.92
N ASN A 377 -42.45 -22.04 -26.15
CA ASN A 377 -41.76 -22.74 -25.07
C ASN A 377 -40.55 -21.92 -24.58
N GLY A 378 -40.11 -22.19 -23.37
CA GLY A 378 -38.99 -21.47 -22.79
C GLY A 378 -39.52 -20.29 -21.98
N TYR A 379 -38.62 -19.60 -21.29
CA TYR A 379 -39.03 -18.53 -20.40
C TYR A 379 -38.65 -17.16 -20.95
N TYR A 380 -39.10 -16.89 -22.16
CA TYR A 380 -38.76 -15.62 -22.82
C TYR A 380 -39.70 -14.50 -22.45
N TYR A 381 -39.13 -13.32 -22.24
CA TYR A 381 -39.92 -12.12 -22.00
C TYR A 381 -39.43 -11.05 -22.97
N ALA A 382 -40.34 -10.28 -23.52
CA ALA A 382 -39.98 -9.28 -24.51
C ALA A 382 -39.11 -8.16 -23.91
N PRO A 383 -38.14 -7.68 -24.67
CA PRO A 383 -37.30 -6.56 -24.23
C PRO A 383 -38.22 -5.36 -24.01
N THR A 384 -38.18 -4.81 -22.81
CA THR A 384 -39.18 -3.82 -22.40
C THR A 384 -38.60 -2.45 -21.97
N LEU A 385 -39.26 -1.37 -22.38
CA LEU A 385 -38.88 -0.01 -21.99
C LEU A 385 -40.12 0.68 -21.40
N LEU A 386 -39.99 1.18 -20.17
CA LEU A 386 -41.12 1.84 -19.49
C LEU A 386 -40.75 3.28 -19.27
N ALA A 387 -41.67 4.19 -19.58
CA ALA A 387 -41.40 5.63 -19.45
C ALA A 387 -42.38 6.31 -18.50
N GLY A 388 -41.94 7.39 -17.86
CA GLY A 388 -42.80 8.14 -16.98
C GLY A 388 -42.79 7.64 -15.55
N ALA A 389 -41.80 6.82 -15.20
CA ALA A 389 -41.74 6.28 -13.86
C ALA A 389 -41.22 7.33 -12.89
N LEU A 390 -41.85 7.42 -11.73
CA LEU A 390 -41.48 8.43 -10.74
C LEU A 390 -40.58 7.84 -9.66
N GLN A 391 -39.81 8.70 -9.00
CA GLN A 391 -38.84 8.28 -7.99
C GLN A 391 -39.35 7.29 -6.96
N ASP A 392 -40.58 7.49 -6.51
CA ASP A 392 -41.14 6.65 -5.47
C ASP A 392 -41.89 5.39 -5.96
N ASP A 393 -41.96 5.19 -7.27
CA ASP A 393 -42.62 3.99 -7.80
C ASP A 393 -41.78 2.74 -7.54
N ALA A 394 -42.46 1.62 -7.34
CA ALA A 394 -41.82 0.32 -7.13
C ALA A 394 -40.83 -0.04 -8.25
N ILE A 395 -41.19 0.27 -9.49
CA ILE A 395 -40.33 -0.05 -10.63
C ILE A 395 -38.99 0.67 -10.52
N VAL A 396 -38.94 1.74 -9.75
CA VAL A 396 -37.71 2.48 -9.57
C VAL A 396 -37.01 2.06 -8.28
N GLN A 397 -37.78 1.69 -7.28
CA GLN A 397 -37.16 1.39 -5.98
C GLN A 397 -36.77 -0.06 -5.78
N LYS A 398 -37.34 -0.97 -6.57
CA LYS A 398 -37.07 -2.40 -6.39
C LYS A 398 -36.52 -3.10 -7.62
N GLU A 399 -35.46 -3.88 -7.42
CA GLU A 399 -34.83 -4.66 -8.50
C GLU A 399 -35.84 -5.60 -9.20
N VAL A 400 -35.84 -5.59 -10.54
CA VAL A 400 -36.66 -6.48 -11.34
C VAL A 400 -35.81 -7.66 -11.87
N PHE A 401 -34.58 -7.39 -12.29
CA PHE A 401 -33.67 -8.46 -12.73
C PHE A 401 -34.21 -9.16 -13.98
N GLY A 402 -34.70 -8.37 -14.92
CA GLY A 402 -35.24 -8.89 -16.17
C GLY A 402 -34.98 -7.89 -17.31
N PRO A 403 -35.45 -8.19 -18.51
CA PRO A 403 -35.16 -7.35 -19.68
C PRO A 403 -36.08 -6.14 -19.67
N VAL A 404 -35.94 -5.35 -18.60
CA VAL A 404 -36.83 -4.22 -18.35
C VAL A 404 -36.06 -2.98 -17.91
N VAL A 405 -36.25 -1.87 -18.60
CA VAL A 405 -35.60 -0.62 -18.25
C VAL A 405 -36.67 0.47 -18.05
N SER A 406 -36.51 1.30 -17.01
CA SER A 406 -37.45 2.39 -16.76
C SER A 406 -36.75 3.74 -16.92
N VAL A 407 -37.49 4.75 -17.34
CA VAL A 407 -36.94 6.10 -17.49
C VAL A 407 -37.73 7.10 -16.66
N THR A 408 -37.03 7.89 -15.84
CA THR A 408 -37.61 8.93 -15.00
C THR A 408 -37.03 10.30 -15.35
N PRO A 409 -37.87 11.31 -15.52
CA PRO A 409 -37.37 12.65 -15.85
C PRO A 409 -36.79 13.37 -14.63
N PHE A 410 -35.74 14.16 -14.79
CA PHE A 410 -35.25 14.96 -13.66
C PHE A 410 -34.95 16.39 -14.10
N ASP A 411 -34.94 17.32 -13.15
CA ASP A 411 -34.66 18.73 -13.43
C ASP A 411 -33.20 19.15 -13.32
N ASN A 412 -32.55 18.81 -12.21
CA ASN A 412 -31.20 19.31 -11.98
C ASN A 412 -30.28 18.34 -11.28
N GLU A 413 -28.99 18.66 -11.33
CA GLU A 413 -27.93 17.83 -10.76
C GLU A 413 -28.11 17.50 -9.26
N GLU A 414 -28.40 18.50 -8.44
CA GLU A 414 -28.56 18.26 -6.99
C GLU A 414 -29.73 17.31 -6.70
N GLN A 415 -30.83 17.57 -7.38
CA GLN A 415 -32.02 16.74 -7.26
C GLN A 415 -31.74 15.28 -7.64
N VAL A 416 -31.10 15.07 -8.78
CA VAL A 416 -30.94 13.71 -9.26
C VAL A 416 -29.93 12.89 -8.44
N VAL A 417 -28.86 13.55 -7.99
CA VAL A 417 -27.89 12.84 -7.14
C VAL A 417 -28.58 12.43 -5.85
N ASN A 418 -29.41 13.31 -5.28
CA ASN A 418 -30.13 12.94 -4.06
C ASN A 418 -31.13 11.82 -4.32
N TRP A 419 -31.81 11.84 -5.47
CA TRP A 419 -32.69 10.74 -5.84
C TRP A 419 -31.92 9.42 -5.93
N ALA A 420 -30.82 9.42 -6.68
CA ALA A 420 -30.02 8.23 -6.89
C ALA A 420 -29.54 7.70 -5.54
N ASN A 421 -29.11 8.58 -4.65
CA ASN A 421 -28.58 8.16 -3.36
C ASN A 421 -29.67 7.74 -2.37
N ASP A 422 -30.93 8.09 -2.66
CA ASP A 422 -32.07 7.68 -1.84
C ASP A 422 -32.57 6.32 -2.33
N SER A 423 -31.76 5.31 -2.08
CA SER A 423 -32.02 3.97 -2.57
C SER A 423 -31.48 3.00 -1.53
N GLN A 424 -32.02 1.79 -1.51
CA GLN A 424 -31.48 0.77 -0.61
C GLN A 424 -30.30 0.07 -1.31
N TYR A 425 -30.17 0.31 -2.62
CA TYR A 425 -29.09 -0.32 -3.39
C TYR A 425 -27.83 0.55 -3.45
N GLY A 426 -26.67 -0.07 -3.71
CA GLY A 426 -25.42 0.68 -3.75
C GLY A 426 -24.31 -0.02 -4.49
N LEU A 427 -24.63 -0.78 -5.53
CA LEU A 427 -23.62 -1.53 -6.24
C LEU A 427 -22.92 -0.79 -7.39
N ALA A 428 -23.69 -0.30 -8.35
CA ALA A 428 -23.09 0.30 -9.52
C ALA A 428 -24.00 1.41 -10.08
N SER A 429 -23.42 2.23 -10.97
CA SER A 429 -24.07 3.42 -11.45
C SER A 429 -23.30 4.01 -12.62
N SER A 430 -23.96 4.86 -13.42
CA SER A 430 -23.21 5.57 -14.44
C SER A 430 -23.76 6.97 -14.61
N VAL A 431 -22.91 7.88 -15.07
CA VAL A 431 -23.34 9.23 -15.37
C VAL A 431 -22.89 9.56 -16.79
N TRP A 432 -23.77 10.21 -17.53
CA TRP A 432 -23.48 10.50 -18.92
C TRP A 432 -23.57 12.01 -19.12
N THR A 433 -22.43 12.64 -19.40
CA THR A 433 -22.36 14.08 -19.61
C THR A 433 -21.03 14.39 -20.29
N LYS A 434 -20.97 15.46 -21.06
CA LYS A 434 -19.70 15.82 -21.70
C LYS A 434 -18.85 16.74 -20.84
N ASP A 435 -19.46 17.32 -19.82
CA ASP A 435 -18.79 18.28 -18.95
C ASP A 435 -17.87 17.64 -17.90
N VAL A 436 -16.59 18.01 -17.93
CA VAL A 436 -15.58 17.49 -17.01
C VAL A 436 -16.00 17.74 -15.57
N GLY A 437 -16.39 18.97 -15.28
CA GLY A 437 -16.75 19.36 -13.93
C GLY A 437 -17.88 18.50 -13.36
N ARG A 438 -18.97 18.44 -14.09
CA ARG A 438 -20.13 17.65 -13.66
C ARG A 438 -19.81 16.16 -13.50
N ALA A 439 -19.05 15.61 -14.44
CA ALA A 439 -18.73 14.19 -14.38
C ALA A 439 -18.03 13.86 -13.04
N HIS A 440 -17.08 14.68 -12.65
CA HIS A 440 -16.35 14.44 -11.41
C HIS A 440 -17.16 14.70 -10.14
N ARG A 441 -17.98 15.72 -10.20
CA ARG A 441 -18.82 16.14 -9.09
C ARG A 441 -19.77 15.01 -8.76
N VAL A 442 -20.48 14.53 -9.79
CA VAL A 442 -21.46 13.47 -9.60
C VAL A 442 -20.77 12.16 -9.19
N SER A 443 -19.67 11.80 -9.83
CA SER A 443 -18.95 10.59 -9.47
C SER A 443 -18.51 10.61 -8.03
N ALA A 444 -18.02 11.75 -7.59
CA ALA A 444 -17.59 11.86 -6.21
C ALA A 444 -18.73 11.63 -5.21
N ARG A 445 -19.94 12.04 -5.55
CA ARG A 445 -21.04 12.01 -4.60
C ARG A 445 -21.97 10.79 -4.61
N LEU A 446 -21.90 9.98 -5.66
CA LEU A 446 -22.75 8.81 -5.77
C LEU A 446 -22.35 7.75 -4.74
N GLN A 447 -23.34 7.23 -4.02
CA GLN A 447 -23.11 6.24 -2.98
C GLN A 447 -23.23 4.83 -3.57
N TYR A 448 -22.36 4.54 -4.53
CA TYR A 448 -22.37 3.26 -5.25
C TYR A 448 -20.92 2.75 -5.37
N GLY A 449 -20.73 1.44 -5.25
CA GLY A 449 -19.41 0.85 -5.30
C GLY A 449 -18.65 1.17 -6.58
N CYS A 450 -19.39 1.35 -7.67
CA CYS A 450 -18.75 1.66 -8.93
C CYS A 450 -19.54 2.77 -9.64
N THR A 451 -18.83 3.70 -10.29
CA THR A 451 -19.47 4.71 -11.15
C THR A 451 -18.73 4.79 -12.47
N TRP A 452 -19.41 4.48 -13.55
CA TRP A 452 -18.82 4.59 -14.90
C TRP A 452 -19.19 5.98 -15.44
N VAL A 453 -18.31 6.59 -16.23
CA VAL A 453 -18.62 7.89 -16.87
C VAL A 453 -18.65 7.72 -18.38
N ASN A 454 -19.78 8.01 -18.99
CA ASN A 454 -19.96 7.85 -20.41
C ASN A 454 -19.80 6.42 -20.91
N THR A 455 -20.09 5.47 -20.03
CA THR A 455 -20.18 4.07 -20.41
C THR A 455 -20.89 3.38 -19.23
N HIS A 456 -20.94 2.06 -19.27
CA HIS A 456 -21.56 1.29 -18.18
C HIS A 456 -21.06 -0.14 -18.37
N PHE A 457 -21.23 -0.95 -17.35
CA PHE A 457 -21.09 -2.38 -17.48
C PHE A 457 -19.69 -2.94 -17.65
N MET A 458 -18.65 -2.12 -17.67
CA MET A 458 -17.30 -2.63 -17.94
C MET A 458 -16.56 -3.02 -16.64
N LEU A 459 -16.13 -4.26 -16.55
CA LEU A 459 -15.39 -4.71 -15.38
C LEU A 459 -14.03 -5.22 -15.81
N VAL A 460 -13.01 -5.03 -14.96
CA VAL A 460 -11.69 -5.60 -15.23
C VAL A 460 -11.22 -6.28 -13.95
N SER A 461 -10.38 -7.30 -14.12
CA SER A 461 -9.94 -8.10 -12.98
C SER A 461 -9.26 -7.27 -11.92
N GLU A 462 -8.61 -6.19 -12.32
CA GLU A 462 -7.89 -5.46 -11.29
C GLU A 462 -8.64 -4.45 -10.43
N MET A 463 -9.86 -4.12 -10.82
CA MET A 463 -10.66 -3.10 -10.14
C MET A 463 -11.79 -3.79 -9.37
N PRO A 464 -12.02 -3.35 -8.13
CA PRO A 464 -13.01 -4.00 -7.25
C PRO A 464 -14.44 -3.75 -7.66
N HIS A 465 -15.29 -4.70 -7.33
CA HIS A 465 -16.70 -4.66 -7.64
C HIS A 465 -17.39 -5.08 -6.33
N GLY A 466 -18.25 -4.22 -5.81
CA GLY A 466 -18.94 -4.58 -4.57
C GLY A 466 -19.79 -3.43 -4.11
N GLY A 467 -20.72 -3.70 -3.24
CA GLY A 467 -21.71 -2.72 -2.89
C GLY A 467 -21.60 -2.04 -1.55
N GLN A 468 -22.67 -1.31 -1.28
CA GLN A 468 -22.84 -0.50 -0.08
C GLN A 468 -24.30 -0.71 0.29
N LYS A 469 -24.70 -0.37 1.51
CA LYS A 469 -26.10 -0.45 1.90
C LYS A 469 -26.64 -1.89 1.74
N LEU A 470 -27.87 -2.05 1.24
CA LEU A 470 -28.41 -3.39 1.16
C LEU A 470 -27.80 -4.23 0.02
N SER A 471 -26.94 -3.62 -0.79
CA SER A 471 -26.26 -4.39 -1.84
C SER A 471 -25.18 -5.28 -1.22
N GLY A 472 -24.87 -5.04 0.06
CA GLY A 472 -23.90 -5.85 0.77
C GLY A 472 -22.57 -5.17 1.07
N TYR A 473 -21.52 -5.98 1.17
CA TYR A 473 -20.18 -5.47 1.52
C TYR A 473 -19.18 -6.52 1.10
N GLY A 474 -17.92 -6.11 0.99
CA GLY A 474 -16.85 -6.98 0.52
C GLY A 474 -16.71 -6.76 -1.00
N LYS A 475 -15.54 -7.07 -1.55
CA LYS A 475 -15.30 -6.86 -2.96
C LYS A 475 -15.00 -8.14 -3.68
N ASP A 476 -15.39 -8.19 -4.95
CA ASP A 476 -14.98 -9.24 -5.86
C ASP A 476 -13.95 -8.61 -6.77
N MET A 477 -12.99 -9.40 -7.24
CA MET A 477 -11.90 -8.92 -8.07
C MET A 477 -11.02 -7.91 -7.32
N SER A 478 -9.88 -7.56 -7.92
CA SER A 478 -8.87 -6.68 -7.34
C SER A 478 -8.14 -7.26 -6.12
N LEU A 479 -7.05 -6.60 -5.74
CA LEU A 479 -6.34 -6.97 -4.52
C LEU A 479 -7.24 -6.89 -3.29
N TYR A 480 -8.25 -6.02 -3.29
CA TYR A 480 -9.15 -5.93 -2.15
C TYR A 480 -9.96 -7.22 -2.01
N GLY A 481 -10.24 -7.85 -3.14
CA GLY A 481 -10.99 -9.10 -3.14
C GLY A 481 -10.16 -10.18 -2.50
N LEU A 482 -8.85 -10.09 -2.67
CA LEU A 482 -7.98 -11.09 -2.08
C LEU A 482 -7.89 -10.83 -0.59
N GLU A 483 -7.70 -9.56 -0.22
CA GLU A 483 -7.58 -9.20 1.18
C GLU A 483 -8.78 -9.64 2.04
N ASP A 484 -9.97 -9.60 1.45
CA ASP A 484 -11.19 -10.03 2.17
C ASP A 484 -11.12 -11.47 2.69
N TYR A 485 -10.22 -12.28 2.17
CA TYR A 485 -10.15 -13.67 2.60
C TYR A 485 -8.95 -13.96 3.48
N THR A 486 -8.40 -12.92 4.09
CA THR A 486 -7.30 -13.11 5.02
C THR A 486 -7.62 -12.41 6.34
N VAL A 487 -6.87 -12.74 7.37
CA VAL A 487 -6.94 -11.95 8.58
C VAL A 487 -5.56 -11.29 8.80
N VAL A 488 -5.55 -9.99 9.09
CA VAL A 488 -4.34 -9.25 9.37
C VAL A 488 -3.90 -9.63 10.80
N ARG A 489 -2.62 -9.94 10.97
CA ARG A 489 -2.08 -10.29 12.29
C ARG A 489 -0.85 -9.43 12.62
N HIS A 490 -0.73 -9.06 13.88
CA HIS A 490 0.39 -8.29 14.37
C HIS A 490 1.26 -9.22 15.19
N VAL A 491 2.52 -9.39 14.81
CA VAL A 491 3.46 -10.14 15.65
C VAL A 491 4.49 -9.14 16.19
N MET A 492 4.70 -9.16 17.50
CA MET A 492 5.58 -8.20 18.14
C MET A 492 6.60 -8.92 19.02
N VAL A 493 7.88 -8.76 18.69
CA VAL A 493 8.96 -9.44 19.41
C VAL A 493 9.71 -8.48 20.33
N LYS A 494 9.77 -8.82 21.61
CA LYS A 494 10.49 -7.99 22.55
C LYS A 494 11.96 -8.29 22.36
N HIS A 495 12.79 -7.28 22.29
CA HIS A 495 14.15 -7.64 22.08
C HIS A 495 15.06 -6.80 22.87
N MET B 22 17.20 40.20 11.99
CA MET B 22 18.17 39.91 13.01
C MET B 22 18.97 38.62 13.16
N GLN B 23 18.37 37.43 13.16
CA GLN B 23 19.15 36.24 13.48
C GLN B 23 20.17 35.91 12.40
N HIS B 24 21.42 35.65 12.79
CA HIS B 24 22.47 35.41 11.80
C HIS B 24 23.41 34.27 12.18
N LYS B 25 23.03 33.48 13.16
CA LYS B 25 23.90 32.40 13.63
C LYS B 25 23.58 31.05 13.02
N LEU B 26 24.58 30.20 12.86
CA LEU B 26 24.36 28.86 12.36
C LEU B 26 23.94 27.96 13.51
N LEU B 27 23.23 26.88 13.19
CA LEU B 27 22.85 25.91 14.19
C LEU B 27 23.75 24.69 13.96
N ILE B 28 24.61 24.39 14.91
CA ILE B 28 25.51 23.24 14.77
C ILE B 28 25.52 22.47 16.08
N ASN B 29 25.10 21.21 16.04
CA ASN B 29 25.08 20.37 17.22
C ASN B 29 24.39 21.00 18.43
N GLY B 30 23.20 21.54 18.23
CA GLY B 30 22.44 22.09 19.33
C GLY B 30 22.89 23.46 19.83
N GLU B 31 23.84 24.09 19.15
CA GLU B 31 24.30 25.40 19.57
C GLU B 31 24.20 26.41 18.43
N LEU B 32 23.95 27.67 18.77
CA LEU B 32 23.91 28.72 17.78
C LEU B 32 25.28 29.37 17.77
N VAL B 33 25.95 29.36 16.62
CA VAL B 33 27.30 29.90 16.55
C VAL B 33 27.49 30.75 15.32
N SER B 34 28.34 31.77 15.44
CA SER B 34 28.65 32.63 14.31
C SER B 34 29.43 31.86 13.27
N GLY B 35 29.22 32.19 12.00
CA GLY B 35 30.02 31.61 10.93
C GLY B 35 31.47 32.08 11.10
N GLU B 36 32.42 31.25 10.66
CA GLU B 36 33.84 31.58 10.80
C GLU B 36 34.48 31.92 9.46
N GLY B 37 33.67 31.90 8.40
CA GLY B 37 34.13 32.20 7.05
C GLY B 37 33.95 33.66 6.67
N GLU B 38 34.05 33.95 5.37
CA GLU B 38 33.98 35.34 4.91
C GLU B 38 32.56 35.89 4.98
N LYS B 39 32.46 37.19 5.26
CA LYS B 39 31.17 37.85 5.34
C LYS B 39 30.56 38.00 3.96
N GLN B 40 29.25 37.83 3.90
CA GLN B 40 28.54 37.87 2.64
C GLN B 40 27.31 38.77 2.78
N PRO B 41 27.06 39.63 1.79
CA PRO B 41 25.90 40.53 1.85
C PRO B 41 24.59 39.87 1.45
N VAL B 42 23.53 40.27 2.14
CA VAL B 42 22.18 39.82 1.84
C VAL B 42 21.38 41.05 1.47
N TYR B 43 20.73 41.01 0.30
CA TYR B 43 20.03 42.16 -0.24
C TYR B 43 18.50 42.12 -0.12
N ASN B 44 17.90 43.32 -0.07
CA ASN B 44 16.46 43.49 -0.13
C ASN B 44 16.19 43.84 -1.61
N PRO B 45 15.64 42.87 -2.33
CA PRO B 45 15.42 42.99 -3.78
C PRO B 45 14.47 44.08 -4.18
N ALA B 46 13.68 44.57 -3.23
CA ALA B 46 12.73 45.63 -3.54
C ALA B 46 13.41 47.01 -3.58
N THR B 47 14.54 47.15 -2.89
CA THR B 47 15.24 48.42 -2.84
C THR B 47 16.66 48.34 -3.40
N GLY B 48 17.20 47.14 -3.46
CA GLY B 48 18.57 46.98 -3.91
C GLY B 48 19.56 47.33 -2.81
N ASP B 49 19.08 47.50 -1.58
CA ASP B 49 19.96 47.82 -0.47
C ASP B 49 20.35 46.56 0.31
N VAL B 50 21.51 46.61 0.97
CA VAL B 50 21.98 45.50 1.78
C VAL B 50 21.20 45.45 3.10
N LEU B 51 20.68 44.27 3.44
CA LEU B 51 19.99 44.09 4.72
C LEU B 51 21.03 43.82 5.78
N LEU B 52 22.02 43.01 5.44
CA LEU B 52 23.17 42.80 6.32
C LEU B 52 24.22 41.87 5.73
N GLU B 53 25.37 41.81 6.42
CA GLU B 53 26.47 40.95 6.04
C GLU B 53 26.49 39.83 7.05
N ILE B 54 26.54 38.58 6.58
CA ILE B 54 26.56 37.42 7.48
C ILE B 54 27.80 36.58 7.20
N ALA B 55 28.53 36.22 8.25
CA ALA B 55 29.70 35.35 8.09
C ALA B 55 29.26 33.96 7.68
N GLU B 56 29.84 33.39 6.62
CA GLU B 56 29.43 32.06 6.22
C GLU B 56 30.18 31.01 7.05
N ALA B 57 29.76 29.76 6.94
CA ALA B 57 30.38 28.66 7.66
C ALA B 57 31.79 28.47 7.11
N SER B 58 32.74 28.16 7.99
CA SER B 58 34.09 27.85 7.55
C SER B 58 34.06 26.38 7.14
N ALA B 59 35.13 25.92 6.49
CA ALA B 59 35.23 24.52 6.11
C ALA B 59 35.18 23.63 7.34
N GLU B 60 35.83 24.05 8.42
CA GLU B 60 35.82 23.29 9.66
C GLU B 60 34.40 23.19 10.23
N GLN B 61 33.61 24.26 10.09
CA GLN B 61 32.22 24.25 10.58
C GLN B 61 31.35 23.32 9.74
N VAL B 62 31.60 23.27 8.45
CA VAL B 62 30.83 22.34 7.62
C VAL B 62 31.13 20.91 8.09
N ASP B 63 32.41 20.60 8.27
CA ASP B 63 32.81 19.28 8.70
C ASP B 63 32.24 18.96 10.11
N ALA B 64 32.27 19.94 11.03
CA ALA B 64 31.70 19.72 12.37
C ALA B 64 30.18 19.47 12.31
N ALA B 65 29.47 20.14 11.39
CA ALA B 65 28.04 19.93 11.25
C ALA B 65 27.73 18.49 10.83
N VAL B 66 28.43 18.01 9.82
CA VAL B 66 28.21 16.67 9.34
C VAL B 66 28.59 15.63 10.42
N ARG B 67 29.70 15.86 11.12
CA ARG B 67 30.10 14.92 12.17
C ARG B 67 29.07 14.91 13.30
N ALA B 68 28.54 16.09 13.64
CA ALA B 68 27.49 16.16 14.66
C ALA B 68 26.24 15.37 14.22
N ALA B 69 25.84 15.53 12.96
CA ALA B 69 24.68 14.83 12.46
C ALA B 69 24.91 13.31 12.48
N ASP B 70 26.12 12.92 12.10
CA ASP B 70 26.48 11.51 12.04
C ASP B 70 26.45 10.90 13.45
N ALA B 71 26.95 11.61 14.45
CA ALA B 71 26.95 11.07 15.81
C ALA B 71 25.53 11.05 16.40
N ALA B 72 24.70 12.02 16.04
CA ALA B 72 23.32 12.05 16.53
C ALA B 72 22.47 10.93 15.94
N PHE B 73 22.85 10.48 14.75
CA PHE B 73 22.08 9.46 14.05
C PHE B 73 21.99 8.14 14.82
N ALA B 74 23.04 7.82 15.57
CA ALA B 74 23.06 6.59 16.38
C ALA B 74 21.79 6.42 17.17
N GLU B 75 21.40 7.48 17.89
CA GLU B 75 20.17 7.45 18.70
C GLU B 75 18.92 7.87 17.90
N TRP B 76 19.04 8.93 17.09
CA TRP B 76 17.89 9.42 16.35
C TRP B 76 17.32 8.38 15.40
N GLY B 77 18.21 7.68 14.70
CA GLY B 77 17.84 6.69 13.72
C GLY B 77 17.08 5.53 14.33
N GLN B 78 17.14 5.40 15.67
CA GLN B 78 16.45 4.32 16.37
C GLN B 78 15.21 4.77 17.12
N THR B 79 14.84 6.05 17.05
CA THR B 79 13.63 6.51 17.72
C THR B 79 12.39 5.87 17.08
N THR B 80 11.26 5.93 17.80
CA THR B 80 10.02 5.40 17.23
C THR B 80 9.43 6.53 16.37
N PRO B 81 8.57 6.17 15.43
CA PRO B 81 7.82 7.14 14.65
C PRO B 81 6.98 8.08 15.52
N LYS B 82 6.37 7.53 16.56
CA LYS B 82 5.60 8.36 17.48
C LYS B 82 6.48 9.49 18.05
N VAL B 83 7.68 9.18 18.53
CA VAL B 83 8.59 10.23 19.06
C VAL B 83 8.95 11.29 18.01
N ARG B 84 9.25 10.85 16.78
CA ARG B 84 9.62 11.78 15.73
C ARG B 84 8.42 12.64 15.35
N ALA B 85 7.25 12.01 15.25
CA ALA B 85 6.01 12.73 14.94
C ALA B 85 5.76 13.85 15.95
N GLU B 86 6.00 13.57 17.22
CA GLU B 86 5.81 14.57 18.26
C GLU B 86 6.78 15.75 18.08
N CYS B 87 8.04 15.47 17.75
CA CYS B 87 8.96 16.59 17.46
C CYS B 87 8.45 17.42 16.27
N LEU B 88 7.97 16.76 15.22
CA LEU B 88 7.49 17.51 14.05
C LEU B 88 6.28 18.38 14.37
N LEU B 89 5.39 17.86 15.21
CA LEU B 89 4.21 18.63 15.60
C LEU B 89 4.64 19.83 16.40
N LYS B 90 5.62 19.67 17.30
CA LYS B 90 6.06 20.85 18.04
C LYS B 90 6.69 21.90 17.12
N LEU B 91 7.45 21.47 16.11
CA LEU B 91 8.06 22.41 15.18
C LEU B 91 6.96 23.13 14.38
N ALA B 92 5.96 22.39 13.93
CA ALA B 92 4.83 23.04 13.26
C ALA B 92 4.21 24.12 14.15
N ASP B 93 4.04 23.82 15.43
CA ASP B 93 3.42 24.76 16.37
C ASP B 93 4.28 26.02 16.50
N VAL B 94 5.59 25.85 16.55
CA VAL B 94 6.52 26.98 16.73
C VAL B 94 6.49 27.89 15.49
N ILE B 95 6.51 27.28 14.30
CA ILE B 95 6.41 28.04 13.07
C ILE B 95 5.09 28.81 13.03
N GLU B 96 4.00 28.13 13.36
CA GLU B 96 2.69 28.76 13.33
C GLU B 96 2.61 29.95 14.27
N GLU B 97 3.11 29.78 15.47
CA GLU B 97 3.08 30.86 16.45
C GLU B 97 3.87 32.06 15.94
N ASN B 98 4.97 31.79 15.24
CA ASN B 98 5.86 32.84 14.73
C ASN B 98 5.56 33.21 13.27
N GLY B 99 4.34 32.92 12.83
CA GLY B 99 3.98 33.15 11.44
C GLY B 99 4.25 34.53 10.86
N GLN B 100 3.86 35.57 11.58
CA GLN B 100 4.08 36.94 11.10
C GLN B 100 5.54 37.29 10.95
N VAL B 101 6.35 36.86 11.90
CA VAL B 101 7.76 37.16 11.87
C VAL B 101 8.36 36.50 10.64
N PHE B 102 8.03 35.22 10.46
CA PHE B 102 8.54 34.50 9.31
C PHE B 102 8.10 35.15 8.01
N ALA B 103 6.83 35.52 7.91
CA ALA B 103 6.34 36.21 6.72
C ALA B 103 7.07 37.52 6.43
N GLU B 104 7.33 38.30 7.47
CA GLU B 104 8.02 39.58 7.30
C GLU B 104 9.47 39.37 6.83
N LEU B 105 10.17 38.41 7.41
CA LEU B 105 11.53 38.14 6.97
C LEU B 105 11.57 37.73 5.51
N GLU B 106 10.66 36.83 5.12
CA GLU B 106 10.66 36.32 3.76
C GLU B 106 10.34 37.45 2.81
N SER B 107 9.40 38.31 3.19
CA SER B 107 9.02 39.45 2.36
C SER B 107 10.18 40.43 2.18
N ARG B 108 10.93 40.68 3.25
CA ARG B 108 12.06 41.61 3.18
C ARG B 108 13.22 41.03 2.37
N ASN B 109 13.46 39.73 2.55
CA ASN B 109 14.54 39.07 1.85
C ASN B 109 14.23 38.74 0.39
N CYS B 110 12.98 38.42 0.09
CA CYS B 110 12.64 38.00 -1.27
C CYS B 110 11.81 38.99 -2.08
N GLY B 111 11.27 40.01 -1.43
CA GLY B 111 10.43 40.99 -2.13
C GLY B 111 9.01 40.47 -2.36
N LYS B 112 8.64 39.34 -1.75
CA LYS B 112 7.25 38.89 -1.96
C LYS B 112 6.27 39.78 -1.22
N PRO B 113 5.15 40.05 -1.87
CA PRO B 113 4.08 40.82 -1.23
C PRO B 113 3.80 40.17 0.11
N LEU B 114 3.85 40.98 1.17
CA LEU B 114 3.71 40.48 2.52
C LEU B 114 2.42 39.68 2.71
N HIS B 115 1.33 40.19 2.16
CA HIS B 115 0.05 39.52 2.34
C HIS B 115 0.05 38.12 1.73
N SER B 116 0.78 37.92 0.63
CA SER B 116 0.87 36.59 0.01
C SER B 116 1.73 35.68 0.85
N ALA B 117 2.87 36.17 1.29
CA ALA B 117 3.74 35.35 2.12
C ALA B 117 2.99 34.89 3.37
N PHE B 118 2.25 35.81 4.00
CA PHE B 118 1.54 35.47 5.22
C PHE B 118 0.30 34.61 5.01
N ASN B 119 -0.53 34.96 4.04
CA ASN B 119 -1.78 34.22 3.86
C ASN B 119 -1.64 32.93 3.08
N ASP B 120 -0.65 32.86 2.18
CA ASP B 120 -0.46 31.67 1.37
C ASP B 120 0.62 30.77 1.89
N GLU B 121 1.84 31.29 2.00
CA GLU B 121 2.99 30.46 2.36
C GLU B 121 2.99 29.88 3.79
N ILE B 122 2.77 30.73 4.79
CA ILE B 122 2.88 30.27 6.17
C ILE B 122 2.00 29.06 6.51
N PRO B 123 0.71 29.12 6.22
CA PRO B 123 -0.20 28.00 6.51
C PRO B 123 0.23 26.76 5.74
N ALA B 124 0.73 26.92 4.52
CA ALA B 124 1.18 25.74 3.79
C ALA B 124 2.43 25.11 4.44
N ILE B 125 3.36 25.94 4.91
CA ILE B 125 4.57 25.46 5.57
C ILE B 125 4.22 24.71 6.86
N VAL B 126 3.33 25.28 7.67
CA VAL B 126 2.94 24.67 8.92
C VAL B 126 2.32 23.30 8.61
N ASP B 127 1.46 23.27 7.59
CA ASP B 127 0.82 22.01 7.21
C ASP B 127 1.77 20.91 6.71
N VAL B 128 2.87 21.28 6.07
CA VAL B 128 3.84 20.29 5.61
C VAL B 128 4.37 19.53 6.82
N PHE B 129 4.71 20.25 7.88
CA PHE B 129 5.22 19.60 9.08
C PHE B 129 4.15 18.76 9.75
N ARG B 130 2.92 19.26 9.81
CA ARG B 130 1.83 18.48 10.43
C ARG B 130 1.51 17.22 9.61
N PHE B 131 1.49 17.37 8.28
CA PHE B 131 1.26 16.20 7.41
C PHE B 131 2.31 15.10 7.62
N PHE B 132 3.59 15.50 7.60
CA PHE B 132 4.64 14.52 7.75
C PHE B 132 4.71 13.96 9.14
N ALA B 133 4.25 14.71 10.14
CA ALA B 133 4.21 14.15 11.49
C ALA B 133 3.28 12.93 11.44
N GLY B 134 2.14 13.09 10.78
CA GLY B 134 1.19 11.99 10.63
C GLY B 134 1.71 10.85 9.76
N ALA B 135 2.30 11.20 8.63
CA ALA B 135 2.82 10.20 7.66
C ALA B 135 3.96 9.36 8.21
N ALA B 136 4.72 9.92 9.15
CA ALA B 136 5.82 9.17 9.74
C ALA B 136 5.36 7.86 10.38
N ARG B 137 4.09 7.82 10.77
CA ARG B 137 3.53 6.66 11.47
C ARG B 137 2.69 5.76 10.57
N CYS B 138 2.67 6.04 9.26
CA CYS B 138 1.79 5.30 8.36
C CYS B 138 2.53 4.66 7.18
N LEU B 139 3.77 4.22 7.37
CA LEU B 139 4.50 3.67 6.23
C LEU B 139 4.06 2.26 5.85
N ASN B 140 3.88 2.05 4.55
CA ASN B 140 3.48 0.77 4.02
C ASN B 140 4.65 -0.17 3.78
N GLY B 141 4.34 -1.44 3.56
CA GLY B 141 5.36 -2.44 3.24
C GLY B 141 4.65 -3.66 2.64
N LEU B 142 5.36 -4.75 2.50
CA LEU B 142 4.76 -5.97 2.00
C LEU B 142 4.37 -6.81 3.22
N ALA B 143 3.35 -7.64 3.09
CA ALA B 143 2.96 -8.50 4.19
C ALA B 143 4.10 -9.41 4.63
N ALA B 144 4.29 -9.56 5.91
CA ALA B 144 5.31 -10.50 6.37
C ALA B 144 4.71 -11.91 6.30
N GLY B 145 5.52 -12.91 6.03
CA GLY B 145 5.02 -14.29 5.92
C GLY B 145 6.08 -15.23 5.37
N GLU B 146 5.67 -16.45 5.04
CA GLU B 146 6.58 -17.45 4.56
C GLU B 146 6.51 -17.52 3.02
N TYR B 147 7.43 -16.85 2.33
CA TYR B 147 7.47 -16.85 0.88
C TYR B 147 8.33 -17.98 0.38
N LEU B 148 9.19 -18.46 1.26
CA LEU B 148 10.00 -19.63 1.02
C LEU B 148 9.66 -20.55 2.19
N GLU B 149 9.36 -21.82 1.95
CA GLU B 149 8.94 -22.71 3.01
C GLU B 149 9.91 -22.69 4.18
N GLY B 150 9.41 -22.56 5.39
CA GLY B 150 10.29 -22.62 6.55
C GLY B 150 11.10 -21.34 6.83
N HIS B 151 10.77 -20.23 6.18
CA HIS B 151 11.48 -18.98 6.44
C HIS B 151 10.46 -17.84 6.52
N THR B 152 10.50 -17.06 7.58
CA THR B 152 9.61 -15.91 7.70
C THR B 152 10.34 -14.66 7.20
N SER B 153 9.72 -13.95 6.25
CA SER B 153 10.28 -12.71 5.72
C SER B 153 9.47 -11.52 6.20
N MET B 154 10.14 -10.39 6.39
CA MET B 154 9.48 -9.14 6.72
C MET B 154 10.19 -7.98 6.01
N ILE B 155 9.46 -6.89 5.76
CA ILE B 155 10.02 -5.71 5.10
C ILE B 155 10.00 -4.53 6.08
N ARG B 156 11.16 -3.86 6.25
CA ARG B 156 11.29 -2.65 7.07
C ARG B 156 11.63 -1.45 6.19
N ARG B 157 11.39 -0.24 6.70
CA ARG B 157 11.84 0.99 6.03
C ARG B 157 12.69 1.74 7.02
N ASP B 158 14.00 1.70 6.84
CA ASP B 158 14.93 2.32 7.77
C ASP B 158 15.50 3.62 7.19
N PRO B 159 16.01 4.51 8.04
CA PRO B 159 16.60 5.76 7.56
C PRO B 159 17.99 5.47 6.97
N LEU B 160 18.48 6.43 6.20
CA LEU B 160 19.77 6.33 5.54
C LEU B 160 20.92 6.79 6.41
N GLY B 161 20.73 7.91 7.13
CA GLY B 161 21.79 8.48 7.91
C GLY B 161 21.77 9.98 7.82
N VAL B 162 22.87 10.56 7.37
CA VAL B 162 22.97 12.01 7.25
C VAL B 162 22.52 12.48 5.86
N VAL B 163 21.57 13.41 5.85
CA VAL B 163 21.02 13.99 4.62
C VAL B 163 21.49 15.43 4.48
N ALA B 164 22.07 15.78 3.31
CA ALA B 164 22.46 17.17 3.02
C ALA B 164 21.33 17.78 2.18
N SER B 165 20.80 18.92 2.61
CA SER B 165 19.70 19.54 1.87
C SER B 165 20.14 20.90 1.40
N ILE B 166 19.91 21.20 0.14
CA ILE B 166 20.26 22.49 -0.44
C ILE B 166 18.98 23.18 -0.90
N ALA B 167 18.60 24.29 -0.27
CA ALA B 167 17.34 24.97 -0.62
C ALA B 167 17.58 26.13 -1.61
N PRO B 168 16.63 26.40 -2.48
CA PRO B 168 16.75 27.48 -3.47
C PRO B 168 16.30 28.82 -2.90
N TRP B 169 16.43 29.88 -3.69
CA TRP B 169 16.08 31.21 -3.22
C TRP B 169 14.63 31.64 -3.47
N ASN B 170 13.89 30.90 -4.28
CA ASN B 170 12.54 31.38 -4.62
C ASN B 170 11.48 31.26 -3.50
N TYR B 171 11.52 30.16 -2.74
CA TYR B 171 10.63 29.93 -1.60
C TYR B 171 11.51 29.35 -0.48
N PRO B 172 12.33 30.19 0.13
CA PRO B 172 13.35 29.72 1.07
C PRO B 172 12.78 28.86 2.20
N LEU B 173 11.81 29.38 2.93
CA LEU B 173 11.27 28.65 4.07
C LEU B 173 10.48 27.42 3.66
N MET B 174 9.62 27.57 2.66
CA MET B 174 8.83 26.45 2.19
C MET B 174 9.71 25.28 1.72
N MET B 175 10.72 25.60 0.90
CA MET B 175 11.65 24.60 0.40
C MET B 175 12.47 23.98 1.54
N ALA B 176 12.83 24.80 2.52
CA ALA B 176 13.48 24.29 3.69
C ALA B 176 12.55 23.24 4.34
N ALA B 177 11.26 23.58 4.46
CA ALA B 177 10.31 22.66 5.09
C ALA B 177 10.18 21.35 4.28
N TRP B 178 10.08 21.47 2.95
CA TRP B 178 9.94 20.27 2.11
C TRP B 178 11.12 19.34 2.24
N LYS B 179 12.27 19.89 2.58
CA LYS B 179 13.45 19.05 2.72
C LYS B 179 13.59 18.51 4.13
N LEU B 180 13.31 19.36 5.13
CA LEU B 180 13.47 18.96 6.52
C LEU B 180 12.41 17.93 6.97
N ALA B 181 11.16 18.22 6.70
CA ALA B 181 10.07 17.41 7.23
C ALA B 181 10.14 15.92 6.93
N PRO B 182 10.21 15.54 5.66
CA PRO B 182 10.28 14.10 5.32
C PRO B 182 11.58 13.46 5.82
N ALA B 183 12.72 14.15 5.71
CA ALA B 183 13.98 13.54 6.12
C ALA B 183 13.97 13.22 7.62
N LEU B 184 13.49 14.17 8.41
CA LEU B 184 13.37 13.98 9.83
C LEU B 184 12.33 12.93 10.16
N ALA B 185 11.21 12.97 9.46
CA ALA B 185 10.13 12.03 9.74
C ALA B 185 10.61 10.60 9.53
N ALA B 186 11.49 10.42 8.56
CA ALA B 186 12.05 9.12 8.21
C ALA B 186 13.11 8.65 9.20
N GLY B 187 13.58 9.55 10.05
CA GLY B 187 14.58 9.13 11.01
C GLY B 187 16.01 9.48 10.62
N ASN B 188 16.19 10.36 9.64
CA ASN B 188 17.54 10.84 9.29
C ASN B 188 17.93 12.10 10.07
N CYS B 189 19.23 12.40 10.11
CA CYS B 189 19.70 13.68 10.65
C CYS B 189 20.03 14.56 9.42
N VAL B 190 19.86 15.86 9.57
CA VAL B 190 19.96 16.74 8.42
C VAL B 190 20.92 17.87 8.61
N VAL B 191 21.60 18.23 7.53
CA VAL B 191 22.42 19.41 7.50
C VAL B 191 21.86 20.23 6.35
N LEU B 192 21.26 21.37 6.66
CA LEU B 192 20.60 22.21 5.66
C LEU B 192 21.37 23.47 5.29
N LYS B 193 21.45 23.74 3.99
CA LYS B 193 22.10 24.95 3.52
C LYS B 193 21.09 25.72 2.69
N PRO B 194 20.73 26.91 3.12
CA PRO B 194 19.83 27.75 2.34
C PRO B 194 20.64 28.42 1.24
N SER B 195 19.97 29.03 0.30
CA SER B 195 20.66 29.77 -0.74
C SER B 195 21.39 30.96 -0.08
N GLU B 196 22.54 31.32 -0.66
CA GLU B 196 23.34 32.41 -0.15
C GLU B 196 22.57 33.73 -0.27
N ILE B 197 21.64 33.80 -1.21
CA ILE B 197 20.89 35.04 -1.37
C ILE B 197 19.69 35.17 -0.41
N THR B 198 19.16 34.07 0.13
CA THR B 198 17.99 34.15 0.99
C THR B 198 18.07 33.32 2.26
N PRO B 199 19.00 33.63 3.16
CA PRO B 199 19.16 32.83 4.38
C PRO B 199 18.34 33.28 5.57
N LEU B 200 17.65 34.42 5.51
CA LEU B 200 17.03 34.98 6.73
C LEU B 200 16.03 34.06 7.43
N THR B 201 15.09 33.49 6.69
CA THR B 201 14.12 32.64 7.36
C THR B 201 14.74 31.39 7.93
N ALA B 202 15.74 30.84 7.24
CA ALA B 202 16.37 29.61 7.73
C ALA B 202 17.14 29.84 9.02
N LEU B 203 17.74 31.01 9.16
CA LEU B 203 18.50 31.33 10.36
C LEU B 203 17.55 31.66 11.52
N LYS B 204 16.40 32.27 11.23
CA LYS B 204 15.40 32.45 12.28
C LYS B 204 14.89 31.08 12.73
N LEU B 205 14.71 30.18 11.77
CA LEU B 205 14.27 28.83 12.06
C LEU B 205 15.31 28.14 12.93
N ALA B 206 16.58 28.35 12.63
CA ALA B 206 17.65 27.77 13.41
C ALA B 206 17.50 28.17 14.88
N GLU B 207 17.23 29.46 15.11
CA GLU B 207 17.05 29.94 16.48
C GLU B 207 15.87 29.25 17.15
N LEU B 208 14.73 29.25 16.45
CA LEU B 208 13.50 28.71 17.04
C LEU B 208 13.52 27.22 17.26
N ALA B 209 14.25 26.50 16.42
CA ALA B 209 14.22 25.05 16.43
C ALA B 209 15.34 24.40 17.23
N LYS B 210 16.27 25.21 17.71
CA LYS B 210 17.43 24.74 18.45
C LYS B 210 17.15 23.62 19.46
N ASP B 211 16.11 23.76 20.27
CA ASP B 211 15.87 22.80 21.36
C ASP B 211 14.72 21.79 21.13
N ILE B 212 14.22 21.71 19.89
CA ILE B 212 13.13 20.80 19.62
C ILE B 212 13.61 19.37 19.32
N PHE B 213 14.70 19.26 18.60
CA PHE B 213 15.28 17.95 18.31
C PHE B 213 16.56 17.78 19.08
N PRO B 214 16.96 16.55 19.36
CA PRO B 214 18.26 16.34 20.03
C PRO B 214 19.40 17.02 19.27
N ALA B 215 20.46 17.39 19.98
CA ALA B 215 21.62 18.07 19.38
C ALA B 215 22.20 17.31 18.19
N GLY B 216 22.34 18.02 17.06
CA GLY B 216 22.95 17.43 15.89
C GLY B 216 21.95 16.79 14.96
N VAL B 217 20.70 16.64 15.38
CA VAL B 217 19.72 16.05 14.50
C VAL B 217 19.37 17.01 13.34
N VAL B 218 19.35 18.31 13.64
CA VAL B 218 19.13 19.30 12.61
C VAL B 218 20.24 20.32 12.71
N ASN B 219 20.90 20.59 11.59
CA ASN B 219 21.95 21.57 11.56
C ASN B 219 21.67 22.51 10.40
N ILE B 220 21.93 23.81 10.60
CA ILE B 220 21.66 24.79 9.54
C ILE B 220 22.89 25.65 9.32
N LEU B 221 23.38 25.67 8.09
CA LEU B 221 24.60 26.40 7.73
C LEU B 221 24.26 27.56 6.82
N PHE B 222 25.25 28.35 6.41
CA PHE B 222 25.01 29.43 5.48
C PHE B 222 26.26 29.61 4.64
N GLY B 223 26.07 29.92 3.37
CA GLY B 223 27.21 30.21 2.50
C GLY B 223 26.97 29.90 1.03
N ARG B 224 27.99 30.17 0.23
CA ARG B 224 27.94 29.95 -1.21
C ARG B 224 28.06 28.49 -1.60
N GLY B 225 27.65 28.19 -2.83
CA GLY B 225 27.72 26.85 -3.38
C GLY B 225 29.12 26.26 -3.33
N LYS B 226 30.11 27.02 -3.79
CA LYS B 226 31.47 26.51 -3.86
C LYS B 226 32.13 26.40 -2.50
N THR B 227 31.86 27.32 -1.59
CA THR B 227 32.61 27.33 -0.32
C THR B 227 31.97 26.50 0.77
N VAL B 228 30.67 26.31 0.68
CA VAL B 228 29.93 25.63 1.73
C VAL B 228 29.16 24.45 1.22
N GLY B 229 28.46 24.63 0.11
CA GLY B 229 27.65 23.58 -0.50
C GLY B 229 28.45 22.38 -1.00
N ASP B 230 29.57 22.64 -1.69
CA ASP B 230 30.41 21.57 -2.21
C ASP B 230 31.07 20.69 -1.12
N PRO B 231 31.70 21.29 -0.11
CA PRO B 231 32.27 20.50 0.99
C PRO B 231 31.16 19.72 1.73
N LEU B 232 29.95 20.26 1.75
CA LEU B 232 28.84 19.58 2.40
C LEU B 232 28.32 18.38 1.60
N THR B 233 27.99 18.59 0.33
CA THR B 233 27.48 17.50 -0.48
C THR B 233 28.53 16.45 -0.78
N GLY B 234 29.81 16.82 -0.72
CA GLY B 234 30.89 15.87 -0.96
C GLY B 234 31.44 15.14 0.27
N HIS B 235 30.85 15.40 1.42
CA HIS B 235 31.39 14.80 2.64
C HIS B 235 31.16 13.29 2.64
N PRO B 236 32.18 12.51 2.94
CA PRO B 236 32.06 11.06 3.05
C PRO B 236 30.92 10.57 3.93
N LYS B 237 30.53 11.28 4.98
CA LYS B 237 29.44 10.75 5.83
C LYS B 237 28.03 11.10 5.34
N VAL B 238 27.93 11.95 4.31
CA VAL B 238 26.63 12.30 3.75
C VAL B 238 26.14 11.16 2.87
N ARG B 239 24.92 10.66 3.12
CA ARG B 239 24.41 9.54 2.35
C ARG B 239 23.43 9.91 1.25
N MET B 240 22.80 11.06 1.38
CA MET B 240 21.80 11.51 0.40
C MET B 240 21.88 13.01 0.29
N VAL B 241 21.70 13.52 -0.93
CA VAL B 241 21.73 14.96 -1.17
C VAL B 241 20.43 15.31 -1.84
N SER B 242 19.72 16.27 -1.25
CA SER B 242 18.43 16.70 -1.78
C SER B 242 18.60 18.11 -2.27
N LEU B 243 18.32 18.35 -3.56
CA LEU B 243 18.54 19.66 -4.15
C LEU B 243 17.32 20.19 -4.91
N THR B 244 16.98 21.45 -4.69
CA THR B 244 16.04 22.13 -5.58
C THR B 244 16.89 23.26 -6.13
N GLY B 245 17.01 23.32 -7.44
CA GLY B 245 17.86 24.33 -8.06
C GLY B 245 17.87 24.21 -9.57
N SER B 246 18.93 24.73 -10.18
CA SER B 246 19.03 24.73 -11.64
C SER B 246 19.53 23.39 -12.21
N ILE B 247 19.29 23.16 -13.48
CA ILE B 247 19.79 21.95 -14.12
C ILE B 247 21.31 21.92 -14.05
N ALA B 248 21.93 23.08 -14.23
CA ALA B 248 23.39 23.14 -14.16
C ALA B 248 23.87 22.72 -12.77
N THR B 249 23.18 23.18 -11.74
CA THR B 249 23.60 22.81 -10.40
C THR B 249 23.36 21.31 -10.19
N GLY B 250 22.24 20.82 -10.70
CA GLY B 250 21.94 19.40 -10.60
C GLY B 250 23.02 18.53 -11.24
N GLU B 251 23.46 18.90 -12.44
CA GLU B 251 24.49 18.12 -13.13
C GLU B 251 25.78 18.12 -12.30
N HIS B 252 26.15 19.29 -11.79
CA HIS B 252 27.34 19.39 -10.97
C HIS B 252 27.24 18.52 -9.72
N ILE B 253 26.13 18.57 -9.00
CA ILE B 253 26.01 17.77 -7.80
C ILE B 253 26.14 16.28 -8.12
N ILE B 254 25.48 15.84 -9.19
CA ILE B 254 25.58 14.43 -9.56
C ILE B 254 27.06 14.08 -9.83
N SER B 255 27.76 14.91 -10.58
CA SER B 255 29.18 14.64 -10.85
C SER B 255 29.98 14.69 -9.58
N HIS B 256 29.65 15.63 -8.70
CA HIS B 256 30.42 15.82 -7.47
C HIS B 256 30.29 14.62 -6.53
N THR B 257 29.13 13.97 -6.52
CA THR B 257 28.93 12.84 -5.61
C THR B 257 29.07 11.47 -6.26
N ALA B 258 29.41 11.44 -7.55
CA ALA B 258 29.54 10.17 -8.24
C ALA B 258 30.50 9.20 -7.53
N SER B 259 31.66 9.71 -7.10
CA SER B 259 32.67 8.86 -6.52
C SER B 259 32.19 8.09 -5.30
N SER B 260 31.14 8.56 -4.62
CA SER B 260 30.64 7.78 -3.49
C SER B 260 29.22 7.25 -3.68
N ILE B 261 28.75 7.19 -4.92
CA ILE B 261 27.43 6.65 -5.20
C ILE B 261 26.32 7.21 -4.27
N LYS B 262 26.38 8.49 -3.93
CA LYS B 262 25.36 9.06 -3.03
C LYS B 262 23.98 9.03 -3.66
N ARG B 263 22.95 8.82 -2.84
CA ARG B 263 21.61 8.92 -3.34
C ARG B 263 21.33 10.40 -3.59
N THR B 264 20.54 10.70 -4.60
CA THR B 264 20.20 12.08 -4.86
C THR B 264 18.70 12.21 -5.03
N HIS B 265 18.22 13.41 -4.78
CA HIS B 265 16.81 13.69 -4.86
C HIS B 265 16.78 15.11 -5.43
N MET B 266 16.20 15.26 -6.61
CA MET B 266 16.35 16.49 -7.35
C MET B 266 15.14 17.07 -8.05
N GLU B 267 14.95 18.38 -7.88
CA GLU B 267 13.88 19.12 -8.52
C GLU B 267 14.61 20.25 -9.24
N LEU B 268 14.72 20.18 -10.56
CA LEU B 268 15.61 21.10 -11.26
C LEU B 268 14.97 22.15 -12.17
N GLY B 269 13.71 22.46 -12.03
CA GLY B 269 13.22 23.46 -12.96
C GLY B 269 12.08 22.92 -13.79
N GLY B 270 11.31 23.82 -14.36
CA GLY B 270 10.16 23.41 -15.10
C GLY B 270 9.84 24.46 -16.14
N LYS B 271 8.93 24.11 -17.01
CA LYS B 271 8.48 24.98 -18.06
C LYS B 271 7.09 24.49 -18.36
N ALA B 272 6.19 24.66 -17.40
CA ALA B 272 4.87 24.04 -17.47
C ALA B 272 4.06 24.41 -18.73
N PRO B 273 3.71 23.41 -19.53
CA PRO B 273 2.83 23.68 -20.68
C PRO B 273 1.39 23.88 -20.13
N VAL B 274 0.69 24.85 -20.70
CA VAL B 274 -0.70 25.13 -20.39
C VAL B 274 -1.41 24.96 -21.72
N ILE B 275 -2.17 23.87 -21.84
CA ILE B 275 -2.82 23.52 -23.09
C ILE B 275 -4.27 23.95 -23.06
N VAL B 276 -4.63 24.89 -23.92
CA VAL B 276 -5.97 25.47 -23.90
C VAL B 276 -6.72 25.15 -25.19
N PHE B 277 -7.75 24.29 -25.09
CA PHE B 277 -8.54 23.89 -26.26
C PHE B 277 -9.64 24.89 -26.56
N ASP B 278 -10.19 24.82 -27.76
CA ASP B 278 -11.22 25.77 -28.21
C ASP B 278 -12.46 25.73 -27.32
N ASP B 279 -12.68 24.64 -26.59
CA ASP B 279 -13.87 24.62 -25.74
C ASP B 279 -13.58 25.04 -24.28
N ALA B 280 -12.44 25.64 -24.02
CA ALA B 280 -12.12 26.00 -22.64
C ALA B 280 -12.91 27.25 -22.23
N ASP B 281 -13.07 27.45 -20.93
CA ASP B 281 -13.63 28.67 -20.39
C ASP B 281 -12.51 29.72 -20.45
N ILE B 282 -12.55 30.58 -21.46
CA ILE B 282 -11.46 31.52 -21.69
C ILE B 282 -11.27 32.49 -20.52
N GLU B 283 -12.37 32.98 -19.96
CA GLU B 283 -12.28 33.91 -18.82
C GLU B 283 -11.61 33.23 -17.63
N ALA B 284 -11.86 31.94 -17.42
CA ALA B 284 -11.20 31.24 -16.33
C ALA B 284 -9.72 31.08 -16.65
N VAL B 285 -9.38 30.79 -17.91
CA VAL B 285 -7.96 30.65 -18.28
C VAL B 285 -7.24 31.96 -17.99
N VAL B 286 -7.86 33.07 -18.39
CA VAL B 286 -7.24 34.37 -18.22
C VAL B 286 -7.04 34.71 -16.76
N GLU B 287 -8.11 34.58 -15.98
CA GLU B 287 -8.04 34.89 -14.56
C GLU B 287 -6.99 33.97 -13.93
N GLY B 288 -6.95 32.72 -14.38
CA GLY B 288 -5.98 31.81 -13.81
C GLY B 288 -4.54 32.23 -14.08
N VAL B 289 -4.20 32.41 -15.36
CA VAL B 289 -2.83 32.71 -15.76
C VAL B 289 -2.34 34.05 -15.24
N ARG B 290 -3.25 35.01 -15.09
CA ARG B 290 -2.87 36.29 -14.55
C ARG B 290 -2.24 36.06 -13.18
N THR B 291 -2.72 35.05 -12.46
CA THR B 291 -2.14 34.70 -11.19
C THR B 291 -0.96 33.74 -11.33
N PHE B 292 -1.19 32.61 -12.00
CA PHE B 292 -0.22 31.54 -12.02
C PHE B 292 1.02 31.82 -12.88
N GLY B 293 0.91 32.73 -13.83
CA GLY B 293 2.06 33.03 -14.66
C GLY B 293 2.96 34.06 -14.02
N TYR B 294 2.47 34.74 -12.99
CA TYR B 294 3.15 35.92 -12.45
C TYR B 294 3.35 35.93 -10.93
N TYR B 295 2.74 34.98 -10.23
CA TYR B 295 2.90 34.88 -8.79
C TYR B 295 4.38 34.72 -8.47
N ASN B 296 4.85 35.33 -7.39
CA ASN B 296 6.26 35.27 -7.05
C ASN B 296 7.13 35.76 -8.22
N ALA B 297 6.56 36.65 -9.03
CA ALA B 297 7.21 37.18 -10.21
C ALA B 297 7.62 36.12 -11.22
N GLY B 298 6.86 35.02 -11.26
CA GLY B 298 7.17 33.94 -12.19
C GLY B 298 8.35 33.09 -11.76
N GLN B 299 8.88 33.34 -10.56
CA GLN B 299 10.01 32.55 -10.07
C GLN B 299 9.45 31.35 -9.35
N ASP B 300 8.83 30.46 -10.12
CA ASP B 300 8.18 29.28 -9.60
C ASP B 300 8.37 28.19 -10.62
N CYS B 301 8.78 27.00 -10.20
CA CYS B 301 9.02 25.93 -11.17
C CYS B 301 7.74 25.43 -11.83
N THR B 302 6.58 25.74 -11.24
CA THR B 302 5.29 25.37 -11.85
C THR B 302 4.57 26.56 -12.49
N ALA B 303 5.24 27.70 -12.66
CA ALA B 303 4.60 28.87 -13.27
C ALA B 303 3.96 28.49 -14.61
N ALA B 304 2.79 29.07 -14.86
CA ALA B 304 2.05 28.83 -16.08
C ALA B 304 2.68 29.66 -17.19
N CYS B 305 3.86 29.25 -17.65
CA CYS B 305 4.61 30.12 -18.55
C CYS B 305 4.57 29.81 -20.04
N ARG B 306 4.20 28.59 -20.40
CA ARG B 306 4.27 28.15 -21.81
C ARG B 306 2.85 27.74 -22.24
N ILE B 307 2.17 28.69 -22.87
CA ILE B 307 0.80 28.44 -23.27
C ILE B 307 0.66 27.96 -24.70
N TYR B 308 -0.07 26.86 -24.88
CA TYR B 308 -0.37 26.37 -26.22
C TYR B 308 -1.87 26.63 -26.37
N ALA B 309 -2.27 27.47 -27.32
CA ALA B 309 -3.69 27.81 -27.49
C ALA B 309 -4.22 27.36 -28.85
N GLN B 310 -5.30 26.60 -28.84
CA GLN B 310 -5.88 26.07 -30.07
C GLN B 310 -6.27 27.24 -31.01
N LYS B 311 -6.04 27.05 -32.30
CA LYS B 311 -6.21 28.09 -33.33
C LYS B 311 -7.50 28.87 -33.22
N GLY B 312 -8.56 28.19 -32.79
CA GLY B 312 -9.88 28.81 -32.68
C GLY B 312 -10.02 29.93 -31.66
N ILE B 313 -9.34 29.79 -30.52
CA ILE B 313 -9.44 30.80 -29.49
C ILE B 313 -8.15 31.57 -29.28
N TYR B 314 -7.15 31.27 -30.10
CA TYR B 314 -5.82 31.86 -29.93
C TYR B 314 -5.79 33.39 -29.82
N ASP B 315 -6.36 34.09 -30.81
CA ASP B 315 -6.39 35.54 -30.76
C ASP B 315 -7.23 36.12 -29.61
N THR B 316 -8.38 35.52 -29.32
CA THR B 316 -9.20 36.00 -28.21
C THR B 316 -8.43 35.86 -26.90
N LEU B 317 -7.77 34.71 -26.73
CA LEU B 317 -7.05 34.47 -25.48
C LEU B 317 -5.92 35.48 -25.33
N VAL B 318 -5.16 35.69 -26.41
CA VAL B 318 -4.05 36.60 -26.35
C VAL B 318 -4.48 38.02 -25.95
N GLU B 319 -5.53 38.51 -26.58
CA GLU B 319 -6.04 39.84 -26.30
C GLU B 319 -6.52 40.00 -24.86
N LYS B 320 -7.33 39.05 -24.42
CA LYS B 320 -7.88 39.12 -23.08
C LYS B 320 -6.78 38.98 -22.03
N LEU B 321 -5.82 38.10 -22.29
CA LEU B 321 -4.77 37.87 -21.31
C LEU B 321 -3.87 39.09 -21.24
N GLY B 322 -3.62 39.69 -22.39
CA GLY B 322 -2.80 40.88 -22.44
C GLY B 322 -3.37 41.99 -21.59
N ALA B 323 -4.67 42.21 -21.71
CA ALA B 323 -5.35 43.22 -20.91
C ALA B 323 -5.31 42.90 -19.41
N ALA B 324 -5.44 41.64 -19.08
CA ALA B 324 -5.44 41.26 -17.66
C ALA B 324 -4.06 41.35 -17.04
N VAL B 325 -3.05 40.97 -17.78
CA VAL B 325 -1.69 40.99 -17.29
C VAL B 325 -1.21 42.43 -17.13
N ALA B 326 -1.67 43.33 -18.00
CA ALA B 326 -1.27 44.75 -17.89
C ALA B 326 -1.73 45.44 -16.60
N THR B 327 -2.74 44.92 -15.91
CA THR B 327 -3.18 45.59 -14.68
C THR B 327 -2.46 45.11 -13.41
N LEU B 328 -1.56 44.14 -13.55
CA LEU B 328 -0.84 43.64 -12.38
C LEU B 328 -0.13 44.79 -11.68
N LYS B 329 -0.36 44.93 -10.38
CA LYS B 329 0.18 46.05 -9.65
C LYS B 329 1.51 45.74 -8.95
N SER B 330 2.54 46.51 -9.32
CA SER B 330 3.86 46.43 -8.72
C SER B 330 4.02 47.59 -7.73
N GLY B 331 4.66 47.33 -6.59
CA GLY B 331 4.82 48.38 -5.60
C GLY B 331 5.51 47.78 -4.40
N ALA B 332 5.46 48.48 -3.27
CA ALA B 332 6.13 48.02 -2.06
C ALA B 332 5.55 46.70 -1.61
N PRO B 333 6.42 45.77 -1.25
CA PRO B 333 5.95 44.48 -0.76
C PRO B 333 5.02 44.59 0.46
N ASP B 334 5.18 45.60 1.31
CA ASP B 334 4.32 45.69 2.49
C ASP B 334 3.00 46.40 2.23
N ASP B 335 2.76 46.76 0.96
CA ASP B 335 1.52 47.39 0.55
C ASP B 335 0.55 46.27 0.18
N GLU B 336 -0.63 46.27 0.79
CA GLU B 336 -1.60 45.21 0.54
C GLU B 336 -2.07 45.18 -0.91
N SER B 337 -1.93 46.28 -1.64
CA SER B 337 -2.37 46.31 -3.04
C SER B 337 -1.32 45.78 -4.02
N THR B 338 -0.11 45.50 -3.51
CA THR B 338 0.96 45.01 -4.35
C THR B 338 0.66 43.56 -4.74
N GLU B 339 0.69 43.27 -6.05
CA GLU B 339 0.45 41.93 -6.57
C GLU B 339 1.76 41.32 -7.08
N LEU B 340 2.63 42.17 -7.61
CA LEU B 340 3.87 41.70 -8.21
C LEU B 340 5.11 42.33 -7.57
N GLY B 341 5.93 41.49 -6.95
CA GLY B 341 7.19 41.93 -6.36
C GLY B 341 8.31 41.90 -7.38
N PRO B 342 9.54 42.15 -6.95
CA PRO B 342 10.67 42.19 -7.88
C PRO B 342 11.32 40.84 -8.05
N LEU B 343 12.27 40.74 -8.97
CA LEU B 343 13.03 39.51 -9.13
C LEU B 343 14.09 39.42 -8.01
N SER B 344 14.65 38.23 -7.83
CA SER B 344 15.50 37.93 -6.68
C SER B 344 16.85 38.61 -6.62
N SER B 345 17.39 39.05 -7.75
CA SER B 345 18.72 39.67 -7.78
C SER B 345 18.95 40.39 -9.08
N LEU B 346 19.99 41.22 -9.08
CA LEU B 346 20.36 41.97 -10.26
C LEU B 346 20.73 40.99 -11.38
N ALA B 347 21.48 39.94 -11.04
CA ALA B 347 21.89 39.01 -12.09
C ALA B 347 20.70 38.26 -12.68
N HIS B 348 19.72 37.88 -11.84
CA HIS B 348 18.56 37.18 -12.38
C HIS B 348 17.75 38.15 -13.25
N LEU B 349 17.66 39.40 -12.82
CA LEU B 349 16.94 40.39 -13.59
C LEU B 349 17.56 40.54 -14.97
N GLU B 350 18.90 40.61 -15.03
CA GLU B 350 19.54 40.70 -16.34
C GLU B 350 19.28 39.45 -17.20
N ARG B 351 19.30 38.27 -16.59
CA ARG B 351 19.05 37.02 -17.33
C ARG B 351 17.63 37.02 -17.93
N VAL B 352 16.66 37.48 -17.15
CA VAL B 352 15.31 37.53 -17.66
C VAL B 352 15.21 38.50 -18.83
N GLY B 353 15.81 39.67 -18.67
CA GLY B 353 15.79 40.68 -19.71
C GLY B 353 16.41 40.16 -20.99
N LYS B 354 17.50 39.41 -20.87
CA LYS B 354 18.14 38.80 -22.03
C LYS B 354 17.23 37.81 -22.74
N ALA B 355 16.57 36.94 -22.00
CA ALA B 355 15.67 35.98 -22.64
C ALA B 355 14.59 36.69 -23.45
N VAL B 356 14.05 37.78 -22.92
CA VAL B 356 13.00 38.51 -23.61
C VAL B 356 13.55 39.12 -24.89
N GLU B 357 14.69 39.77 -24.79
CA GLU B 357 15.31 40.38 -25.97
C GLU B 357 15.62 39.31 -27.01
N GLU B 358 16.04 38.15 -26.55
CA GLU B 358 16.31 37.03 -27.45
C GLU B 358 15.03 36.66 -28.21
N ALA B 359 13.91 36.62 -27.50
CA ALA B 359 12.64 36.29 -28.15
C ALA B 359 12.27 37.36 -29.16
N LYS B 360 12.54 38.61 -28.83
CA LYS B 360 12.20 39.69 -29.76
C LYS B 360 13.10 39.71 -31.00
N ALA B 361 14.35 39.31 -30.85
CA ALA B 361 15.30 39.32 -31.98
C ALA B 361 14.93 38.24 -33.00
N THR B 362 14.01 37.39 -32.60
CA THR B 362 13.49 36.30 -33.41
C THR B 362 12.79 36.83 -34.67
N GLY B 363 12.16 37.99 -34.57
CA GLY B 363 11.47 38.57 -35.72
C GLY B 363 10.02 38.14 -35.87
N HIS B 364 9.61 37.08 -35.17
CA HIS B 364 8.23 36.62 -35.27
C HIS B 364 7.47 36.61 -33.94
N ILE B 365 8.06 37.20 -32.91
CA ILE B 365 7.40 37.22 -31.60
C ILE B 365 6.97 38.63 -31.26
N LYS B 366 5.73 38.78 -30.82
CA LYS B 366 5.26 40.12 -30.49
C LYS B 366 5.14 40.32 -28.98
N VAL B 367 5.53 41.49 -28.51
CA VAL B 367 5.34 41.83 -27.12
C VAL B 367 3.94 42.42 -26.97
N ILE B 368 3.06 41.70 -26.31
CA ILE B 368 1.69 42.14 -26.14
C ILE B 368 1.64 43.20 -25.02
N THR B 369 2.39 42.95 -23.97
CA THR B 369 2.53 43.90 -22.87
C THR B 369 3.84 43.63 -22.13
N GLY B 370 4.36 44.67 -21.48
CA GLY B 370 5.57 44.58 -20.69
C GLY B 370 6.83 44.52 -21.52
N GLY B 371 7.73 43.58 -21.21
CA GLY B 371 8.96 43.46 -21.98
C GLY B 371 10.07 44.49 -21.70
N GLU B 372 10.12 45.00 -20.47
CA GLU B 372 11.20 45.91 -20.08
C GLU B 372 11.34 45.99 -18.58
N LYS B 373 12.54 46.32 -18.12
CA LYS B 373 12.79 46.46 -16.69
C LYS B 373 12.09 47.72 -16.23
N ARG B 374 11.69 47.77 -14.95
CA ARG B 374 10.99 48.96 -14.46
C ARG B 374 12.03 49.97 -14.05
N LYS B 375 11.70 51.25 -14.21
CA LYS B 375 12.62 52.29 -13.78
C LYS B 375 12.63 52.32 -12.27
N GLY B 376 13.75 52.72 -11.68
CA GLY B 376 13.79 52.80 -10.24
C GLY B 376 14.63 51.76 -9.53
N ASN B 377 14.62 51.84 -8.19
CA ASN B 377 15.38 50.94 -7.36
C ASN B 377 14.73 49.56 -7.22
N GLY B 378 15.55 48.55 -6.97
CA GLY B 378 15.02 47.20 -6.86
C GLY B 378 15.17 46.48 -8.19
N TYR B 379 14.81 45.21 -8.19
CA TYR B 379 14.98 44.37 -9.36
C TYR B 379 13.62 44.04 -10.01
N TYR B 380 12.86 45.08 -10.32
CA TYR B 380 11.54 44.91 -10.91
C TYR B 380 11.57 44.77 -12.43
N TYR B 381 10.81 43.81 -12.95
CA TYR B 381 10.63 43.64 -14.38
C TYR B 381 9.13 43.65 -14.65
N ALA B 382 8.69 44.37 -15.68
CA ALA B 382 7.27 44.46 -16.04
C ALA B 382 6.66 43.09 -16.37
N PRO B 383 5.40 42.87 -15.96
CA PRO B 383 4.70 41.63 -16.27
C PRO B 383 4.58 41.56 -17.79
N THR B 384 5.02 40.44 -18.36
CA THR B 384 5.18 40.36 -19.80
C THR B 384 4.42 39.22 -20.46
N LEU B 385 3.83 39.51 -21.62
CA LEU B 385 3.17 38.48 -22.43
C LEU B 385 3.70 38.53 -23.86
N LEU B 386 4.18 37.40 -24.35
CA LEU B 386 4.74 37.30 -25.70
C LEU B 386 3.85 36.40 -26.56
N ALA B 387 3.57 36.84 -27.79
CA ALA B 387 2.69 36.06 -28.67
C ALA B 387 3.40 35.63 -29.93
N GLY B 388 2.97 34.52 -30.51
CA GLY B 388 3.50 34.05 -31.77
C GLY B 388 4.78 33.26 -31.63
N ALA B 389 5.03 32.75 -30.43
CA ALA B 389 6.21 31.94 -30.20
C ALA B 389 5.99 30.60 -30.88
N LEU B 390 7.05 30.02 -31.44
CA LEU B 390 6.96 28.74 -32.12
C LEU B 390 7.60 27.65 -31.28
N GLN B 391 7.21 26.41 -31.55
CA GLN B 391 7.63 25.28 -30.73
C GLN B 391 9.14 25.21 -30.52
N ASP B 392 9.91 25.53 -31.55
CA ASP B 392 11.37 25.37 -31.46
C ASP B 392 12.11 26.64 -30.99
N ASP B 393 11.38 27.73 -30.73
CA ASP B 393 12.04 28.94 -30.21
C ASP B 393 12.54 28.73 -28.78
N ALA B 394 13.64 29.39 -28.45
CA ALA B 394 14.21 29.33 -27.10
C ALA B 394 13.22 29.74 -25.99
N ILE B 395 12.36 30.72 -26.27
CA ILE B 395 11.37 31.15 -25.29
C ILE B 395 10.39 30.02 -24.93
N VAL B 396 10.32 29.00 -25.77
CA VAL B 396 9.41 27.88 -25.54
C VAL B 396 10.16 26.69 -24.96
N GLN B 397 11.42 26.53 -25.36
CA GLN B 397 12.17 25.37 -24.96
C GLN B 397 13.00 25.58 -23.70
N LYS B 398 13.27 26.82 -23.30
CA LYS B 398 14.13 27.08 -22.13
C LYS B 398 13.40 27.92 -21.07
N GLU B 399 13.54 27.49 -19.82
CA GLU B 399 12.95 28.19 -18.68
C GLU B 399 13.48 29.62 -18.49
N VAL B 400 12.58 30.56 -18.25
CA VAL B 400 13.00 31.95 -18.01
C VAL B 400 12.90 32.31 -16.52
N PHE B 401 11.89 31.75 -15.84
CA PHE B 401 11.78 31.95 -14.40
C PHE B 401 11.64 33.42 -14.05
N GLY B 402 10.72 34.09 -14.75
CA GLY B 402 10.42 35.49 -14.55
C GLY B 402 8.96 35.78 -14.92
N PRO B 403 8.55 37.04 -14.84
CA PRO B 403 7.15 37.40 -15.05
C PRO B 403 6.89 37.49 -16.56
N VAL B 404 7.06 36.36 -17.21
CA VAL B 404 7.02 36.28 -18.66
C VAL B 404 6.26 35.03 -19.07
N VAL B 405 5.26 35.21 -19.93
CA VAL B 405 4.44 34.12 -20.44
C VAL B 405 4.44 34.19 -21.95
N SER B 406 4.56 33.04 -22.62
CA SER B 406 4.51 33.03 -24.09
C SER B 406 3.30 32.22 -24.60
N VAL B 407 2.78 32.57 -25.77
CA VAL B 407 1.63 31.87 -26.34
C VAL B 407 1.92 31.39 -27.74
N THR B 408 1.62 30.12 -28.00
CA THR B 408 1.90 29.46 -29.28
C THR B 408 0.61 28.83 -29.78
N PRO B 409 0.26 29.04 -31.04
CA PRO B 409 -0.96 28.45 -31.57
C PRO B 409 -0.78 26.98 -31.91
N PHE B 410 -1.83 26.18 -31.77
CA PHE B 410 -1.79 24.79 -32.21
C PHE B 410 -3.06 24.36 -32.98
N ASP B 411 -2.92 23.35 -33.82
CA ASP B 411 -4.03 22.87 -34.62
C ASP B 411 -4.86 21.81 -33.92
N ASN B 412 -4.23 20.71 -33.50
CA ASN B 412 -5.00 19.60 -32.95
C ASN B 412 -4.37 18.92 -31.74
N GLU B 413 -5.17 18.06 -31.12
CA GLU B 413 -4.81 17.35 -29.90
C GLU B 413 -3.54 16.49 -30.01
N GLU B 414 -3.48 15.64 -31.02
CA GLU B 414 -2.28 14.82 -31.23
C GLU B 414 -1.04 15.70 -31.38
N GLN B 415 -1.14 16.77 -32.15
CA GLN B 415 0.01 17.64 -32.37
C GLN B 415 0.50 18.29 -31.08
N VAL B 416 -0.42 18.83 -30.30
CA VAL B 416 -0.03 19.59 -29.11
C VAL B 416 0.50 18.68 -27.99
N VAL B 417 -0.04 17.47 -27.88
CA VAL B 417 0.48 16.52 -26.90
C VAL B 417 1.93 16.17 -27.25
N ASN B 418 2.20 15.97 -28.53
CA ASN B 418 3.55 15.64 -28.97
C ASN B 418 4.49 16.86 -28.75
N TRP B 419 4.01 18.06 -29.04
CA TRP B 419 4.81 19.26 -28.75
C TRP B 419 5.14 19.39 -27.27
N ALA B 420 4.10 19.28 -26.43
CA ALA B 420 4.29 19.39 -25.00
C ALA B 420 5.28 18.37 -24.48
N ASN B 421 5.19 17.15 -24.99
CA ASN B 421 6.05 16.06 -24.54
C ASN B 421 7.45 16.13 -25.12
N ASP B 422 7.62 16.95 -26.17
CA ASP B 422 8.93 17.18 -26.78
C ASP B 422 9.62 18.32 -26.02
N SER B 423 10.07 18.02 -24.81
CA SER B 423 10.63 19.04 -23.94
C SER B 423 11.64 18.35 -23.03
N GLN B 424 12.63 19.10 -22.57
CA GLN B 424 13.59 18.53 -21.61
C GLN B 424 12.98 18.60 -20.21
N TYR B 425 11.84 19.30 -20.08
CA TYR B 425 11.22 19.49 -18.77
C TYR B 425 10.07 18.51 -18.55
N GLY B 426 9.71 18.25 -17.29
CA GLY B 426 8.70 17.26 -16.96
C GLY B 426 8.11 17.39 -15.56
N LEU B 427 8.01 18.61 -15.07
CA LEU B 427 7.51 18.83 -13.73
C LEU B 427 5.99 18.99 -13.62
N ALA B 428 5.42 19.94 -14.36
CA ALA B 428 3.99 20.20 -14.18
C ALA B 428 3.36 20.68 -15.47
N SER B 429 2.02 20.67 -15.51
CA SER B 429 1.30 20.95 -16.73
C SER B 429 -0.17 21.14 -16.41
N SER B 430 -0.88 21.78 -17.33
CA SER B 430 -2.31 21.89 -17.18
C SER B 430 -3.01 21.81 -18.53
N VAL B 431 -4.22 21.29 -18.53
CA VAL B 431 -5.02 21.20 -19.72
C VAL B 431 -6.36 21.84 -19.42
N TRP B 432 -6.84 22.69 -20.32
CA TRP B 432 -8.08 23.42 -20.17
C TRP B 432 -9.07 23.08 -21.29
N THR B 433 -10.16 22.41 -20.92
CA THR B 433 -11.17 21.99 -21.87
C THR B 433 -12.39 21.56 -21.09
N LYS B 434 -13.56 21.67 -21.68
CA LYS B 434 -14.77 21.26 -20.99
C LYS B 434 -15.09 19.81 -21.22
N ASP B 435 -14.42 19.21 -22.20
CA ASP B 435 -14.72 17.87 -22.61
C ASP B 435 -14.07 16.78 -21.72
N VAL B 436 -14.91 15.93 -21.16
CA VAL B 436 -14.49 14.81 -20.32
C VAL B 436 -13.46 13.92 -20.98
N GLY B 437 -13.75 13.51 -22.19
CA GLY B 437 -12.88 12.61 -22.92
C GLY B 437 -11.51 13.19 -23.13
N ARG B 438 -11.49 14.39 -23.67
CA ARG B 438 -10.27 15.08 -23.94
C ARG B 438 -9.41 15.31 -22.69
N ALA B 439 -10.04 15.78 -21.62
CA ALA B 439 -9.32 16.02 -20.38
C ALA B 439 -8.56 14.77 -19.93
N HIS B 440 -9.23 13.62 -19.95
CA HIS B 440 -8.56 12.38 -19.51
C HIS B 440 -7.56 11.83 -20.49
N ARG B 441 -7.83 11.96 -21.79
CA ARG B 441 -6.86 11.50 -22.79
C ARG B 441 -5.57 12.24 -22.64
N VAL B 442 -5.67 13.57 -22.63
CA VAL B 442 -4.48 14.40 -22.57
C VAL B 442 -3.73 14.15 -21.23
N SER B 443 -4.46 14.18 -20.11
CA SER B 443 -3.84 13.94 -18.80
C SER B 443 -3.10 12.60 -18.74
N ALA B 444 -3.69 11.58 -19.34
CA ALA B 444 -3.06 10.26 -19.40
C ALA B 444 -1.72 10.27 -20.16
N ARG B 445 -1.63 11.10 -21.19
CA ARG B 445 -0.46 11.11 -22.05
C ARG B 445 0.67 12.09 -21.76
N LEU B 446 0.39 13.12 -20.95
CA LEU B 446 1.40 14.12 -20.68
C LEU B 446 2.53 13.52 -19.85
N GLN B 447 3.76 13.81 -20.27
CA GLN B 447 4.94 13.31 -19.55
C GLN B 447 5.42 14.34 -18.52
N TYR B 448 4.58 14.58 -17.53
CA TYR B 448 4.83 15.60 -16.49
C TYR B 448 4.39 15.04 -15.13
N GLY B 449 5.14 15.36 -14.08
CA GLY B 449 4.84 14.85 -12.75
C GLY B 449 3.44 15.17 -12.24
N CYS B 450 2.93 16.33 -12.66
CA CYS B 450 1.60 16.73 -12.28
C CYS B 450 0.85 17.31 -13.49
N THR B 451 -0.45 16.99 -13.62
CA THR B 451 -1.30 17.62 -14.62
C THR B 451 -2.56 18.14 -13.93
N TRP B 452 -2.80 19.45 -13.98
CA TRP B 452 -4.06 20.04 -13.48
C TRP B 452 -5.06 20.14 -14.65
N VAL B 453 -6.34 19.93 -14.37
CA VAL B 453 -7.37 20.06 -15.39
C VAL B 453 -8.28 21.24 -15.02
N ASN B 454 -8.33 22.24 -15.91
CA ASN B 454 -9.13 23.45 -15.66
C ASN B 454 -8.69 24.24 -14.42
N THR B 455 -7.43 24.08 -14.04
CA THR B 455 -6.82 24.95 -13.06
C THR B 455 -5.31 24.79 -13.25
N HIS B 456 -4.54 25.34 -12.34
CA HIS B 456 -3.09 25.22 -12.40
C HIS B 456 -2.60 25.58 -10.99
N PHE B 457 -1.36 25.21 -10.71
CA PHE B 457 -0.71 25.77 -9.55
C PHE B 457 -1.18 25.30 -8.16
N MET B 458 -2.11 24.38 -8.06
CA MET B 458 -2.62 23.98 -6.74
C MET B 458 -1.86 22.78 -6.17
N LEU B 459 -1.28 22.94 -5.00
CA LEU B 459 -0.55 21.86 -4.37
C LEU B 459 -1.17 21.55 -3.00
N VAL B 460 -1.13 20.29 -2.59
CA VAL B 460 -1.59 19.91 -1.26
C VAL B 460 -0.55 18.95 -0.67
N SER B 461 -0.43 18.96 0.64
CA SER B 461 0.59 18.17 1.30
C SER B 461 0.48 16.68 1.05
N GLU B 462 -0.73 16.20 0.76
CA GLU B 462 -0.80 14.76 0.57
C GLU B 462 -0.47 14.20 -0.83
N MET B 463 -0.35 15.10 -1.81
CA MET B 463 -0.14 14.68 -3.19
C MET B 463 1.28 15.03 -3.61
N PRO B 464 1.95 14.12 -4.28
CA PRO B 464 3.38 14.30 -4.62
C PRO B 464 3.65 15.33 -5.70
N HIS B 465 4.82 15.97 -5.61
CA HIS B 465 5.25 17.00 -6.54
C HIS B 465 6.69 16.60 -6.91
N GLY B 466 6.95 16.41 -8.20
CA GLY B 466 8.29 16.05 -8.63
C GLY B 466 8.29 15.77 -10.09
N GLY B 467 9.47 15.79 -10.70
CA GLY B 467 9.55 15.73 -12.15
C GLY B 467 10.08 14.46 -12.78
N GLN B 468 10.29 14.56 -14.09
CA GLN B 468 10.88 13.51 -14.86
C GLN B 468 11.80 14.22 -15.88
N LYS B 469 12.56 13.47 -16.65
CA LYS B 469 13.54 14.05 -17.58
C LYS B 469 14.48 15.00 -16.86
N LEU B 470 14.79 16.14 -17.46
CA LEU B 470 15.77 17.05 -16.84
C LEU B 470 15.20 17.83 -15.66
N SER B 471 13.91 17.69 -15.39
CA SER B 471 13.34 18.30 -14.19
C SER B 471 13.77 17.53 -12.94
N GLY B 472 14.34 16.33 -13.12
CA GLY B 472 14.84 15.56 -11.98
C GLY B 472 14.04 14.31 -11.64
N TYR B 473 14.04 13.95 -10.36
CA TYR B 473 13.37 12.75 -9.92
C TYR B 473 13.24 12.85 -8.40
N GLY B 474 12.39 12.03 -7.81
CA GLY B 474 12.14 12.09 -6.38
C GLY B 474 10.94 13.00 -6.19
N LYS B 475 10.23 12.84 -5.08
CA LYS B 475 9.05 13.64 -4.81
C LYS B 475 9.16 14.46 -3.56
N ASP B 476 8.50 15.61 -3.60
CA ASP B 476 8.26 16.43 -2.42
C ASP B 476 6.79 16.27 -2.04
N MET B 477 6.52 16.31 -0.75
CA MET B 477 5.19 16.09 -0.20
C MET B 477 4.72 14.64 -0.45
N SER B 478 3.60 14.28 0.20
CA SER B 478 2.97 12.96 0.14
C SER B 478 3.81 11.87 0.80
N LEU B 479 3.19 10.70 0.95
CA LEU B 479 3.89 9.56 1.51
C LEU B 479 5.10 9.19 0.67
N TYR B 480 5.03 9.44 -0.64
CA TYR B 480 6.16 9.10 -1.52
C TYR B 480 7.38 9.95 -1.16
N GLY B 481 7.13 11.17 -0.70
CA GLY B 481 8.22 12.05 -0.32
C GLY B 481 8.88 11.54 0.93
N LEU B 482 8.12 10.87 1.78
CA LEU B 482 8.69 10.31 2.98
C LEU B 482 9.50 9.05 2.62
N GLU B 483 8.95 8.21 1.75
CA GLU B 483 9.60 6.98 1.30
C GLU B 483 10.97 7.21 0.67
N ASP B 484 11.09 8.32 -0.05
CA ASP B 484 12.36 8.66 -0.69
C ASP B 484 13.51 8.77 0.30
N TYR B 485 13.21 8.96 1.58
CA TYR B 485 14.26 9.14 2.58
C TYR B 485 14.50 7.91 3.46
N THR B 486 14.05 6.77 2.99
CA THR B 486 14.29 5.52 3.70
C THR B 486 14.89 4.51 2.75
N VAL B 487 15.42 3.42 3.30
CA VAL B 487 15.80 2.31 2.47
C VAL B 487 14.97 1.10 2.91
N VAL B 488 14.45 0.38 1.93
CA VAL B 488 13.62 -0.79 2.17
C VAL B 488 14.59 -1.92 2.53
N ARG B 489 14.27 -2.66 3.57
CA ARG B 489 15.14 -3.78 3.99
C ARG B 489 14.32 -5.08 4.12
N HIS B 490 14.92 -6.20 3.77
CA HIS B 490 14.29 -7.51 3.85
C HIS B 490 14.99 -8.28 4.94
N VAL B 491 14.25 -8.70 5.97
CA VAL B 491 14.80 -9.53 7.03
C VAL B 491 14.11 -10.90 6.91
N MET B 492 14.90 -11.97 6.84
CA MET B 492 14.38 -13.31 6.64
C MET B 492 14.92 -14.23 7.71
N VAL B 493 14.03 -14.82 8.48
CA VAL B 493 14.38 -15.70 9.58
C VAL B 493 14.11 -17.18 9.26
N LYS B 494 15.16 -17.99 9.26
CA LYS B 494 14.99 -19.42 9.02
C LYS B 494 14.38 -20.03 10.28
N HIS B 495 13.37 -20.85 10.13
CA HIS B 495 12.83 -21.33 11.36
C HIS B 495 12.36 -22.71 11.23
N MET C 22 25.94 -21.90 -31.53
CA MET C 22 25.60 -20.58 -31.00
C MET C 22 25.10 -19.45 -31.86
N GLN C 23 24.07 -18.85 -31.30
CA GLN C 23 23.47 -17.65 -31.85
C GLN C 23 24.43 -16.51 -31.57
N HIS C 24 24.60 -15.62 -32.54
CA HIS C 24 25.56 -14.52 -32.42
C HIS C 24 25.02 -13.21 -32.98
N LYS C 25 23.73 -13.16 -33.25
CA LYS C 25 23.17 -11.95 -33.83
C LYS C 25 22.49 -11.03 -32.80
N LEU C 26 22.50 -9.73 -33.09
CA LEU C 26 21.87 -8.73 -32.24
C LEU C 26 20.39 -8.68 -32.55
N LEU C 27 19.61 -8.24 -31.57
CA LEU C 27 18.20 -8.05 -31.77
C LEU C 27 17.97 -6.55 -31.83
N ILE C 28 17.60 -6.03 -33.00
CA ILE C 28 17.33 -4.61 -33.10
C ILE C 28 16.04 -4.42 -33.87
N ASN C 29 15.07 -3.73 -33.27
CA ASN C 29 13.80 -3.47 -33.93
C ASN C 29 13.15 -4.72 -34.55
N GLY C 30 13.07 -5.80 -33.78
CA GLY C 30 12.41 -7.01 -34.25
C GLY C 30 13.15 -7.82 -35.33
N GLU C 31 14.39 -7.47 -35.61
CA GLU C 31 15.20 -8.21 -36.58
C GLU C 31 16.48 -8.74 -35.92
N LEU C 32 16.97 -9.89 -36.37
CA LEU C 32 18.24 -10.42 -35.90
C LEU C 32 19.28 -10.00 -36.90
N VAL C 33 20.27 -9.24 -36.46
CA VAL C 33 21.29 -8.74 -37.38
C VAL C 33 22.69 -8.93 -36.82
N SER C 34 23.66 -9.11 -37.72
CA SER C 34 25.03 -9.26 -37.30
C SER C 34 25.58 -7.91 -36.84
N GLY C 35 26.45 -7.94 -35.84
CA GLY C 35 27.11 -6.74 -35.39
C GLY C 35 27.99 -6.21 -36.53
N GLU C 36 28.20 -4.90 -36.59
CA GLU C 36 29.01 -4.34 -37.67
C GLU C 36 30.31 -3.76 -37.16
N GLY C 37 30.58 -3.96 -35.89
CA GLY C 37 31.81 -3.49 -35.27
C GLY C 37 32.90 -4.56 -35.28
N GLU C 38 33.93 -4.36 -34.45
CA GLU C 38 35.05 -5.29 -34.38
C GLU C 38 34.69 -6.63 -33.73
N LYS C 39 35.27 -7.71 -34.23
CA LYS C 39 35.03 -9.02 -33.64
C LYS C 39 35.73 -9.13 -32.28
N GLN C 40 35.10 -9.88 -31.39
CA GLN C 40 35.56 -10.00 -30.03
C GLN C 40 35.46 -11.45 -29.61
N PRO C 41 36.49 -11.94 -28.92
CA PRO C 41 36.51 -13.32 -28.44
C PRO C 41 35.69 -13.56 -27.19
N VAL C 42 35.04 -14.71 -27.14
CA VAL C 42 34.31 -15.16 -25.97
C VAL C 42 34.97 -16.47 -25.53
N TYR C 43 35.36 -16.53 -24.26
CA TYR C 43 36.13 -17.65 -23.73
C TYR C 43 35.35 -18.65 -22.89
N ASN C 44 35.83 -19.90 -22.90
CA ASN C 44 35.34 -20.94 -22.01
C ASN C 44 36.32 -20.93 -20.83
N PRO C 45 35.90 -20.39 -19.70
CA PRO C 45 36.77 -20.22 -18.53
C PRO C 45 37.26 -21.51 -17.91
N ALA C 46 36.61 -22.64 -18.23
CA ALA C 46 37.08 -23.92 -17.71
C ALA C 46 38.31 -24.42 -18.49
N THR C 47 38.45 -24.01 -19.74
CA THR C 47 39.58 -24.49 -20.55
C THR C 47 40.54 -23.38 -20.98
N GLY C 48 40.04 -22.15 -20.93
CA GLY C 48 40.82 -21.02 -21.41
C GLY C 48 40.81 -20.92 -22.94
N ASP C 49 39.97 -21.71 -23.60
CA ASP C 49 39.94 -21.69 -25.06
C ASP C 49 38.78 -20.85 -25.57
N VAL C 50 38.92 -20.30 -26.78
CA VAL C 50 37.90 -19.43 -27.34
C VAL C 50 36.69 -20.21 -27.85
N LEU C 51 35.49 -19.84 -27.42
CA LEU C 51 34.27 -20.47 -27.90
C LEU C 51 33.93 -19.90 -29.27
N LEU C 52 34.04 -18.58 -29.41
CA LEU C 52 33.90 -17.92 -30.71
C LEU C 52 34.16 -16.43 -30.69
N GLU C 53 34.29 -15.88 -31.88
CA GLU C 53 34.51 -14.46 -32.11
C GLU C 53 33.17 -13.89 -32.56
N ILE C 54 32.74 -12.78 -31.98
CA ILE C 54 31.45 -12.18 -32.30
C ILE C 54 31.63 -10.72 -32.63
N ALA C 55 31.04 -10.28 -33.73
CA ALA C 55 31.12 -8.88 -34.12
C ALA C 55 30.26 -8.03 -33.17
N GLU C 56 30.84 -6.97 -32.60
CA GLU C 56 30.06 -6.11 -31.72
C GLU C 56 29.21 -5.11 -32.50
N ALA C 57 28.28 -4.50 -31.80
CA ALA C 57 27.41 -3.50 -32.41
C ALA C 57 28.27 -2.32 -32.83
N SER C 58 27.98 -1.74 -33.99
CA SER C 58 28.65 -0.53 -34.40
C SER C 58 27.99 0.64 -33.68
N ALA C 59 28.57 1.83 -33.82
CA ALA C 59 28.00 3.06 -33.27
C ALA C 59 26.61 3.30 -33.84
N GLU C 60 26.49 3.09 -35.14
CA GLU C 60 25.22 3.30 -35.82
C GLU C 60 24.18 2.28 -35.38
N GLN C 61 24.59 1.07 -35.03
CA GLN C 61 23.64 0.07 -34.55
C GLN C 61 23.15 0.41 -33.13
N VAL C 62 24.05 0.91 -32.29
CA VAL C 62 23.64 1.35 -30.96
C VAL C 62 22.58 2.43 -31.13
N ASP C 63 22.88 3.41 -31.98
CA ASP C 63 21.92 4.50 -32.20
C ASP C 63 20.59 4.00 -32.75
N ALA C 64 20.64 3.11 -33.75
CA ALA C 64 19.41 2.53 -34.30
C ALA C 64 18.61 1.76 -33.25
N ALA C 65 19.29 1.09 -32.32
CA ALA C 65 18.54 0.36 -31.29
C ALA C 65 17.78 1.31 -30.37
N VAL C 66 18.45 2.38 -29.95
CA VAL C 66 17.78 3.35 -29.08
C VAL C 66 16.63 4.03 -29.80
N ARG C 67 16.84 4.40 -31.08
CA ARG C 67 15.75 5.04 -31.88
C ARG C 67 14.57 4.09 -32.06
N ALA C 68 14.84 2.81 -32.30
CA ALA C 68 13.76 1.82 -32.40
C ALA C 68 12.98 1.71 -31.08
N ALA C 69 13.70 1.66 -29.96
CA ALA C 69 13.03 1.58 -28.67
C ALA C 69 12.16 2.82 -28.44
N ASP C 70 12.71 3.98 -28.76
CA ASP C 70 11.98 5.25 -28.61
C ASP C 70 10.70 5.28 -29.45
N ALA C 71 10.80 4.82 -30.71
CA ALA C 71 9.59 4.80 -31.56
C ALA C 71 8.56 3.76 -31.09
N ALA C 72 9.02 2.62 -30.60
CA ALA C 72 8.11 1.58 -30.10
C ALA C 72 7.38 2.04 -28.82
N PHE C 73 8.00 2.93 -28.07
CA PHE C 73 7.43 3.40 -26.81
C PHE C 73 6.06 4.08 -26.96
N ALA C 74 5.85 4.76 -28.10
CA ALA C 74 4.58 5.44 -28.33
C ALA C 74 3.40 4.53 -28.08
N GLU C 75 3.41 3.34 -28.66
CA GLU C 75 2.35 2.35 -28.45
C GLU C 75 2.56 1.47 -27.20
N TRP C 76 3.77 0.96 -27.01
CA TRP C 76 4.02 0.06 -25.86
C TRP C 76 3.72 0.75 -24.52
N GLY C 77 4.13 2.00 -24.41
CA GLY C 77 3.90 2.77 -23.19
C GLY C 77 2.43 2.97 -22.86
N GLN C 78 1.56 2.72 -23.82
CA GLN C 78 0.14 2.89 -23.61
C GLN C 78 -0.64 1.56 -23.44
N THR C 79 0.04 0.42 -23.53
CA THR C 79 -0.64 -0.85 -23.38
C THR C 79 -1.21 -1.00 -21.98
N THR C 80 -2.15 -1.93 -21.80
CA THR C 80 -2.63 -2.22 -20.46
C THR C 80 -1.67 -3.17 -19.75
N PRO C 81 -1.71 -3.18 -18.43
CA PRO C 81 -0.98 -4.19 -17.66
C PRO C 81 -1.31 -5.63 -18.06
N LYS C 82 -2.58 -5.92 -18.29
CA LYS C 82 -2.98 -7.25 -18.72
C LYS C 82 -2.20 -7.68 -19.98
N VAL C 83 -2.15 -6.82 -20.97
CA VAL C 83 -1.40 -7.15 -22.19
C VAL C 83 0.09 -7.37 -21.93
N ARG C 84 0.70 -6.49 -21.15
CA ARG C 84 2.11 -6.67 -20.85
C ARG C 84 2.37 -7.95 -20.05
N ALA C 85 1.50 -8.23 -19.08
CA ALA C 85 1.57 -9.43 -18.27
C ALA C 85 1.54 -10.67 -19.17
N GLU C 86 0.66 -10.67 -20.15
CA GLU C 86 0.57 -11.80 -21.09
C GLU C 86 1.88 -12.00 -21.88
N CYS C 87 2.51 -10.90 -22.31
CA CYS C 87 3.81 -11.03 -23.00
C CYS C 87 4.87 -11.62 -22.05
N LEU C 88 4.88 -11.18 -20.79
CA LEU C 88 5.85 -11.73 -19.83
C LEU C 88 5.61 -13.23 -19.56
N LEU C 89 4.36 -13.66 -19.51
CA LEU C 89 4.08 -15.06 -19.30
C LEU C 89 4.58 -15.86 -20.49
N LYS C 90 4.41 -15.31 -21.70
CA LYS C 90 4.91 -16.02 -22.89
C LYS C 90 6.43 -16.15 -22.84
N LEU C 91 7.10 -15.07 -22.44
CA LEU C 91 8.56 -15.10 -22.35
C LEU C 91 8.99 -16.15 -21.30
N ALA C 92 8.28 -16.20 -20.16
CA ALA C 92 8.60 -17.21 -19.15
C ALA C 92 8.49 -18.62 -19.75
N ASP C 93 7.43 -18.88 -20.52
CA ASP C 93 7.21 -20.19 -21.13
C ASP C 93 8.34 -20.56 -22.10
N VAL C 94 8.82 -19.59 -22.85
CA VAL C 94 9.86 -19.84 -23.83
C VAL C 94 11.17 -20.19 -23.15
N ILE C 95 11.51 -19.46 -22.09
CA ILE C 95 12.71 -19.80 -21.34
C ILE C 95 12.59 -21.17 -20.69
N GLU C 96 11.45 -21.45 -20.09
CA GLU C 96 11.22 -22.76 -19.48
C GLU C 96 11.40 -23.90 -20.49
N GLU C 97 10.84 -23.74 -21.67
CA GLU C 97 10.89 -24.78 -22.69
C GLU C 97 12.30 -24.95 -23.24
N ASN C 98 13.13 -23.94 -23.06
CA ASN C 98 14.50 -24.04 -23.54
C ASN C 98 15.50 -24.09 -22.36
N GLY C 99 15.03 -24.60 -21.22
CA GLY C 99 15.85 -24.58 -20.01
C GLY C 99 17.20 -25.24 -20.15
N GLN C 100 17.20 -26.42 -20.74
CA GLN C 100 18.40 -27.18 -20.93
C GLN C 100 19.44 -26.47 -21.79
N VAL C 101 19.00 -25.93 -22.91
CA VAL C 101 19.90 -25.23 -23.81
C VAL C 101 20.48 -24.01 -23.07
N PHE C 102 19.63 -23.27 -22.37
CA PHE C 102 20.11 -22.10 -21.65
C PHE C 102 21.16 -22.50 -20.61
N ALA C 103 20.87 -23.55 -19.85
CA ALA C 103 21.81 -24.03 -18.83
C ALA C 103 23.16 -24.45 -19.44
N GLU C 104 23.11 -25.12 -20.57
CA GLU C 104 24.34 -25.56 -21.21
C GLU C 104 25.17 -24.37 -21.70
N LEU C 105 24.52 -23.38 -22.31
CA LEU C 105 25.25 -22.20 -22.75
C LEU C 105 25.91 -21.49 -21.58
N GLU C 106 25.15 -21.32 -20.50
CA GLU C 106 25.66 -20.59 -19.36
C GLU C 106 26.83 -21.34 -18.73
N SER C 107 26.72 -22.65 -18.70
CA SER C 107 27.76 -23.48 -18.13
C SER C 107 29.03 -23.39 -18.97
N ARG C 108 28.89 -23.38 -20.29
CA ARG C 108 30.06 -23.28 -21.16
C ARG C 108 30.72 -21.91 -21.13
N ASN C 109 29.88 -20.86 -21.10
CA ASN C 109 30.37 -19.50 -21.09
C ASN C 109 30.94 -19.05 -19.73
N CYS C 110 30.37 -19.57 -18.64
CA CYS C 110 30.76 -19.12 -17.28
C CYS C 110 31.49 -20.14 -16.44
N GLY C 111 31.48 -21.39 -16.87
CA GLY C 111 32.13 -22.45 -16.10
C GLY C 111 31.30 -22.92 -14.92
N LYS C 112 30.06 -22.48 -14.82
CA LYS C 112 29.26 -22.96 -13.71
C LYS C 112 28.91 -24.45 -13.87
N PRO C 113 28.95 -25.19 -12.76
CA PRO C 113 28.58 -26.60 -12.79
C PRO C 113 27.23 -26.68 -13.45
N LEU C 114 27.10 -27.51 -14.47
CA LEU C 114 25.86 -27.58 -15.24
C LEU C 114 24.65 -27.92 -14.37
N HIS C 115 24.83 -28.81 -13.41
CA HIS C 115 23.70 -29.19 -12.59
C HIS C 115 23.19 -28.00 -11.76
N SER C 116 24.09 -27.10 -11.37
CA SER C 116 23.67 -25.95 -10.59
C SER C 116 22.92 -24.97 -11.48
N ALA C 117 23.45 -24.72 -12.66
CA ALA C 117 22.82 -23.81 -13.60
C ALA C 117 21.43 -24.31 -13.90
N PHE C 118 21.32 -25.59 -14.22
CA PHE C 118 20.04 -26.14 -14.60
C PHE C 118 19.01 -26.24 -13.47
N ASN C 119 19.44 -26.76 -12.32
CA ASN C 119 18.53 -26.95 -11.19
C ASN C 119 18.25 -25.72 -10.34
N ASP C 120 19.21 -24.81 -10.25
CA ASP C 120 19.03 -23.62 -9.42
C ASP C 120 18.63 -22.40 -10.26
N GLU C 121 19.44 -22.08 -11.27
CA GLU C 121 19.23 -20.83 -12.00
C GLU C 121 18.02 -20.78 -12.91
N ILE C 122 17.86 -21.78 -13.77
CA ILE C 122 16.75 -21.78 -14.73
C ILE C 122 15.34 -21.58 -14.10
N PRO C 123 14.97 -22.38 -13.11
CA PRO C 123 13.67 -22.18 -12.41
C PRO C 123 13.56 -20.80 -11.79
N ALA C 124 14.62 -20.24 -11.21
CA ALA C 124 14.51 -18.88 -10.65
C ALA C 124 14.26 -17.84 -11.76
N ILE C 125 14.92 -18.02 -12.90
CA ILE C 125 14.75 -17.09 -14.01
C ILE C 125 13.33 -17.11 -14.52
N VAL C 126 12.80 -18.30 -14.76
CA VAL C 126 11.43 -18.44 -15.22
C VAL C 126 10.49 -17.76 -14.21
N ASP C 127 10.73 -18.01 -12.92
CA ASP C 127 9.91 -17.39 -11.88
C ASP C 127 9.93 -15.87 -11.84
N VAL C 128 11.07 -15.26 -12.18
CA VAL C 128 11.18 -13.82 -12.14
C VAL C 128 10.17 -13.26 -13.14
N PHE C 129 10.16 -13.83 -14.33
CA PHE C 129 9.22 -13.37 -15.34
C PHE C 129 7.75 -13.60 -14.94
N ARG C 130 7.46 -14.77 -14.35
CA ARG C 130 6.09 -15.06 -13.95
C ARG C 130 5.66 -14.13 -12.80
N PHE C 131 6.58 -13.90 -11.86
CA PHE C 131 6.29 -12.98 -10.78
C PHE C 131 5.96 -11.57 -11.29
N PHE C 132 6.80 -11.01 -12.16
CA PHE C 132 6.56 -9.68 -12.70
C PHE C 132 5.36 -9.56 -13.60
N ALA C 133 5.00 -10.66 -14.26
CA ALA C 133 3.76 -10.69 -15.02
C ALA C 133 2.61 -10.41 -14.05
N GLY C 134 2.64 -11.06 -12.88
CA GLY C 134 1.57 -10.87 -11.90
C GLY C 134 1.59 -9.48 -11.28
N ALA C 135 2.78 -9.02 -10.95
CA ALA C 135 3.01 -7.73 -10.26
C ALA C 135 2.64 -6.53 -11.13
N ALA C 136 2.79 -6.68 -12.43
CA ALA C 136 2.46 -5.60 -13.37
C ALA C 136 1.02 -5.11 -13.18
N ARG C 137 0.15 -6.00 -12.66
CA ARG C 137 -1.27 -5.70 -12.53
C ARG C 137 -1.66 -5.31 -11.11
N CYS C 138 -0.69 -5.23 -10.22
CA CYS C 138 -0.99 -4.97 -8.81
C CYS C 138 -0.34 -3.72 -8.26
N LEU C 139 -0.20 -2.68 -9.05
CA LEU C 139 0.49 -1.48 -8.56
C LEU C 139 -0.36 -0.65 -7.59
N ASN C 140 0.23 -0.28 -6.46
CA ASN C 140 -0.43 0.54 -5.46
C ASN C 140 -0.35 2.02 -5.78
N GLY C 141 -1.14 2.80 -5.05
CA GLY C 141 -1.11 4.25 -5.16
C GLY C 141 -1.84 4.86 -3.96
N LEU C 142 -2.14 6.14 -4.04
CA LEU C 142 -2.91 6.76 -2.96
C LEU C 142 -4.36 6.81 -3.38
N ALA C 143 -5.26 6.77 -2.41
CA ALA C 143 -6.67 6.83 -2.74
C ALA C 143 -7.03 8.14 -3.49
N ALA C 144 -7.79 8.03 -4.57
CA ALA C 144 -8.26 9.22 -5.27
C ALA C 144 -9.36 9.88 -4.42
N GLY C 145 -9.50 11.20 -4.53
CA GLY C 145 -10.49 11.89 -3.71
C GLY C 145 -10.26 13.39 -3.69
N GLU C 146 -11.01 14.08 -2.83
CA GLU C 146 -10.92 15.53 -2.75
C GLU C 146 -10.03 15.94 -1.59
N TYR C 147 -8.77 16.21 -1.88
CA TYR C 147 -7.86 16.64 -0.84
C TYR C 147 -7.90 18.14 -0.69
N LEU C 148 -8.36 18.82 -1.73
CA LEU C 148 -8.57 20.25 -1.74
C LEU C 148 -10.02 20.38 -2.18
N GLU C 149 -10.82 21.14 -1.44
CA GLU C 149 -12.24 21.24 -1.73
C GLU C 149 -12.50 21.58 -3.20
N GLY C 150 -13.41 20.83 -3.83
CA GLY C 150 -13.79 21.10 -5.22
C GLY C 150 -12.77 20.61 -6.27
N HIS C 151 -11.81 19.78 -5.86
CA HIS C 151 -10.84 19.25 -6.81
C HIS C 151 -10.63 17.76 -6.57
N THR C 152 -10.77 16.93 -7.59
CA THR C 152 -10.49 15.51 -7.42
C THR C 152 -9.07 15.19 -7.86
N SER C 153 -8.31 14.58 -6.96
CA SER C 153 -6.94 14.16 -7.27
C SER C 153 -6.85 12.65 -7.42
N MET C 154 -6.01 12.20 -8.34
CA MET C 154 -5.67 10.79 -8.46
C MET C 154 -4.15 10.62 -8.71
N ILE C 155 -3.63 9.44 -8.40
CA ILE C 155 -2.25 9.13 -8.54
C ILE C 155 -2.08 7.99 -9.57
N ARG C 156 -1.24 8.19 -10.60
CA ARG C 156 -0.95 7.16 -11.61
C ARG C 156 0.52 6.75 -11.50
N ARG C 157 0.86 5.61 -12.09
CA ARG C 157 2.24 5.20 -12.22
C ARG C 157 2.49 4.92 -13.70
N ASP C 158 3.17 5.83 -14.39
CA ASP C 158 3.45 5.68 -15.82
C ASP C 158 4.92 5.27 -16.06
N PRO C 159 5.20 4.72 -17.25
CA PRO C 159 6.56 4.32 -17.61
C PRO C 159 7.41 5.55 -17.93
N LEU C 160 8.72 5.38 -17.95
CA LEU C 160 9.65 6.48 -18.24
C LEU C 160 9.95 6.62 -19.70
N GLY C 161 10.15 5.52 -20.39
CA GLY C 161 10.52 5.61 -21.80
C GLY C 161 11.50 4.53 -22.17
N VAL C 162 12.67 4.93 -22.66
CA VAL C 162 13.69 3.97 -23.01
C VAL C 162 14.62 3.70 -21.83
N VAL C 163 14.81 2.43 -21.48
CA VAL C 163 15.72 2.05 -20.43
C VAL C 163 16.93 1.32 -21.02
N ALA C 164 18.13 1.75 -20.64
CA ALA C 164 19.35 1.06 -21.04
C ALA C 164 19.74 0.13 -19.88
N SER C 165 19.92 -1.15 -20.16
CA SER C 165 20.28 -2.10 -19.10
C SER C 165 21.62 -2.72 -19.38
N ILE C 166 22.47 -2.72 -18.36
CA ILE C 166 23.79 -3.29 -18.49
C ILE C 166 23.95 -4.42 -17.49
N ALA C 167 24.14 -5.64 -18.01
CA ALA C 167 24.20 -6.85 -17.16
C ALA C 167 25.65 -7.28 -16.92
N PRO C 168 25.91 -7.83 -15.73
CA PRO C 168 27.26 -8.27 -15.37
C PRO C 168 27.55 -9.69 -15.90
N TRP C 169 28.76 -10.17 -15.66
CA TRP C 169 29.11 -11.48 -16.19
C TRP C 169 28.92 -12.64 -15.20
N ASN C 170 28.59 -12.37 -13.94
CA ASN C 170 28.49 -13.49 -12.99
C ASN C 170 27.23 -14.38 -13.12
N TYR C 171 26.08 -13.77 -13.41
CA TYR C 171 24.86 -14.53 -13.68
C TYR C 171 24.22 -13.82 -14.89
N PRO C 172 24.74 -14.09 -16.08
CA PRO C 172 24.35 -13.33 -17.27
C PRO C 172 22.85 -13.37 -17.54
N LEU C 173 22.26 -14.56 -17.62
CA LEU C 173 20.83 -14.67 -17.97
C LEU C 173 19.92 -14.22 -16.82
N MET C 174 20.26 -14.60 -15.60
CA MET C 174 19.52 -14.19 -14.41
C MET C 174 19.44 -12.65 -14.32
N MET C 175 20.60 -12.01 -14.46
CA MET C 175 20.72 -10.55 -14.35
C MET C 175 19.98 -9.89 -15.51
N ALA C 176 20.04 -10.51 -16.67
CA ALA C 176 19.30 -10.01 -17.82
C ALA C 176 17.81 -10.05 -17.47
N ALA C 177 17.36 -11.14 -16.86
CA ALA C 177 15.94 -11.22 -16.47
C ALA C 177 15.58 -10.16 -15.43
N TRP C 178 16.43 -9.98 -14.42
CA TRP C 178 16.16 -9.01 -13.37
C TRP C 178 15.98 -7.61 -13.94
N LYS C 179 16.63 -7.33 -15.07
CA LYS C 179 16.51 -6.00 -15.63
C LYS C 179 15.39 -5.90 -16.64
N LEU C 180 15.22 -6.92 -17.45
CA LEU C 180 14.16 -6.89 -18.45
C LEU C 180 12.75 -6.96 -17.86
N ALA C 181 12.52 -7.90 -16.97
CA ALA C 181 11.17 -8.15 -16.47
C ALA C 181 10.46 -6.92 -15.88
N PRO C 182 11.03 -6.28 -14.86
CA PRO C 182 10.34 -5.11 -14.29
C PRO C 182 10.24 -3.93 -15.27
N ALA C 183 11.26 -3.67 -16.06
CA ALA C 183 11.20 -2.56 -17.01
C ALA C 183 10.06 -2.72 -18.01
N LEU C 184 9.94 -3.93 -18.56
CA LEU C 184 8.86 -4.21 -19.50
C LEU C 184 7.49 -4.23 -18.80
N ALA C 185 7.45 -4.82 -17.61
CA ALA C 185 6.20 -4.90 -16.88
C ALA C 185 5.64 -3.50 -16.63
N ALA C 186 6.54 -2.56 -16.41
CA ALA C 186 6.19 -1.18 -16.17
C ALA C 186 5.78 -0.43 -17.45
N GLY C 187 6.03 -1.01 -18.62
CA GLY C 187 5.63 -0.34 -19.83
C GLY C 187 6.75 0.40 -20.53
N ASN C 188 8.00 0.13 -20.17
CA ASN C 188 9.13 0.77 -20.87
C ASN C 188 9.65 -0.11 -22.00
N CYS C 189 10.43 0.49 -22.91
CA CYS C 189 11.14 -0.25 -23.93
C CYS C 189 12.60 -0.37 -23.45
N VAL C 190 13.26 -1.46 -23.82
CA VAL C 190 14.58 -1.73 -23.25
C VAL C 190 15.63 -1.96 -24.31
N VAL C 191 16.84 -1.42 -24.09
CA VAL C 191 17.99 -1.81 -24.88
C VAL C 191 18.97 -2.46 -23.87
N LEU C 192 19.22 -3.75 -24.06
CA LEU C 192 20.02 -4.54 -23.14
C LEU C 192 21.44 -4.79 -23.68
N LYS C 193 22.43 -4.60 -22.82
CA LYS C 193 23.80 -4.90 -23.20
C LYS C 193 24.35 -5.88 -22.18
N PRO C 194 24.62 -7.12 -22.59
CA PRO C 194 25.23 -8.11 -21.69
C PRO C 194 26.71 -7.78 -21.54
N SER C 195 27.40 -8.41 -20.59
CA SER C 195 28.84 -8.24 -20.46
C SER C 195 29.53 -8.76 -21.72
N GLU C 196 30.66 -8.14 -22.09
CA GLU C 196 31.43 -8.58 -23.26
C GLU C 196 31.96 -10.00 -23.06
N ILE C 197 32.12 -10.37 -21.79
CA ILE C 197 32.66 -11.66 -21.38
C ILE C 197 31.63 -12.78 -21.51
N THR C 198 30.36 -12.46 -21.30
CA THR C 198 29.35 -13.51 -21.27
C THR C 198 28.07 -13.20 -22.02
N PRO C 199 28.14 -13.08 -23.33
CA PRO C 199 26.95 -12.72 -24.11
C PRO C 199 26.11 -13.91 -24.61
N LEU C 200 26.57 -15.16 -24.45
CA LEU C 200 25.89 -16.26 -25.13
C LEU C 200 24.42 -16.44 -24.79
N THR C 201 24.09 -16.48 -23.50
CA THR C 201 22.69 -16.66 -23.17
C THR C 201 21.80 -15.50 -23.63
N ALA C 202 22.34 -14.29 -23.65
CA ALA C 202 21.53 -13.13 -24.06
C ALA C 202 21.25 -13.15 -25.55
N LEU C 203 22.22 -13.61 -26.33
CA LEU C 203 22.03 -13.69 -27.76
C LEU C 203 21.10 -14.86 -28.14
N LYS C 204 21.11 -15.93 -27.34
CA LYS C 204 20.13 -17.00 -27.55
C LYS C 204 18.74 -16.47 -27.19
N LEU C 205 18.67 -15.68 -26.11
CA LEU C 205 17.40 -15.09 -25.71
C LEU C 205 16.90 -14.20 -26.84
N ALA C 206 17.81 -13.46 -27.45
CA ALA C 206 17.46 -12.57 -28.55
C ALA C 206 16.75 -13.36 -29.62
N GLU C 207 17.32 -14.51 -29.96
CA GLU C 207 16.72 -15.33 -30.99
C GLU C 207 15.31 -15.79 -30.60
N LEU C 208 15.18 -16.31 -29.39
CA LEU C 208 13.91 -16.90 -29.00
C LEU C 208 12.82 -15.89 -28.70
N ALA C 209 13.21 -14.68 -28.29
CA ALA C 209 12.26 -13.68 -27.84
C ALA C 209 11.87 -12.65 -28.91
N LYS C 210 12.52 -12.76 -30.06
CA LYS C 210 12.32 -11.86 -31.18
C LYS C 210 10.87 -11.47 -31.50
N ASP C 211 9.97 -12.44 -31.48
CA ASP C 211 8.61 -12.17 -31.88
C ASP C 211 7.61 -12.04 -30.73
N ILE C 212 8.07 -12.09 -29.48
CA ILE C 212 7.12 -12.02 -28.37
C ILE C 212 6.57 -10.61 -28.11
N PHE C 213 7.44 -9.62 -28.23
CA PHE C 213 7.07 -8.24 -28.01
C PHE C 213 7.03 -7.50 -29.34
N PRO C 214 6.33 -6.39 -29.44
CA PRO C 214 6.36 -5.64 -30.70
C PRO C 214 7.79 -5.18 -31.01
N ALA C 215 8.06 -4.96 -32.29
CA ALA C 215 9.37 -4.56 -32.77
C ALA C 215 9.91 -3.36 -32.00
N GLY C 216 11.12 -3.48 -31.48
CA GLY C 216 11.74 -2.34 -30.85
C GLY C 216 11.50 -2.26 -29.36
N VAL C 217 10.56 -3.04 -28.83
CA VAL C 217 10.29 -3.01 -27.41
C VAL C 217 11.43 -3.62 -26.61
N VAL C 218 12.06 -4.65 -27.16
CA VAL C 218 13.25 -5.24 -26.54
C VAL C 218 14.35 -5.26 -27.58
N ASN C 219 15.54 -4.77 -27.22
CA ASN C 219 16.68 -4.80 -28.12
C ASN C 219 17.86 -5.34 -27.35
N ILE C 220 18.68 -6.17 -28.00
CA ILE C 220 19.84 -6.75 -27.32
C ILE C 220 21.07 -6.54 -28.15
N LEU C 221 22.06 -5.87 -27.55
CA LEU C 221 23.31 -5.57 -28.23
C LEU C 221 24.45 -6.39 -27.64
N PHE C 222 25.63 -6.20 -28.19
CA PHE C 222 26.80 -6.86 -27.66
C PHE C 222 27.99 -5.96 -27.87
N GLY C 223 28.87 -5.90 -26.88
CA GLY C 223 30.11 -5.17 -27.05
C GLY C 223 30.71 -4.70 -25.74
N ARG C 224 31.86 -4.06 -25.84
CA ARG C 224 32.58 -3.57 -24.67
C ARG C 224 31.99 -2.27 -24.13
N GLY C 225 32.35 -1.95 -22.90
CA GLY C 225 31.84 -0.75 -22.24
C GLY C 225 32.16 0.51 -23.02
N LYS C 226 33.40 0.63 -23.46
CA LYS C 226 33.84 1.84 -24.12
C LYS C 226 33.25 2.02 -25.51
N THR C 227 33.08 0.92 -26.23
CA THR C 227 32.59 1.06 -27.61
C THR C 227 31.08 0.95 -27.78
N VAL C 228 30.40 0.30 -26.85
CA VAL C 228 28.97 0.09 -26.99
C VAL C 228 28.19 0.59 -25.77
N GLY C 229 28.70 0.31 -24.58
CA GLY C 229 28.06 0.75 -23.34
C GLY C 229 27.99 2.26 -23.19
N ASP C 230 29.11 2.94 -23.43
CA ASP C 230 29.15 4.41 -23.32
C ASP C 230 28.18 5.13 -24.25
N PRO C 231 28.20 4.84 -25.54
CA PRO C 231 27.26 5.49 -26.47
C PRO C 231 25.82 5.14 -26.14
N LEU C 232 25.60 3.96 -25.58
CA LEU C 232 24.26 3.56 -25.19
C LEU C 232 23.76 4.36 -23.98
N THR C 233 24.49 4.30 -22.88
CA THR C 233 24.06 4.99 -21.66
C THR C 233 24.04 6.49 -21.81
N GLY C 234 24.79 7.00 -22.78
CA GLY C 234 24.86 8.44 -23.00
C GLY C 234 23.91 8.98 -24.06
N HIS C 235 23.08 8.10 -24.62
CA HIS C 235 22.14 8.52 -25.66
C HIS C 235 21.07 9.45 -25.09
N PRO C 236 20.82 10.57 -25.76
CA PRO C 236 19.85 11.54 -25.28
C PRO C 236 18.45 10.97 -25.12
N LYS C 237 18.08 9.91 -25.84
CA LYS C 237 16.72 9.35 -25.65
C LYS C 237 16.63 8.33 -24.53
N VAL C 238 17.76 7.98 -23.93
CA VAL C 238 17.71 7.05 -22.81
C VAL C 238 17.28 7.81 -21.56
N ARG C 239 16.28 7.28 -20.85
CA ARG C 239 15.78 7.97 -19.65
C ARG C 239 16.27 7.38 -18.33
N MET C 240 16.64 6.11 -18.37
CA MET C 240 17.11 5.42 -17.15
C MET C 240 18.18 4.45 -17.54
N VAL C 241 19.16 4.29 -16.66
CA VAL C 241 20.24 3.34 -16.88
C VAL C 241 20.26 2.44 -15.65
N SER C 242 20.17 1.15 -15.91
CA SER C 242 20.15 0.19 -14.85
C SER C 242 21.42 -0.64 -14.94
N LEU C 243 22.20 -0.66 -13.88
CA LEU C 243 23.48 -1.36 -13.94
C LEU C 243 23.71 -2.28 -12.76
N THR C 244 24.23 -3.48 -13.03
CA THR C 244 24.79 -4.30 -11.97
C THR C 244 26.25 -4.43 -12.39
N GLY C 245 27.18 -4.10 -11.50
CA GLY C 245 28.59 -4.12 -11.84
C GLY C 245 29.46 -3.68 -10.69
N SER C 246 30.64 -3.20 -11.01
CA SER C 246 31.59 -2.75 -9.99
C SER C 246 31.34 -1.32 -9.58
N ILE C 247 31.88 -0.96 -8.42
CA ILE C 247 31.76 0.39 -7.94
C ILE C 247 32.36 1.36 -8.94
N ALA C 248 33.51 0.99 -9.49
CA ALA C 248 34.17 1.84 -10.46
C ALA C 248 33.29 2.10 -11.68
N THR C 249 32.61 1.05 -12.14
CA THR C 249 31.77 1.19 -13.31
C THR C 249 30.60 2.10 -12.96
N GLY C 250 30.05 1.89 -11.77
CA GLY C 250 28.93 2.67 -11.28
C GLY C 250 29.32 4.13 -11.28
N GLU C 251 30.50 4.42 -10.77
CA GLU C 251 30.93 5.79 -10.68
C GLU C 251 31.03 6.38 -12.08
N HIS C 252 31.61 5.61 -12.99
CA HIS C 252 31.80 6.06 -14.37
C HIS C 252 30.46 6.38 -15.03
N ILE C 253 29.49 5.49 -14.90
CA ILE C 253 28.17 5.72 -15.50
C ILE C 253 27.48 6.97 -14.93
N ILE C 254 27.45 7.09 -13.60
CA ILE C 254 26.87 8.29 -12.98
C ILE C 254 27.53 9.54 -13.55
N SER C 255 28.87 9.57 -13.61
CA SER C 255 29.54 10.77 -14.14
C SER C 255 29.20 10.99 -15.60
N HIS C 256 29.04 9.88 -16.34
CA HIS C 256 28.76 9.95 -17.77
C HIS C 256 27.35 10.44 -18.08
N THR C 257 26.38 10.13 -17.22
CA THR C 257 24.99 10.53 -17.44
C THR C 257 24.57 11.84 -16.75
N ALA C 258 25.49 12.39 -15.96
CA ALA C 258 25.24 13.61 -15.20
C ALA C 258 24.62 14.74 -16.03
N SER C 259 25.20 14.98 -17.21
CA SER C 259 24.75 16.09 -18.05
C SER C 259 23.28 16.03 -18.46
N SER C 260 22.69 14.84 -18.44
CA SER C 260 21.28 14.77 -18.79
C SER C 260 20.38 14.31 -17.64
N ILE C 261 20.89 14.38 -16.42
CA ILE C 261 20.05 14.00 -15.26
C ILE C 261 19.33 12.65 -15.41
N LYS C 262 19.94 11.66 -16.04
CA LYS C 262 19.24 10.38 -16.19
C LYS C 262 18.97 9.71 -14.84
N ARG C 263 17.89 8.96 -14.79
CA ARG C 263 17.59 8.19 -13.59
C ARG C 263 18.53 7.00 -13.66
N THR C 264 18.99 6.55 -12.52
CA THR C 264 19.90 5.42 -12.48
C THR C 264 19.40 4.42 -11.46
N HIS C 265 19.79 3.17 -11.66
CA HIS C 265 19.39 2.09 -10.80
C HIS C 265 20.66 1.24 -10.71
N MET C 266 21.18 1.06 -9.50
CA MET C 266 22.47 0.44 -9.38
C MET C 266 22.76 -0.52 -8.24
N GLU C 267 23.33 -1.64 -8.62
CA GLU C 267 23.72 -2.67 -7.67
C GLU C 267 25.21 -2.89 -7.91
N LEU C 268 26.05 -2.42 -7.00
CA LEU C 268 27.48 -2.34 -7.26
C LEU C 268 28.44 -3.22 -6.47
N GLY C 269 27.98 -4.27 -5.95
CA GLY C 269 28.99 -5.03 -5.21
C GLY C 269 28.59 -5.12 -3.75
N GLY C 270 29.19 -6.08 -3.07
CA GLY C 270 28.90 -6.32 -1.66
C GLY C 270 30.08 -7.02 -0.99
N LYS C 271 29.91 -7.13 0.30
CA LYS C 271 30.86 -7.76 1.21
C LYS C 271 30.11 -8.14 2.48
N ALA C 272 29.11 -8.97 2.26
CA ALA C 272 28.23 -9.49 3.31
C ALA C 272 29.06 -9.99 4.49
N PRO C 273 28.67 -9.30 5.60
CA PRO C 273 29.14 -9.74 6.91
C PRO C 273 28.30 -10.93 7.35
N VAL C 274 28.95 -11.90 7.99
CA VAL C 274 28.31 -13.07 8.50
C VAL C 274 28.71 -13.05 9.97
N ILE C 275 27.78 -12.69 10.83
CA ILE C 275 28.04 -12.54 12.25
C ILE C 275 27.61 -13.78 13.07
N VAL C 276 28.60 -14.48 13.60
CA VAL C 276 28.35 -15.73 14.31
C VAL C 276 28.58 -15.54 15.79
N PHE C 277 27.52 -15.62 16.60
CA PHE C 277 27.64 -15.51 18.06
C PHE C 277 27.96 -16.87 18.70
N ASP C 278 28.38 -16.84 19.95
CA ASP C 278 28.77 -18.05 20.69
C ASP C 278 27.64 -19.08 20.78
N ASP C 279 26.38 -18.64 20.69
CA ASP C 279 25.29 -19.62 20.79
C ASP C 279 24.77 -20.12 19.44
N ALA C 280 25.52 -19.89 18.37
CA ALA C 280 25.06 -20.31 17.05
C ALA C 280 25.22 -21.81 16.88
N ASP C 281 24.48 -22.39 15.95
CA ASP C 281 24.67 -23.80 15.61
C ASP C 281 25.91 -23.84 14.69
N ILE C 282 27.06 -24.21 15.23
CA ILE C 282 28.29 -24.14 14.44
C ILE C 282 28.28 -25.05 13.21
N GLU C 283 27.73 -26.25 13.37
CA GLU C 283 27.63 -27.20 12.26
C GLU C 283 26.78 -26.61 11.13
N ALA C 284 25.69 -25.91 11.48
CA ALA C 284 24.87 -25.26 10.45
C ALA C 284 25.63 -24.12 9.80
N VAL C 285 26.36 -23.34 10.60
CA VAL C 285 27.16 -22.25 9.99
C VAL C 285 28.15 -22.85 8.97
N VAL C 286 28.81 -23.92 9.36
CA VAL C 286 29.85 -24.50 8.50
C VAL C 286 29.24 -25.03 7.21
N GLU C 287 28.20 -25.85 7.35
CA GLU C 287 27.51 -26.42 6.21
C GLU C 287 27.01 -25.29 5.33
N GLY C 288 26.54 -24.21 5.96
CA GLY C 288 26.05 -23.07 5.23
C GLY C 288 27.13 -22.40 4.42
N VAL C 289 28.19 -21.97 5.09
CA VAL C 289 29.25 -21.22 4.45
C VAL C 289 29.98 -22.00 3.39
N ARG C 290 30.08 -23.31 3.56
CA ARG C 290 30.70 -24.16 2.56
C ARG C 290 30.02 -23.95 1.23
N THR C 291 28.71 -23.70 1.26
CA THR C 291 27.97 -23.41 0.03
C THR C 291 28.00 -21.93 -0.29
N PHE C 292 27.60 -21.10 0.68
CA PHE C 292 27.38 -19.66 0.42
C PHE C 292 28.64 -18.85 0.19
N GLY C 293 29.77 -19.33 0.69
CA GLY C 293 31.01 -18.60 0.47
C GLY C 293 31.68 -18.96 -0.84
N TYR C 294 31.22 -20.05 -1.46
CA TYR C 294 31.95 -20.63 -2.60
C TYR C 294 31.11 -20.92 -3.83
N TYR C 295 29.81 -20.81 -3.72
CA TYR C 295 28.92 -21.03 -4.86
C TYR C 295 29.31 -20.03 -5.95
N ASN C 296 29.28 -20.49 -7.21
CA ASN C 296 29.63 -19.64 -8.34
C ASN C 296 31.03 -19.10 -8.15
N ALA C 297 31.83 -19.86 -7.40
CA ALA C 297 33.22 -19.53 -7.13
C ALA C 297 33.35 -18.24 -6.35
N GLY C 298 32.34 -17.93 -5.55
CA GLY C 298 32.37 -16.69 -4.78
C GLY C 298 32.07 -15.44 -5.61
N GLN C 299 31.78 -15.62 -6.89
CA GLN C 299 31.44 -14.48 -7.73
C GLN C 299 29.96 -14.14 -7.60
N ASP C 300 29.59 -13.71 -6.40
CA ASP C 300 28.20 -13.42 -6.06
C ASP C 300 28.23 -12.24 -5.09
N CYS C 301 27.47 -11.20 -5.40
CA CYS C 301 27.44 -9.99 -4.59
C CYS C 301 26.96 -10.24 -3.14
N THR C 302 26.28 -11.36 -2.92
CA THR C 302 25.86 -11.74 -1.57
C THR C 302 26.64 -12.92 -0.97
N ALA C 303 27.80 -13.25 -1.52
CA ALA C 303 28.64 -14.34 -0.98
C ALA C 303 28.90 -14.12 0.50
N ALA C 304 28.87 -15.19 1.27
CA ALA C 304 29.20 -15.12 2.68
C ALA C 304 30.74 -15.08 2.83
N CYS C 305 31.33 -13.92 2.52
CA CYS C 305 32.78 -13.78 2.47
C CYS C 305 33.45 -13.17 3.70
N ARG C 306 32.70 -12.43 4.50
CA ARG C 306 33.31 -11.72 5.62
C ARG C 306 32.72 -12.21 6.94
N ILE C 307 33.37 -13.18 7.57
CA ILE C 307 32.85 -13.71 8.80
C ILE C 307 33.42 -13.02 10.01
N TYR C 308 32.51 -12.62 10.91
CA TYR C 308 32.87 -12.12 12.23
C TYR C 308 32.45 -13.22 13.18
N ALA C 309 33.40 -13.80 13.91
CA ALA C 309 33.11 -14.94 14.79
C ALA C 309 33.43 -14.59 16.24
N GLN C 310 32.48 -14.78 17.14
CA GLN C 310 32.68 -14.39 18.52
C GLN C 310 33.81 -15.23 19.14
N LYS C 311 34.60 -14.62 20.01
CA LYS C 311 35.81 -15.28 20.54
C LYS C 311 35.58 -16.69 21.13
N GLY C 312 34.43 -16.93 21.74
CA GLY C 312 34.15 -18.26 22.26
C GLY C 312 34.16 -19.38 21.23
N ILE C 313 33.56 -19.15 20.06
CA ILE C 313 33.45 -20.21 19.05
C ILE C 313 34.47 -20.06 17.94
N TYR C 314 35.28 -19.01 18.01
CA TYR C 314 36.19 -18.68 16.91
C TYR C 314 37.07 -19.81 16.46
N ASP C 315 37.86 -20.39 17.38
CA ASP C 315 38.77 -21.46 16.96
C ASP C 315 38.02 -22.68 16.44
N THR C 316 36.92 -23.02 17.09
CA THR C 316 36.14 -24.17 16.66
C THR C 316 35.60 -23.96 15.26
N LEU C 317 35.00 -22.80 15.01
CA LEU C 317 34.47 -22.50 13.68
C LEU C 317 35.55 -22.59 12.62
N VAL C 318 36.69 -21.95 12.87
CA VAL C 318 37.75 -21.91 11.86
C VAL C 318 38.22 -23.31 11.48
N GLU C 319 38.45 -24.17 12.48
CA GLU C 319 38.92 -25.52 12.21
C GLU C 319 37.90 -26.33 11.41
N LYS C 320 36.64 -26.31 11.85
CA LYS C 320 35.61 -27.07 11.15
C LYS C 320 35.35 -26.52 9.74
N LEU C 321 35.37 -25.21 9.59
CA LEU C 321 35.10 -24.62 8.29
C LEU C 321 36.25 -24.96 7.36
N GLY C 322 37.46 -24.95 7.90
CA GLY C 322 38.64 -25.23 7.10
C GLY C 322 38.55 -26.63 6.49
N ALA C 323 38.19 -27.59 7.32
CA ALA C 323 38.04 -28.97 6.87
C ALA C 323 36.92 -29.11 5.85
N ALA C 324 35.83 -28.38 6.05
CA ALA C 324 34.70 -28.47 5.14
C ALA C 324 35.02 -27.83 3.79
N VAL C 325 35.69 -26.69 3.81
CA VAL C 325 36.03 -25.99 2.58
C VAL C 325 37.06 -26.79 1.78
N ALA C 326 37.94 -27.49 2.48
CA ALA C 326 38.97 -28.28 1.79
C ALA C 326 38.41 -29.41 0.91
N THR C 327 37.19 -29.86 1.15
CA THR C 327 36.66 -30.95 0.34
C THR C 327 35.87 -30.50 -0.89
N LEU C 328 35.76 -29.20 -1.12
CA LEU C 328 35.01 -28.75 -2.29
C LEU C 328 35.64 -29.30 -3.56
N LYS C 329 34.83 -29.92 -4.40
CA LYS C 329 35.33 -30.53 -5.61
C LYS C 329 35.31 -29.63 -6.85
N SER C 330 36.49 -29.43 -7.41
CA SER C 330 36.68 -28.66 -8.64
C SER C 330 36.89 -29.67 -9.76
N GLY C 331 36.29 -29.47 -10.92
CA GLY C 331 36.41 -30.41 -12.01
C GLY C 331 35.64 -29.86 -13.19
N ALA C 332 35.41 -30.69 -14.20
CA ALA C 332 34.68 -30.28 -15.38
C ALA C 332 33.27 -29.83 -15.02
N PRO C 333 32.87 -28.68 -15.53
CA PRO C 333 31.52 -28.14 -15.28
C PRO C 333 30.42 -29.17 -15.60
N ASP C 334 30.62 -30.03 -16.59
CA ASP C 334 29.55 -30.97 -16.93
C ASP C 334 29.58 -32.27 -16.13
N ASP C 335 30.45 -32.33 -15.14
CA ASP C 335 30.49 -33.52 -14.28
C ASP C 335 29.59 -33.22 -13.09
N GLU C 336 28.66 -34.14 -12.81
CA GLU C 336 27.70 -33.98 -11.73
C GLU C 336 28.34 -33.77 -10.36
N SER C 337 29.57 -34.27 -10.19
CA SER C 337 30.24 -34.16 -8.89
C SER C 337 30.98 -32.84 -8.68
N THR C 338 31.06 -32.02 -9.73
CA THR C 338 31.75 -30.74 -9.61
C THR C 338 30.93 -29.80 -8.77
N GLU C 339 31.56 -29.21 -7.76
CA GLU C 339 30.90 -28.23 -6.90
C GLU C 339 31.47 -26.82 -7.14
N LEU C 340 32.72 -26.74 -7.57
CA LEU C 340 33.38 -25.44 -7.75
C LEU C 340 33.94 -25.26 -9.16
N GLY C 341 33.43 -24.27 -9.87
CA GLY C 341 33.91 -23.94 -11.22
C GLY C 341 35.04 -22.93 -11.17
N PRO C 342 35.52 -22.50 -12.33
CA PRO C 342 36.63 -21.54 -12.34
C PRO C 342 36.13 -20.11 -12.18
N LEU C 343 37.08 -19.16 -12.10
CA LEU C 343 36.72 -17.75 -12.11
C LEU C 343 36.40 -17.35 -13.56
N SER C 344 35.80 -16.19 -13.74
CA SER C 344 35.27 -15.82 -15.05
C SER C 344 36.27 -15.42 -16.14
N SER C 345 37.47 -14.98 -15.75
CA SER C 345 38.45 -14.51 -16.71
C SER C 345 39.84 -14.55 -16.10
N LEU C 346 40.84 -14.52 -16.96
CA LEU C 346 42.23 -14.50 -16.55
C LEU C 346 42.44 -13.30 -15.64
N ALA C 347 41.94 -12.16 -16.10
CA ALA C 347 42.11 -10.90 -15.36
C ALA C 347 41.49 -10.96 -13.96
N HIS C 348 40.32 -11.54 -13.87
CA HIS C 348 39.68 -11.67 -12.55
C HIS C 348 40.46 -12.65 -11.67
N LEU C 349 41.01 -13.70 -12.28
CA LEU C 349 41.85 -14.67 -11.55
C LEU C 349 43.05 -13.95 -10.97
N GLU C 350 43.68 -13.09 -11.79
CA GLU C 350 44.85 -12.34 -11.34
C GLU C 350 44.49 -11.47 -10.13
N ARG C 351 43.36 -10.77 -10.23
CA ARG C 351 42.93 -9.89 -9.14
C ARG C 351 42.65 -10.67 -7.86
N VAL C 352 42.03 -11.83 -7.98
CA VAL C 352 41.76 -12.61 -6.78
C VAL C 352 43.06 -13.06 -6.10
N GLY C 353 44.00 -13.54 -6.90
CA GLY C 353 45.28 -13.98 -6.39
C GLY C 353 46.01 -12.86 -5.67
N LYS C 354 45.98 -11.67 -6.27
CA LYS C 354 46.58 -10.48 -5.67
C LYS C 354 46.04 -10.19 -4.29
N ALA C 355 44.72 -10.16 -4.17
CA ALA C 355 44.11 -9.86 -2.89
C ALA C 355 44.52 -10.87 -1.82
N VAL C 356 44.64 -12.14 -2.20
CA VAL C 356 45.04 -13.14 -1.21
C VAL C 356 46.51 -12.91 -0.82
N GLU C 357 47.36 -12.67 -1.79
CA GLU C 357 48.77 -12.40 -1.49
C GLU C 357 48.94 -11.17 -0.60
N GLU C 358 48.10 -10.15 -0.81
CA GLU C 358 48.16 -8.96 0.04
C GLU C 358 47.75 -9.32 1.46
N ALA C 359 46.72 -10.16 1.60
CA ALA C 359 46.31 -10.59 2.93
C ALA C 359 47.47 -11.33 3.60
N LYS C 360 48.18 -12.14 2.83
CA LYS C 360 49.31 -12.89 3.37
C LYS C 360 50.48 -12.00 3.79
N ALA C 361 50.73 -10.94 3.03
CA ALA C 361 51.87 -10.05 3.29
C ALA C 361 51.66 -9.21 4.55
N THR C 362 50.43 -9.26 5.05
CA THR C 362 50.01 -8.62 6.28
C THR C 362 50.81 -9.11 7.50
N GLY C 363 51.19 -10.39 7.50
CA GLY C 363 51.93 -10.94 8.61
C GLY C 363 51.08 -11.52 9.74
N HIS C 364 49.78 -11.22 9.76
CA HIS C 364 48.95 -11.74 10.84
C HIS C 364 47.77 -12.55 10.33
N ILE C 365 47.77 -12.84 9.04
CA ILE C 365 46.66 -13.62 8.49
C ILE C 365 47.13 -15.01 8.17
N LYS C 366 46.39 -16.00 8.63
CA LYS C 366 46.79 -17.37 8.36
C LYS C 366 45.93 -18.02 7.27
N VAL C 367 46.58 -18.74 6.35
CA VAL C 367 45.88 -19.50 5.34
C VAL C 367 45.47 -20.84 5.93
N ILE C 368 44.18 -21.05 6.15
CA ILE C 368 43.75 -22.32 6.70
C ILE C 368 43.70 -23.38 5.63
N THR C 369 43.25 -22.99 4.44
CA THR C 369 43.25 -23.91 3.31
C THR C 369 43.20 -23.13 2.02
N GLY C 370 43.73 -23.70 0.94
CA GLY C 370 43.70 -23.05 -0.36
C GLY C 370 44.77 -21.98 -0.51
N GLY C 371 44.39 -20.84 -1.09
CA GLY C 371 45.32 -19.74 -1.24
C GLY C 371 46.32 -19.80 -2.39
N GLU C 372 45.92 -20.42 -3.49
CA GLU C 372 46.75 -20.51 -4.68
C GLU C 372 45.88 -20.79 -5.89
N LYS C 373 46.40 -20.50 -7.08
CA LYS C 373 45.72 -20.80 -8.32
C LYS C 373 45.94 -22.28 -8.62
N ARG C 374 45.05 -22.82 -9.26
CA ARG C 374 45.17 -24.22 -9.68
C ARG C 374 46.15 -24.33 -10.84
N LYS C 375 46.86 -25.42 -10.86
CA LYS C 375 47.74 -25.70 -11.97
C LYS C 375 46.82 -26.27 -13.02
N GLY C 376 47.14 -26.07 -14.27
CA GLY C 376 46.30 -26.60 -15.37
C GLY C 376 45.54 -25.45 -16.06
N ASN C 377 44.69 -25.89 -17.01
CA ASN C 377 44.02 -24.96 -17.88
C ASN C 377 42.83 -24.30 -17.20
N GLY C 378 42.33 -23.23 -17.79
CA GLY C 378 41.21 -22.53 -17.24
C GLY C 378 41.64 -21.60 -16.12
N TYR C 379 40.66 -20.95 -15.50
CA TYR C 379 40.95 -19.96 -14.48
C TYR C 379 40.51 -20.41 -13.09
N TYR C 380 40.98 -21.56 -12.66
CA TYR C 380 40.59 -22.08 -11.36
C TYR C 380 41.45 -21.51 -10.24
N TYR C 381 40.80 -21.22 -9.12
CA TYR C 381 41.48 -20.79 -7.91
C TYR C 381 40.99 -21.72 -6.77
N ALA C 382 41.91 -22.16 -5.93
CA ALA C 382 41.56 -23.09 -4.85
C ALA C 382 40.61 -22.45 -3.83
N PRO C 383 39.65 -23.21 -3.32
CA PRO C 383 38.72 -22.71 -2.31
C PRO C 383 39.55 -22.32 -1.07
N THR C 384 39.39 -21.10 -0.60
CA THR C 384 40.30 -20.53 0.37
C THR C 384 39.65 -19.99 1.65
N LEU C 385 40.27 -20.26 2.79
CA LEU C 385 39.81 -19.74 4.08
C LEU C 385 40.98 -19.04 4.76
N LEU C 386 40.78 -17.78 5.14
CA LEU C 386 41.82 -16.97 5.79
C LEU C 386 41.35 -16.63 7.18
N ALA C 387 42.21 -16.80 8.18
CA ALA C 387 41.80 -16.51 9.55
C ALA C 387 42.73 -15.48 10.17
N GLY C 388 42.23 -14.76 11.17
CA GLY C 388 43.02 -13.76 11.87
C GLY C 388 42.96 -12.38 11.22
N ALA C 389 42.04 -12.21 10.27
CA ALA C 389 41.89 -10.93 9.61
C ALA C 389 41.32 -9.90 10.57
N LEU C 390 41.85 -8.68 10.53
CA LEU C 390 41.40 -7.62 11.42
C LEU C 390 40.47 -6.65 10.69
N GLN C 391 39.62 -5.96 11.45
CA GLN C 391 38.61 -5.08 10.90
C GLN C 391 39.16 -4.13 9.82
N ASP C 392 40.33 -3.58 10.04
CA ASP C 392 40.88 -2.59 9.11
C ASP C 392 41.69 -3.17 7.94
N ASP C 393 41.85 -4.48 7.88
CA ASP C 393 42.62 -5.06 6.79
C ASP C 393 41.85 -4.97 5.47
N ALA C 394 42.58 -4.90 4.37
CA ALA C 394 42.00 -4.83 3.03
C ALA C 394 41.12 -6.04 2.72
N ILE C 395 41.51 -7.22 3.22
CA ILE C 395 40.68 -8.40 2.98
C ILE C 395 39.30 -8.33 3.65
N VAL C 396 39.13 -7.44 4.63
CA VAL C 396 37.85 -7.30 5.27
C VAL C 396 37.07 -6.10 4.71
N GLN C 397 37.81 -5.10 4.27
CA GLN C 397 37.19 -3.87 3.81
C GLN C 397 36.88 -3.83 2.32
N LYS C 398 37.53 -4.68 1.52
CA LYS C 398 37.38 -4.63 0.07
C LYS C 398 36.91 -5.95 -0.53
N GLU C 399 35.94 -5.87 -1.44
CA GLU C 399 35.37 -7.03 -2.10
C GLU C 399 36.45 -7.79 -2.92
N VAL C 400 36.44 -9.12 -2.80
CA VAL C 400 37.35 -9.97 -3.58
C VAL C 400 36.60 -10.66 -4.73
N PHE C 401 35.38 -11.11 -4.46
CA PHE C 401 34.55 -11.71 -5.49
C PHE C 401 35.22 -12.99 -6.03
N GLY C 402 35.76 -13.81 -5.13
CA GLY C 402 36.36 -15.08 -5.48
C GLY C 402 36.07 -16.11 -4.39
N PRO C 403 36.58 -17.32 -4.54
CA PRO C 403 36.30 -18.39 -3.59
C PRO C 403 37.21 -18.23 -2.37
N VAL C 404 36.98 -17.14 -1.65
CA VAL C 404 37.81 -16.73 -0.53
C VAL C 404 36.91 -16.20 0.60
N VAL C 405 37.13 -16.73 1.80
CA VAL C 405 36.37 -16.30 2.96
C VAL C 405 37.36 -15.94 4.07
N SER C 406 37.10 -14.86 4.79
CA SER C 406 37.99 -14.47 5.89
C SER C 406 37.22 -14.51 7.19
N VAL C 407 37.93 -14.73 8.29
CA VAL C 407 37.32 -14.78 9.60
C VAL C 407 38.02 -13.83 10.58
N THR C 408 37.22 -13.01 11.26
CA THR C 408 37.69 -11.99 12.20
C THR C 408 37.06 -12.25 13.55
N PRO C 409 37.85 -12.34 14.61
CA PRO C 409 37.29 -12.58 15.94
C PRO C 409 36.66 -11.32 16.52
N PHE C 410 35.56 -11.44 17.27
CA PHE C 410 34.98 -10.28 17.94
C PHE C 410 34.60 -10.58 19.39
N ASP C 411 34.45 -9.54 20.20
CA ASP C 411 34.15 -9.67 21.62
C ASP C 411 32.66 -9.61 21.98
N ASN C 412 31.97 -8.57 21.49
CA ASN C 412 30.60 -8.36 21.91
C ASN C 412 29.72 -7.77 20.83
N GLU C 413 28.42 -7.82 21.09
CA GLU C 413 27.39 -7.41 20.14
C GLU C 413 27.50 -5.98 19.67
N GLU C 414 27.65 -5.05 20.60
CA GLU C 414 27.73 -3.64 20.20
C GLU C 414 28.93 -3.44 19.28
N GLN C 415 30.06 -4.02 19.67
CA GLN C 415 31.27 -3.88 18.88
C GLN C 415 31.13 -4.40 17.47
N VAL C 416 30.56 -5.61 17.32
CA VAL C 416 30.50 -6.22 15.99
C VAL C 416 29.48 -5.54 15.07
N VAL C 417 28.36 -5.08 15.62
CA VAL C 417 27.38 -4.36 14.79
C VAL C 417 28.02 -3.06 14.28
N ASN C 418 28.74 -2.34 15.14
CA ASN C 418 29.46 -1.16 14.68
C ASN C 418 30.55 -1.53 13.65
N TRP C 419 31.26 -2.64 13.85
CA TRP C 419 32.26 -3.06 12.83
C TRP C 419 31.56 -3.31 11.50
N ALA C 420 30.50 -4.11 11.52
CA ALA C 420 29.82 -4.47 10.28
C ALA C 420 29.24 -3.23 9.61
N ASN C 421 28.71 -2.30 10.39
CA ASN C 421 28.17 -1.08 9.81
C ASN C 421 29.25 -0.08 9.34
N ASP C 422 30.48 -0.27 9.77
CA ASP C 422 31.55 0.61 9.31
C ASP C 422 32.15 0.00 8.06
N SER C 423 31.42 0.14 6.97
CA SER C 423 31.79 -0.48 5.72
C SER C 423 31.27 0.42 4.60
N GLN C 424 31.88 0.31 3.43
CA GLN C 424 31.39 1.09 2.30
C GLN C 424 30.28 0.30 1.63
N TYR C 425 30.15 -0.98 2.00
CA TYR C 425 29.16 -1.87 1.39
C TYR C 425 27.87 -1.91 2.18
N GLY C 426 26.77 -2.29 1.53
CA GLY C 426 25.47 -2.34 2.19
C GLY C 426 24.40 -3.20 1.53
N LEU C 427 24.79 -4.31 0.93
CA LEU C 427 23.85 -5.12 0.20
C LEU C 427 23.17 -6.23 1.02
N ALA C 428 23.97 -7.09 1.64
CA ALA C 428 23.38 -8.21 2.36
C ALA C 428 24.23 -8.58 3.55
N SER C 429 23.65 -9.39 4.44
CA SER C 429 24.28 -9.76 5.72
C SER C 429 23.56 -10.92 6.35
N SER C 430 24.23 -11.60 7.29
CA SER C 430 23.51 -12.60 8.05
C SER C 430 23.97 -12.58 9.50
N VAL C 431 23.10 -13.03 10.39
CA VAL C 431 23.42 -13.13 11.80
C VAL C 431 23.04 -14.52 12.27
N TRP C 432 23.96 -15.19 12.98
CA TRP C 432 23.69 -16.56 13.44
C TRP C 432 23.70 -16.60 14.97
N THR C 433 22.57 -16.90 15.56
CA THR C 433 22.44 -16.95 17.02
C THR C 433 21.12 -17.63 17.31
N LYS C 434 21.03 -18.35 18.43
CA LYS C 434 19.76 -18.97 18.75
C LYS C 434 18.86 -18.04 19.57
N ASP C 435 19.44 -16.97 20.09
CA ASP C 435 18.69 -16.02 20.94
C ASP C 435 17.75 -15.08 20.16
N VAL C 436 16.45 -15.16 20.49
CA VAL C 436 15.41 -14.36 19.86
C VAL C 436 15.70 -12.89 19.91
N GLY C 437 15.99 -12.43 21.13
CA GLY C 437 16.24 -11.02 21.34
C GLY C 437 17.40 -10.50 20.50
N ARG C 438 18.52 -11.22 20.55
CA ARG C 438 19.72 -10.81 19.85
C ARG C 438 19.51 -10.82 18.34
N ALA C 439 18.83 -11.83 17.83
CA ALA C 439 18.58 -11.88 16.40
C ALA C 439 17.81 -10.64 15.91
N HIS C 440 16.82 -10.20 16.68
CA HIS C 440 16.03 -9.04 16.25
C HIS C 440 16.76 -7.75 16.45
N ARG C 441 17.50 -7.63 17.55
CA ARG C 441 18.26 -6.42 17.82
C ARG C 441 19.26 -6.18 16.70
N VAL C 442 20.06 -7.19 16.38
CA VAL C 442 21.08 -7.07 15.31
C VAL C 442 20.45 -6.82 13.95
N SER C 443 19.39 -7.56 13.61
CA SER C 443 18.73 -7.40 12.33
C SER C 443 18.21 -6.00 12.14
N ALA C 444 17.67 -5.45 13.23
CA ALA C 444 17.15 -4.11 13.23
C ALA C 444 18.25 -3.06 12.95
N ARG C 445 19.45 -3.28 13.47
CA ARG C 445 20.52 -2.27 13.35
C ARG C 445 21.48 -2.36 12.16
N LEU C 446 21.51 -3.50 11.49
CA LEU C 446 22.44 -3.68 10.38
C LEU C 446 22.05 -2.77 9.21
N GLN C 447 23.03 -2.07 8.67
CA GLN C 447 22.81 -1.14 7.55
C GLN C 447 23.05 -1.84 6.19
N TYR C 448 22.25 -2.86 5.93
CA TYR C 448 22.36 -3.72 4.75
C TYR C 448 20.97 -3.96 4.21
N GLY C 449 20.82 -3.96 2.88
CA GLY C 449 19.52 -4.19 2.25
C GLY C 449 18.81 -5.47 2.66
N CYS C 450 19.57 -6.51 2.97
CA CYS C 450 19.01 -7.79 3.38
C CYS C 450 19.73 -8.29 4.62
N THR C 451 19.00 -8.86 5.55
CA THR C 451 19.62 -9.59 6.68
C THR C 451 18.95 -10.96 6.84
N TRP C 452 19.71 -12.04 6.66
CA TRP C 452 19.22 -13.37 6.96
C TRP C 452 19.56 -13.73 8.41
N VAL C 453 18.67 -14.48 9.08
CA VAL C 453 18.93 -14.97 10.42
C VAL C 453 19.00 -16.48 10.39
N ASN C 454 20.16 -17.02 10.78
CA ASN C 454 20.43 -18.45 10.81
C ASN C 454 20.37 -19.09 9.42
N THR C 455 20.66 -18.29 8.39
CA THR C 455 20.83 -18.80 7.05
C THR C 455 21.52 -17.68 6.28
N HIS C 456 21.63 -17.82 4.97
CA HIS C 456 22.25 -16.79 4.14
C HIS C 456 21.87 -17.13 2.73
N PHE C 457 22.00 -16.18 1.84
CA PHE C 457 21.97 -16.46 0.40
C PHE C 457 20.62 -16.82 -0.22
N MET C 458 19.53 -16.81 0.54
CA MET C 458 18.24 -17.19 -0.04
C MET C 458 17.46 -16.00 -0.60
N LEU C 459 17.08 -16.06 -1.86
CA LEU C 459 16.33 -14.98 -2.48
C LEU C 459 15.03 -15.53 -3.04
N VAL C 460 13.97 -14.74 -2.99
CA VAL C 460 12.71 -15.13 -3.62
C VAL C 460 12.21 -13.94 -4.45
N SER C 461 11.48 -14.23 -5.52
CA SER C 461 11.02 -13.18 -6.43
C SER C 461 10.20 -12.10 -5.75
N GLU C 462 9.50 -12.43 -4.66
CA GLU C 462 8.69 -11.36 -4.09
C GLU C 462 9.36 -10.36 -3.09
N MET C 463 10.61 -10.65 -2.69
CA MET C 463 11.29 -9.83 -1.69
C MET C 463 12.45 -9.06 -2.35
N PRO C 464 12.58 -7.78 -2.04
CA PRO C 464 13.55 -6.94 -2.73
C PRO C 464 15.00 -7.22 -2.36
N HIS C 465 15.86 -7.01 -3.35
CA HIS C 465 17.29 -7.20 -3.20
C HIS C 465 17.89 -5.90 -3.69
N GLY C 466 18.69 -5.23 -2.88
CA GLY C 466 19.30 -3.97 -3.32
C GLY C 466 20.07 -3.38 -2.14
N GLY C 467 21.01 -2.48 -2.41
CA GLY C 467 21.88 -2.01 -1.36
C GLY C 467 21.68 -0.60 -0.86
N GLN C 468 22.67 -0.16 -0.07
CA GLN C 468 22.78 1.15 0.54
C GLN C 468 24.24 1.51 0.37
N LYS C 469 24.60 2.75 0.67
CA LYS C 469 25.99 3.18 0.59
C LYS C 469 26.57 2.89 -0.79
N LEU C 470 27.84 2.47 -0.86
CA LEU C 470 28.46 2.29 -2.18
C LEU C 470 27.96 1.05 -2.93
N SER C 471 27.16 0.22 -2.27
CA SER C 471 26.52 -0.89 -2.95
C SER C 471 25.44 -0.40 -3.92
N GLY C 472 25.06 0.86 -3.80
CA GLY C 472 24.09 1.41 -4.75
C GLY C 472 22.72 1.71 -4.19
N TYR C 473 21.71 1.66 -5.05
CA TYR C 473 20.34 1.98 -4.66
C TYR C 473 19.42 1.41 -5.72
N GLY C 474 18.15 1.29 -5.40
CA GLY C 474 17.20 0.67 -6.31
C GLY C 474 17.08 -0.80 -5.90
N LYS C 475 15.97 -1.43 -6.25
CA LYS C 475 15.75 -2.80 -5.89
C LYS C 475 15.58 -3.69 -7.10
N ASP C 476 16.02 -4.94 -6.97
CA ASP C 476 15.68 -5.95 -7.95
C ASP C 476 14.69 -6.88 -7.29
N MET C 477 13.82 -7.46 -8.10
CA MET C 477 12.73 -8.28 -7.64
C MET C 477 11.77 -7.49 -6.71
N SER C 478 10.63 -8.10 -6.40
CA SER C 478 9.55 -7.53 -5.60
C SER C 478 8.79 -6.42 -6.34
N LEU C 479 7.67 -6.01 -5.75
CA LEU C 479 6.91 -4.90 -6.27
C LEU C 479 7.74 -3.63 -6.29
N TYR C 480 8.70 -3.49 -5.38
CA TYR C 480 9.55 -2.29 -5.35
C TYR C 480 10.42 -2.22 -6.59
N GLY C 481 10.79 -3.39 -7.11
CA GLY C 481 11.61 -3.45 -8.29
C GLY C 481 10.83 -2.95 -9.49
N LEU C 482 9.54 -3.21 -9.47
CA LEU C 482 8.67 -2.74 -10.53
C LEU C 482 8.51 -1.22 -10.41
N GLU C 483 8.19 -0.75 -9.20
CA GLU C 483 7.98 0.70 -8.99
C GLU C 483 9.16 1.56 -9.47
N ASP C 484 10.37 1.06 -9.28
CA ASP C 484 11.58 1.80 -9.72
C ASP C 484 11.56 2.15 -11.21
N TYR C 485 10.76 1.43 -11.99
CA TYR C 485 10.71 1.68 -13.44
C TYR C 485 9.52 2.52 -13.89
N THR C 486 8.90 3.21 -12.93
CA THR C 486 7.75 4.06 -13.25
C THR C 486 7.96 5.43 -12.67
N VAL C 487 7.12 6.38 -13.08
CA VAL C 487 7.13 7.67 -12.45
C VAL C 487 5.72 7.90 -11.89
N VAL C 488 5.64 8.34 -10.65
CA VAL C 488 4.36 8.62 -10.02
C VAL C 488 3.89 9.97 -10.55
N ARG C 489 2.62 10.06 -10.92
CA ARG C 489 2.05 11.31 -11.45
C ARG C 489 0.77 11.70 -10.69
N HIS C 490 0.59 12.99 -10.46
CA HIS C 490 -0.60 13.50 -9.79
C HIS C 490 -1.46 14.20 -10.82
N VAL C 491 -2.70 13.74 -10.99
CA VAL C 491 -3.65 14.42 -11.89
C VAL C 491 -4.75 14.99 -11.02
N MET C 492 -5.03 16.27 -11.18
CA MET C 492 -5.99 16.97 -10.33
C MET C 492 -7.02 17.72 -11.16
N VAL C 493 -8.29 17.34 -11.03
CA VAL C 493 -9.36 17.91 -11.85
C VAL C 493 -10.24 18.87 -11.06
N LYS C 494 -10.28 20.12 -11.47
CA LYS C 494 -11.10 21.07 -10.79
C LYS C 494 -12.52 20.76 -11.17
N HIS C 495 -13.43 20.75 -10.23
CA HIS C 495 -14.76 20.43 -10.67
C HIS C 495 -15.77 21.27 -10.00
N MET D 22 -20.05 15.91 38.42
CA MET D 22 -20.59 15.06 37.36
C MET D 22 -21.53 15.61 36.29
N GLN D 23 -21.03 15.54 35.07
CA GLN D 23 -21.81 15.89 33.90
C GLN D 23 -22.76 14.71 33.68
N HIS D 24 -24.01 15.00 33.33
CA HIS D 24 -24.98 13.93 33.11
C HIS D 24 -25.87 14.19 31.91
N LYS D 25 -25.51 15.14 31.07
CA LYS D 25 -26.33 15.42 29.91
C LYS D 25 -25.87 14.72 28.63
N LEU D 26 -26.81 14.45 27.74
CA LEU D 26 -26.49 13.80 26.47
C LEU D 26 -26.10 14.87 25.46
N LEU D 27 -25.36 14.48 24.45
CA LEU D 27 -24.99 15.41 23.39
C LEU D 27 -25.77 14.99 22.19
N ILE D 28 -26.68 15.85 21.75
CA ILE D 28 -27.45 15.57 20.56
C ILE D 28 -27.47 16.80 19.67
N ASN D 29 -27.00 16.65 18.45
CA ASN D 29 -27.04 17.74 17.48
C ASN D 29 -26.44 19.04 18.02
N GLY D 30 -25.27 18.94 18.64
CA GLY D 30 -24.58 20.12 19.13
C GLY D 30 -25.12 20.73 20.41
N GLU D 31 -26.11 20.10 21.04
CA GLU D 31 -26.64 20.64 22.31
C GLU D 31 -26.52 19.61 23.42
N LEU D 32 -26.40 20.09 24.65
CA LEU D 32 -26.37 19.20 25.80
C LEU D 32 -27.77 19.19 26.39
N VAL D 33 -28.37 18.01 26.45
CA VAL D 33 -29.73 17.90 26.95
C VAL D 33 -29.90 16.75 27.93
N SER D 34 -30.80 16.91 28.89
CA SER D 34 -31.09 15.83 29.84
C SER D 34 -31.81 14.69 29.15
N GLY D 35 -31.50 13.45 29.55
CA GLY D 35 -32.22 12.31 29.03
C GLY D 35 -33.69 12.43 29.45
N GLU D 36 -34.60 11.89 28.65
CA GLU D 36 -36.01 11.98 28.95
C GLU D 36 -36.59 10.63 29.36
N GLY D 37 -35.74 9.61 29.47
CA GLY D 37 -36.16 8.28 29.88
C GLY D 37 -36.06 8.03 31.37
N GLU D 38 -36.13 6.77 31.79
CA GLU D 38 -36.09 6.43 33.22
C GLU D 38 -34.68 6.62 33.79
N LYS D 39 -34.61 7.09 35.03
CA LYS D 39 -33.34 7.30 35.70
C LYS D 39 -32.67 5.96 36.01
N GLN D 40 -31.34 5.96 35.92
CA GLN D 40 -30.56 4.76 36.15
C GLN D 40 -29.45 5.06 37.12
N PRO D 41 -29.17 4.17 38.06
CA PRO D 41 -28.05 4.38 38.99
C PRO D 41 -26.69 3.98 38.43
N VAL D 42 -25.66 4.74 38.80
CA VAL D 42 -24.28 4.45 38.41
C VAL D 42 -23.53 4.27 39.71
N TYR D 43 -22.78 3.18 39.83
CA TYR D 43 -22.11 2.85 41.08
C TYR D 43 -20.60 3.00 41.08
N ASN D 44 -20.05 3.19 42.27
CA ASN D 44 -18.63 3.19 42.52
C ASN D 44 -18.35 1.76 43.01
N PRO D 45 -17.71 0.95 42.16
CA PRO D 45 -17.50 -0.48 42.46
C PRO D 45 -16.51 -0.72 43.60
N ALA D 46 -15.75 0.29 43.97
CA ALA D 46 -14.83 0.15 45.09
C ALA D 46 -15.59 0.20 46.42
N THR D 47 -16.74 0.86 46.45
CA THR D 47 -17.49 1.01 47.69
C THR D 47 -18.88 0.40 47.65
N GLY D 48 -19.37 0.16 46.44
CA GLY D 48 -20.72 -0.35 46.27
C GLY D 48 -21.77 0.73 46.46
N ASP D 49 -21.35 2.00 46.53
CA ASP D 49 -22.30 3.12 46.70
C ASP D 49 -22.69 3.74 45.38
N VAL D 50 -23.88 4.34 45.34
CA VAL D 50 -24.33 5.01 44.12
C VAL D 50 -23.64 6.35 43.95
N LEU D 51 -23.11 6.60 42.77
CA LEU D 51 -22.47 7.88 42.47
C LEU D 51 -23.55 8.85 42.06
N LEU D 52 -24.47 8.37 41.24
CA LEU D 52 -25.66 9.14 40.91
C LEU D 52 -26.65 8.42 40.00
N GLU D 53 -27.82 9.03 39.86
CA GLU D 53 -28.89 8.51 39.03
C GLU D 53 -28.90 9.41 37.80
N ILE D 54 -28.96 8.82 36.61
CA ILE D 54 -28.92 9.60 35.37
C ILE D 54 -30.09 9.20 34.48
N ALA D 55 -30.82 10.18 33.97
CA ALA D 55 -31.92 9.86 33.07
C ALA D 55 -31.41 9.34 31.71
N GLU D 56 -31.92 8.20 31.28
CA GLU D 56 -31.45 7.67 30.00
C GLU D 56 -32.17 8.37 28.83
N ALA D 57 -31.66 8.17 27.63
CA ALA D 57 -32.26 8.76 26.45
C ALA D 57 -33.62 8.13 26.24
N SER D 58 -34.60 8.91 25.80
CA SER D 58 -35.91 8.37 25.46
C SER D 58 -35.82 7.85 24.03
N ALA D 59 -36.85 7.14 23.59
CA ALA D 59 -36.85 6.59 22.24
C ALA D 59 -36.79 7.73 21.22
N GLU D 60 -37.50 8.81 21.52
CA GLU D 60 -37.52 9.96 20.62
C GLU D 60 -36.14 10.61 20.55
N GLN D 61 -35.38 10.58 21.64
CA GLN D 61 -34.04 11.17 21.60
C GLN D 61 -33.08 10.29 20.84
N VAL D 62 -33.24 8.97 20.95
CA VAL D 62 -32.40 8.07 20.17
C VAL D 62 -32.63 8.40 18.69
N ASP D 63 -33.90 8.46 18.30
CA ASP D 63 -34.27 8.79 16.93
C ASP D 63 -33.75 10.16 16.48
N ALA D 64 -33.87 11.16 17.35
CA ALA D 64 -33.38 12.50 17.01
C ALA D 64 -31.87 12.50 16.85
N ALA D 65 -31.15 11.67 17.63
CA ALA D 65 -29.70 11.64 17.52
C ALA D 65 -29.29 11.08 16.15
N VAL D 66 -29.90 9.97 15.75
CA VAL D 66 -29.60 9.37 14.46
C VAL D 66 -29.95 10.32 13.28
N ARG D 67 -31.10 10.99 13.37
CA ARG D 67 -31.50 11.91 12.31
C ARG D 67 -30.56 13.10 12.24
N ALA D 68 -30.11 13.59 13.39
CA ALA D 68 -29.14 14.68 13.36
C ALA D 68 -27.82 14.23 12.72
N ALA D 69 -27.36 13.03 13.06
CA ALA D 69 -26.13 12.54 12.47
C ALA D 69 -26.28 12.40 10.96
N ASP D 70 -27.42 11.87 10.54
CA ASP D 70 -27.68 11.70 9.11
C ASP D 70 -27.72 13.04 8.36
N ALA D 71 -28.36 14.05 8.95
CA ALA D 71 -28.37 15.38 8.32
C ALA D 71 -26.97 16.02 8.26
N ALA D 72 -26.20 15.84 9.31
CA ALA D 72 -24.85 16.41 9.35
C ALA D 72 -23.89 15.72 8.36
N PHE D 73 -24.21 14.48 7.97
CA PHE D 73 -23.36 13.73 7.06
C PHE D 73 -23.25 14.38 5.68
N ALA D 74 -24.29 15.08 5.24
CA ALA D 74 -24.28 15.75 3.94
C ALA D 74 -23.04 16.62 3.76
N GLU D 75 -22.75 17.47 4.75
CA GLU D 75 -21.54 18.29 4.72
C GLU D 75 -20.30 17.57 5.25
N TRP D 76 -20.42 16.89 6.40
CA TRP D 76 -19.23 16.25 6.98
C TRP D 76 -18.59 15.23 6.07
N GLY D 77 -19.41 14.42 5.40
CA GLY D 77 -18.92 13.37 4.55
C GLY D 77 -18.17 13.91 3.34
N GLN D 78 -18.29 15.21 3.09
CA GLN D 78 -17.63 15.87 1.98
C GLN D 78 -16.39 16.70 2.41
N THR D 79 -16.09 16.76 3.70
CA THR D 79 -14.93 17.52 4.14
C THR D 79 -13.63 16.91 3.62
N THR D 80 -12.56 17.69 3.60
CA THR D 80 -11.24 17.14 3.24
C THR D 80 -10.63 16.44 4.46
N PRO D 81 -9.74 15.49 4.21
CA PRO D 81 -8.97 14.85 5.28
C PRO D 81 -8.24 15.87 6.19
N LYS D 82 -7.67 16.91 5.59
CA LYS D 82 -7.01 17.95 6.37
C LYS D 82 -7.94 18.55 7.42
N VAL D 83 -9.15 18.89 7.02
CA VAL D 83 -10.11 19.49 7.96
C VAL D 83 -10.47 18.53 9.08
N ARG D 84 -10.67 17.26 8.74
CA ARG D 84 -11.06 16.30 9.76
C ARG D 84 -9.88 16.06 10.69
N ALA D 85 -8.68 15.97 10.10
CA ALA D 85 -7.47 15.81 10.91
C ALA D 85 -7.37 16.92 11.95
N GLU D 86 -7.64 18.15 11.53
CA GLU D 86 -7.55 19.28 12.46
C GLU D 86 -8.57 19.17 13.60
N CYS D 87 -9.77 18.66 13.33
CA CYS D 87 -10.75 18.48 14.40
C CYS D 87 -10.25 17.39 15.36
N LEU D 88 -9.67 16.33 14.82
CA LEU D 88 -9.14 15.26 15.68
C LEU D 88 -7.99 15.75 16.58
N LEU D 89 -7.12 16.61 16.04
CA LEU D 89 -6.01 17.16 16.82
C LEU D 89 -6.56 18.04 17.93
N LYS D 90 -7.60 18.83 17.65
CA LYS D 90 -8.18 19.66 18.71
C LYS D 90 -8.81 18.80 19.81
N LEU D 91 -9.47 17.71 19.42
CA LEU D 91 -10.08 16.81 20.38
C LEU D 91 -8.99 16.16 21.24
N ALA D 92 -7.91 15.69 20.61
CA ALA D 92 -6.78 15.17 21.41
C ALA D 92 -6.27 16.20 22.42
N ASP D 93 -6.20 17.47 22.04
CA ASP D 93 -5.70 18.51 22.95
C ASP D 93 -6.65 18.72 24.13
N VAL D 94 -7.94 18.68 23.85
CA VAL D 94 -8.93 18.86 24.89
C VAL D 94 -8.85 17.72 25.92
N ILE D 95 -8.69 16.49 25.45
CA ILE D 95 -8.60 15.38 26.38
C ILE D 95 -7.30 15.49 27.20
N GLU D 96 -6.19 15.82 26.54
CA GLU D 96 -4.93 16.00 27.23
C GLU D 96 -5.02 17.05 28.36
N GLU D 97 -5.58 18.20 28.02
CA GLU D 97 -5.75 19.30 28.94
C GLU D 97 -6.58 18.89 30.15
N ASN D 98 -7.47 17.95 29.94
CA ASN D 98 -8.37 17.50 31.00
C ASN D 98 -8.01 16.11 31.52
N GLY D 99 -6.76 15.71 31.31
CA GLY D 99 -6.34 14.37 31.71
C GLY D 99 -6.67 13.97 33.15
N GLN D 100 -6.38 14.85 34.09
CA GLN D 100 -6.59 14.53 35.51
C GLN D 100 -8.04 14.26 35.83
N VAL D 101 -8.91 15.12 35.30
CA VAL D 101 -10.33 14.98 35.55
C VAL D 101 -10.84 13.68 34.90
N PHE D 102 -10.41 13.39 33.67
CA PHE D 102 -10.84 12.14 33.04
C PHE D 102 -10.37 10.94 33.86
N ALA D 103 -9.12 10.96 34.28
CA ALA D 103 -8.59 9.88 35.11
C ALA D 103 -9.36 9.70 36.42
N GLU D 104 -9.71 10.80 37.06
CA GLU D 104 -10.47 10.75 38.31
C GLU D 104 -11.85 10.16 38.13
N LEU D 105 -12.56 10.58 37.09
CA LEU D 105 -13.88 10.05 36.81
C LEU D 105 -13.85 8.55 36.53
N GLU D 106 -12.88 8.13 35.71
CA GLU D 106 -12.77 6.73 35.33
C GLU D 106 -12.44 5.90 36.55
N SER D 107 -11.56 6.43 37.40
CA SER D 107 -11.16 5.77 38.62
C SER D 107 -12.36 5.58 39.53
N ARG D 108 -13.18 6.61 39.66
CA ARG D 108 -14.35 6.50 40.54
C ARG D 108 -15.42 5.58 39.98
N ASN D 109 -15.62 5.62 38.66
CA ASN D 109 -16.65 4.82 38.01
C ASN D 109 -16.29 3.36 37.82
N CYS D 110 -14.99 3.08 37.63
CA CYS D 110 -14.53 1.72 37.35
C CYS D 110 -13.71 1.07 38.44
N GLY D 111 -13.28 1.84 39.42
CA GLY D 111 -12.42 1.29 40.46
C GLY D 111 -10.96 1.11 40.02
N LYS D 112 -10.59 1.64 38.86
CA LYS D 112 -9.18 1.48 38.48
C LYS D 112 -8.28 2.34 39.35
N PRO D 113 -7.12 1.79 39.72
CA PRO D 113 -6.14 2.53 40.50
C PRO D 113 -5.88 3.82 39.74
N LEU D 114 -5.99 4.93 40.44
CA LEU D 114 -5.93 6.24 39.83
C LEU D 114 -4.61 6.47 39.11
N HIS D 115 -3.52 5.98 39.68
CA HIS D 115 -2.22 6.16 39.03
C HIS D 115 -2.15 5.44 37.69
N SER D 116 -2.83 4.29 37.59
CA SER D 116 -2.83 3.52 36.35
C SER D 116 -3.68 4.23 35.31
N ALA D 117 -4.85 4.69 35.71
CA ALA D 117 -5.71 5.40 34.80
C ALA D 117 -5.00 6.64 34.25
N PHE D 118 -4.38 7.41 35.13
CA PHE D 118 -3.70 8.62 34.73
C PHE D 118 -2.41 8.39 33.94
N ASN D 119 -1.53 7.53 34.42
CA ASN D 119 -0.24 7.32 33.76
C ASN D 119 -0.27 6.44 32.51
N ASP D 120 -1.21 5.49 32.47
CA ASP D 120 -1.28 4.55 31.37
C ASP D 120 -2.38 4.92 30.37
N GLU D 121 -3.62 5.03 30.85
CA GLU D 121 -4.74 5.23 29.93
C GLU D 121 -4.82 6.59 29.24
N ILE D 122 -4.70 7.67 30.01
CA ILE D 122 -4.85 8.99 29.39
C ILE D 122 -3.91 9.26 28.20
N PRO D 123 -2.59 9.08 28.37
CA PRO D 123 -1.67 9.25 27.23
C PRO D 123 -2.02 8.33 26.07
N ALA D 124 -2.45 7.08 26.33
CA ALA D 124 -2.84 6.21 25.22
C ALA D 124 -4.05 6.78 24.45
N ILE D 125 -5.02 7.35 25.18
CA ILE D 125 -6.24 7.88 24.56
C ILE D 125 -5.91 9.09 23.70
N VAL D 126 -5.13 9.99 24.24
CA VAL D 126 -4.73 11.16 23.49
C VAL D 126 -4.02 10.72 22.20
N ASP D 127 -3.12 9.76 22.34
CA ASP D 127 -2.37 9.29 21.16
C ASP D 127 -3.26 8.66 20.08
N VAL D 128 -4.33 7.99 20.47
CA VAL D 128 -5.21 7.38 19.47
C VAL D 128 -5.77 8.47 18.57
N PHE D 129 -6.19 9.59 19.16
CA PHE D 129 -6.74 10.68 18.35
C PHE D 129 -5.64 11.35 17.50
N ARG D 130 -4.46 11.56 18.06
CA ARG D 130 -3.40 12.12 17.24
C ARG D 130 -2.98 11.18 16.12
N PHE D 131 -2.86 9.89 16.41
CA PHE D 131 -2.53 8.94 15.36
C PHE D 131 -3.54 8.99 14.21
N PHE D 132 -4.83 8.92 14.54
CA PHE D 132 -5.85 8.91 13.51
C PHE D 132 -5.98 10.24 12.78
N ALA D 133 -5.59 11.32 13.43
CA ALA D 133 -5.58 12.62 12.75
C ALA D 133 -4.62 12.49 11.58
N GLY D 134 -3.46 11.91 11.85
CA GLY D 134 -2.44 11.76 10.83
C GLY D 134 -2.80 10.73 9.78
N ALA D 135 -3.37 9.61 10.21
CA ALA D 135 -3.77 8.53 9.30
C ALA D 135 -4.89 8.91 8.33
N ALA D 136 -5.76 9.80 8.78
CA ALA D 136 -6.85 10.27 7.91
C ALA D 136 -6.35 10.80 6.58
N ARG D 137 -5.12 11.31 6.55
CA ARG D 137 -4.56 11.90 5.34
C ARG D 137 -3.65 10.93 4.56
N CYS D 138 -3.54 9.69 5.03
CA CYS D 138 -2.60 8.73 4.42
C CYS D 138 -3.27 7.50 3.83
N LEU D 139 -4.47 7.60 3.30
CA LEU D 139 -5.15 6.39 2.80
C LEU D 139 -4.60 5.87 1.48
N ASN D 140 -4.31 4.58 1.44
CA ASN D 140 -3.79 3.96 0.21
C ASN D 140 -4.89 3.56 -0.73
N GLY D 141 -4.47 3.18 -1.93
CA GLY D 141 -5.42 2.78 -2.97
C GLY D 141 -4.67 2.07 -4.08
N LEU D 142 -5.32 1.85 -5.19
CA LEU D 142 -4.63 1.26 -6.33
C LEU D 142 -4.27 2.39 -7.27
N ALA D 143 -3.22 2.24 -8.06
CA ALA D 143 -2.85 3.31 -8.98
C ALA D 143 -3.95 3.55 -10.01
N ALA D 144 -4.22 4.80 -10.31
CA ALA D 144 -5.15 5.18 -11.36
C ALA D 144 -4.49 4.93 -12.69
N GLY D 145 -5.26 4.60 -13.71
CA GLY D 145 -4.68 4.33 -15.01
C GLY D 145 -5.67 3.64 -15.94
N GLU D 146 -5.17 3.21 -17.10
CA GLU D 146 -6.00 2.56 -18.09
C GLU D 146 -5.86 1.05 -18.02
N TYR D 147 -6.77 0.40 -17.29
CA TYR D 147 -6.69 -1.05 -17.16
C TYR D 147 -7.48 -1.70 -18.30
N LEU D 148 -8.38 -0.94 -18.89
CA LEU D 148 -9.12 -1.33 -20.07
C LEU D 148 -8.78 -0.24 -21.06
N GLU D 149 -8.35 -0.60 -22.27
CA GLU D 149 -7.97 0.39 -23.26
C GLU D 149 -9.03 1.48 -23.39
N GLY D 150 -8.61 2.75 -23.35
CA GLY D 150 -9.51 3.86 -23.56
C GLY D 150 -10.42 4.22 -22.39
N HIS D 151 -10.11 3.72 -21.20
CA HIS D 151 -10.87 4.05 -20.00
C HIS D 151 -9.90 4.29 -18.85
N THR D 152 -10.04 5.40 -18.16
CA THR D 152 -9.24 5.65 -16.96
C THR D 152 -10.01 5.23 -15.72
N SER D 153 -9.39 4.38 -14.90
CA SER D 153 -9.96 3.93 -13.66
C SER D 153 -9.24 4.57 -12.49
N MET D 154 -9.96 4.85 -11.41
CA MET D 154 -9.38 5.33 -10.17
C MET D 154 -10.16 4.73 -8.98
N ILE D 155 -9.50 4.61 -7.84
CA ILE D 155 -10.10 4.04 -6.63
C ILE D 155 -10.18 5.11 -5.56
N ARG D 156 -11.35 5.28 -4.94
CA ARG D 156 -11.49 6.20 -3.82
C ARG D 156 -11.91 5.42 -2.57
N ARG D 157 -11.81 6.05 -1.41
CA ARG D 157 -12.32 5.48 -0.18
C ARG D 157 -13.25 6.51 0.44
N ASP D 158 -14.55 6.28 0.36
CA ASP D 158 -15.54 7.22 0.88
C ASP D 158 -16.12 6.71 2.20
N PRO D 159 -16.72 7.60 2.96
CA PRO D 159 -17.34 7.23 4.23
C PRO D 159 -18.68 6.53 3.97
N LEU D 160 -19.18 5.85 4.99
CA LEU D 160 -20.44 5.10 4.94
C LEU D 160 -21.65 5.94 5.24
N GLY D 161 -21.58 6.75 6.27
CA GLY D 161 -22.73 7.52 6.69
C GLY D 161 -22.77 7.56 8.21
N VAL D 162 -23.85 7.07 8.81
CA VAL D 162 -23.97 7.12 10.26
C VAL D 162 -23.50 5.81 10.87
N VAL D 163 -22.61 5.93 11.85
CA VAL D 163 -22.07 4.78 12.55
C VAL D 163 -22.61 4.78 14.00
N ALA D 164 -23.11 3.64 14.46
CA ALA D 164 -23.55 3.54 15.85
C ALA D 164 -22.46 2.76 16.59
N SER D 165 -21.96 3.35 17.67
CA SER D 165 -20.88 2.71 18.41
C SER D 165 -21.32 2.36 19.82
N ILE D 166 -21.02 1.14 20.22
CA ILE D 166 -21.37 0.70 21.54
C ILE D 166 -20.11 0.35 22.29
N ALA D 167 -19.82 1.09 23.37
CA ALA D 167 -18.61 0.87 24.16
C ALA D 167 -18.87 -0.03 25.37
N PRO D 168 -17.90 -0.84 25.75
CA PRO D 168 -18.03 -1.70 26.91
C PRO D 168 -17.67 -0.98 28.21
N TRP D 169 -17.81 -1.66 29.34
CA TRP D 169 -17.54 -1.04 30.62
C TRP D 169 -16.14 -1.17 31.18
N ASN D 170 -15.28 -1.99 30.57
CA ASN D 170 -13.94 -2.18 31.15
C ASN D 170 -12.94 -1.01 30.90
N TYR D 171 -13.01 -0.38 29.75
CA TYR D 171 -12.17 0.80 29.45
C TYR D 171 -13.07 1.77 28.77
N PRO D 172 -13.95 2.42 29.52
CA PRO D 172 -14.99 3.25 28.91
C PRO D 172 -14.45 4.33 27.98
N LEU D 173 -13.56 5.18 28.47
CA LEU D 173 -13.06 6.28 27.63
C LEU D 173 -12.15 5.78 26.49
N MET D 174 -11.24 4.87 26.79
CA MET D 174 -10.37 4.32 25.75
C MET D 174 -11.16 3.70 24.59
N MET D 175 -12.16 2.89 24.92
CA MET D 175 -12.99 2.21 23.90
C MET D 175 -13.82 3.25 23.16
N ALA D 176 -14.28 4.27 23.87
CA ALA D 176 -14.97 5.33 23.16
C ALA D 176 -14.00 5.96 22.13
N ALA D 177 -12.76 6.16 22.51
CA ALA D 177 -11.79 6.74 21.59
C ALA D 177 -11.54 5.82 20.38
N TRP D 178 -11.41 4.52 20.63
CA TRP D 178 -11.14 3.56 19.55
C TRP D 178 -12.25 3.55 18.52
N LYS D 179 -13.44 3.88 18.95
CA LYS D 179 -14.56 3.88 18.04
C LYS D 179 -14.77 5.24 17.39
N LEU D 180 -14.63 6.30 18.17
CA LEU D 180 -14.82 7.65 17.62
C LEU D 180 -13.76 8.05 16.61
N ALA D 181 -12.48 7.91 17.00
CA ALA D 181 -11.40 8.41 16.17
C ALA D 181 -11.41 7.94 14.70
N PRO D 182 -11.36 6.62 14.44
CA PRO D 182 -11.37 6.14 13.05
C PRO D 182 -12.64 6.49 12.30
N ALA D 183 -13.79 6.37 12.95
CA ALA D 183 -15.05 6.68 12.27
C ALA D 183 -15.08 8.12 11.79
N LEU D 184 -14.69 9.04 12.67
CA LEU D 184 -14.67 10.46 12.32
C LEU D 184 -13.60 10.76 11.29
N ALA D 185 -12.43 10.15 11.46
CA ALA D 185 -11.32 10.37 10.54
C ALA D 185 -11.75 10.00 9.12
N ALA D 186 -12.55 8.95 9.02
CA ALA D 186 -13.03 8.47 7.72
C ALA D 186 -14.14 9.34 7.14
N GLY D 187 -14.66 10.28 7.92
CA GLY D 187 -15.70 11.15 7.37
C GLY D 187 -17.14 10.73 7.72
N ASN D 188 -17.30 9.81 8.67
CA ASN D 188 -18.64 9.42 9.09
C ASN D 188 -19.11 10.27 10.25
N CYS D 189 -20.42 10.25 10.49
CA CYS D 189 -20.99 10.85 11.71
C CYS D 189 -21.29 9.68 12.67
N VAL D 190 -21.24 9.95 13.96
CA VAL D 190 -21.31 8.92 14.95
C VAL D 190 -22.34 9.16 16.03
N VAL D 191 -23.00 8.08 16.44
CA VAL D 191 -23.87 8.11 17.60
C VAL D 191 -23.28 7.09 18.56
N LEU D 192 -22.70 7.58 19.66
CA LEU D 192 -22.04 6.74 20.65
C LEU D 192 -22.90 6.43 21.87
N LYS D 193 -22.92 5.15 22.26
CA LYS D 193 -23.63 4.71 23.45
C LYS D 193 -22.64 4.02 24.36
N PRO D 194 -22.33 4.61 25.50
CA PRO D 194 -21.43 3.98 26.47
C PRO D 194 -22.20 2.90 27.21
N SER D 195 -21.49 2.05 27.94
CA SER D 195 -22.15 1.07 28.78
C SER D 195 -22.98 1.78 29.85
N GLU D 196 -24.14 1.21 30.18
CA GLU D 196 -24.98 1.81 31.21
C GLU D 196 -24.31 1.81 32.57
N ILE D 197 -23.33 0.93 32.75
CA ILE D 197 -22.58 0.83 33.99
C ILE D 197 -21.52 1.94 34.13
N THR D 198 -20.95 2.37 33.00
CA THR D 198 -19.84 3.34 33.08
C THR D 198 -19.91 4.49 32.09
N PRO D 199 -20.89 5.37 32.25
CA PRO D 199 -21.06 6.49 31.33
C PRO D 199 -20.36 7.79 31.72
N LEU D 200 -19.74 7.86 32.89
CA LEU D 200 -19.26 9.17 33.36
C LEU D 200 -18.24 9.83 32.46
N THR D 201 -17.21 9.11 32.05
CA THR D 201 -16.24 9.78 31.17
C THR D 201 -16.83 10.17 29.81
N ALA D 202 -17.79 9.39 29.32
CA ALA D 202 -18.37 9.71 28.01
C ALA D 202 -19.20 10.97 28.07
N LEU D 203 -19.90 11.16 29.19
CA LEU D 203 -20.72 12.35 29.35
C LEU D 203 -19.86 13.60 29.64
N LYS D 204 -18.71 13.39 30.26
CA LYS D 204 -17.77 14.49 30.42
C LYS D 204 -17.21 14.87 29.02
N LEU D 205 -16.93 13.86 28.22
CA LEU D 205 -16.41 14.07 26.88
C LEU D 205 -17.45 14.86 26.08
N ALA D 206 -18.72 14.48 26.26
CA ALA D 206 -19.81 15.14 25.59
C ALA D 206 -19.75 16.63 25.86
N GLU D 207 -19.58 17.00 27.12
CA GLU D 207 -19.50 18.41 27.48
C GLU D 207 -18.31 19.09 26.79
N LEU D 208 -17.14 18.49 26.95
CA LEU D 208 -15.92 19.08 26.41
C LEU D 208 -15.84 19.14 24.90
N ALA D 209 -16.47 18.21 24.20
CA ALA D 209 -16.31 18.10 22.74
C ALA D 209 -17.47 18.69 21.94
N LYS D 210 -18.44 19.21 22.66
CA LYS D 210 -19.65 19.79 22.09
C LYS D 210 -19.41 20.71 20.88
N ASP D 211 -18.42 21.57 20.98
CA ASP D 211 -18.19 22.55 19.92
C ASP D 211 -17.04 22.26 18.97
N ILE D 212 -16.42 21.08 19.07
CA ILE D 212 -15.27 20.83 18.22
C ILE D 212 -15.64 20.43 16.80
N PHE D 213 -16.70 19.63 16.68
CA PHE D 213 -17.18 19.14 15.40
C PHE D 213 -18.49 19.84 15.08
N PRO D 214 -18.89 19.91 13.81
CA PRO D 214 -20.19 20.53 13.49
C PRO D 214 -21.35 19.76 14.18
N ALA D 215 -22.45 20.45 14.43
CA ALA D 215 -23.60 19.88 15.11
C ALA D 215 -24.08 18.55 14.49
N GLY D 216 -24.22 17.52 15.34
CA GLY D 216 -24.71 16.26 14.82
C GLY D 216 -23.65 15.29 14.33
N VAL D 217 -22.41 15.76 14.15
CA VAL D 217 -21.34 14.88 13.69
C VAL D 217 -20.95 13.89 14.78
N VAL D 218 -21.02 14.33 16.03
CA VAL D 218 -20.81 13.43 17.15
C VAL D 218 -21.99 13.53 18.11
N ASN D 219 -22.61 12.40 18.45
CA ASN D 219 -23.71 12.38 19.41
C ASN D 219 -23.44 11.32 20.46
N ILE D 220 -23.77 11.62 21.71
CA ILE D 220 -23.50 10.72 22.79
C ILE D 220 -24.76 10.49 23.62
N LEU D 221 -25.15 9.23 23.71
CA LEU D 221 -26.36 8.86 24.43
C LEU D 221 -26.04 8.10 25.71
N PHE D 222 -27.06 7.76 26.48
CA PHE D 222 -26.85 6.98 27.68
C PHE D 222 -28.03 6.07 27.86
N GLY D 223 -27.79 4.83 28.26
CA GLY D 223 -28.90 3.94 28.57
C GLY D 223 -28.60 2.48 28.37
N ARG D 224 -29.56 1.65 28.74
CA ARG D 224 -29.44 0.19 28.65
C ARG D 224 -29.55 -0.34 27.22
N GLY D 225 -29.06 -1.56 27.03
CA GLY D 225 -29.08 -2.19 25.72
C GLY D 225 -30.49 -2.30 25.17
N LYS D 226 -31.41 -2.75 26.01
CA LYS D 226 -32.79 -2.98 25.57
C LYS D 226 -33.57 -1.70 25.29
N THR D 227 -33.29 -0.65 26.03
CA THR D 227 -34.04 0.58 25.87
C THR D 227 -33.40 1.61 24.94
N VAL D 228 -32.09 1.57 24.79
CA VAL D 228 -31.42 2.57 23.98
C VAL D 228 -30.57 1.96 22.91
N GLY D 229 -29.84 0.90 23.24
CA GLY D 229 -28.96 0.25 22.27
C GLY D 229 -29.72 -0.37 21.10
N ASP D 230 -30.78 -1.12 21.40
CA ASP D 230 -31.57 -1.77 20.34
C ASP D 230 -32.20 -0.79 19.33
N PRO D 231 -32.88 0.24 19.79
CA PRO D 231 -33.45 1.22 18.86
C PRO D 231 -32.34 1.93 18.08
N LEU D 232 -31.18 2.09 18.69
CA LEU D 232 -30.07 2.72 18.01
C LEU D 232 -29.52 1.84 16.88
N THR D 233 -29.10 0.63 17.22
CA THR D 233 -28.46 -0.25 16.25
C THR D 233 -29.42 -0.72 15.18
N GLY D 234 -30.72 -0.69 15.47
CA GLY D 234 -31.75 -1.09 14.53
C GLY D 234 -32.32 0.04 13.67
N HIS D 235 -31.80 1.25 13.82
CA HIS D 235 -32.33 2.38 13.07
C HIS D 235 -32.01 2.25 11.58
N PRO D 236 -32.99 2.51 10.72
CA PRO D 236 -32.79 2.42 9.26
C PRO D 236 -31.67 3.32 8.74
N LYS D 237 -31.38 4.46 9.37
CA LYS D 237 -30.30 5.30 8.84
C LYS D 237 -28.90 4.91 9.30
N VAL D 238 -28.80 3.98 10.24
CA VAL D 238 -27.51 3.53 10.69
C VAL D 238 -26.91 2.57 9.67
N ARG D 239 -25.67 2.84 9.21
CA ARG D 239 -25.05 1.98 8.19
C ARG D 239 -24.05 0.97 8.74
N MET D 240 -23.53 1.23 9.93
CA MET D 240 -22.52 0.35 10.49
C MET D 240 -22.68 0.38 11.98
N VAL D 241 -22.47 -0.77 12.59
CA VAL D 241 -22.53 -0.87 14.03
C VAL D 241 -21.18 -1.40 14.48
N SER D 242 -20.58 -0.70 15.42
CA SER D 242 -19.29 -1.11 15.93
C SER D 242 -19.48 -1.45 17.39
N LEU D 243 -19.13 -2.68 17.78
CA LEU D 243 -19.34 -3.10 19.13
C LEU D 243 -18.13 -3.77 19.79
N THR D 244 -17.86 -3.40 21.03
CA THR D 244 -16.93 -4.20 21.85
C THR D 244 -17.79 -4.70 23.00
N GLY D 245 -17.81 -6.00 23.22
CA GLY D 245 -18.66 -6.56 24.27
C GLY D 245 -18.57 -8.08 24.28
N SER D 246 -19.62 -8.73 24.78
CA SER D 246 -19.65 -10.18 24.91
C SER D 246 -20.04 -10.88 23.61
N ILE D 247 -19.72 -12.17 23.52
CA ILE D 247 -20.15 -12.95 22.37
C ILE D 247 -21.68 -12.91 22.28
N ALA D 248 -22.34 -13.02 23.43
CA ALA D 248 -23.80 -13.02 23.41
C ALA D 248 -24.35 -11.72 22.83
N THR D 249 -23.74 -10.61 23.23
CA THR D 249 -24.24 -9.34 22.76
C THR D 249 -23.96 -9.25 21.26
N GLY D 250 -22.82 -9.75 20.83
CA GLY D 250 -22.45 -9.74 19.42
C GLY D 250 -23.48 -10.52 18.61
N GLU D 251 -23.84 -11.70 19.11
CA GLU D 251 -24.79 -12.52 18.40
C GLU D 251 -26.12 -11.79 18.25
N HIS D 252 -26.56 -11.18 19.34
CA HIS D 252 -27.80 -10.44 19.34
C HIS D 252 -27.77 -9.29 18.33
N ILE D 253 -26.67 -8.52 18.31
CA ILE D 253 -26.63 -7.39 17.39
C ILE D 253 -26.66 -7.86 15.94
N ILE D 254 -25.91 -8.90 15.62
CA ILE D 254 -25.88 -9.40 14.26
C ILE D 254 -27.29 -9.82 13.85
N SER D 255 -27.97 -10.55 14.73
CA SER D 255 -29.30 -11.00 14.38
C SER D 255 -30.25 -9.82 14.27
N HIS D 256 -30.04 -8.80 15.11
CA HIS D 256 -30.93 -7.63 15.10
C HIS D 256 -30.73 -6.75 13.86
N THR D 257 -29.52 -6.71 13.30
CA THR D 257 -29.27 -5.89 12.11
C THR D 257 -29.34 -6.65 10.79
N ALA D 258 -29.62 -7.95 10.86
CA ALA D 258 -29.66 -8.80 9.67
C ALA D 258 -30.62 -8.26 8.61
N SER D 259 -31.80 -7.84 9.03
CA SER D 259 -32.84 -7.38 8.10
C SER D 259 -32.39 -6.23 7.19
N SER D 260 -31.42 -5.43 7.64
CA SER D 260 -30.95 -4.35 6.78
C SER D 260 -29.51 -4.50 6.33
N ILE D 261 -28.96 -5.71 6.41
CA ILE D 261 -27.59 -5.93 5.92
C ILE D 261 -26.55 -4.89 6.44
N LYS D 262 -26.68 -4.44 7.69
CA LYS D 262 -25.74 -3.42 8.19
C LYS D 262 -24.31 -3.96 8.27
N ARG D 263 -23.25 -3.09 7.80
CA ARG D 263 -21.87 -3.43 8.15
C ARG D 263 -21.74 -3.50 9.68
N THR D 264 -20.90 -4.43 10.12
CA THR D 264 -20.63 -4.62 11.56
C THR D 264 -19.14 -4.76 11.77
N HIS D 265 -18.77 -4.31 12.94
CA HIS D 265 -17.39 -4.28 13.44
C HIS D 265 -17.44 -4.71 14.90
N MET D 266 -16.86 -5.86 15.20
CA MET D 266 -16.86 -6.40 16.56
C MET D 266 -15.50 -6.99 16.93
N GLU D 267 -15.57 -6.78 18.40
CA GLU D 267 -14.49 -7.31 19.20
C GLU D 267 -15.19 -7.92 20.40
N LEU D 268 -15.28 -9.25 20.43
CA LEU D 268 -16.14 -9.92 21.41
C LEU D 268 -15.47 -10.70 22.55
N GLY D 269 -14.24 -10.42 22.87
CA GLY D 269 -13.75 -11.21 23.99
C GLY D 269 -12.57 -12.03 23.58
N GLY D 270 -11.82 -12.50 24.56
CA GLY D 270 -10.64 -13.25 24.26
C GLY D 270 -10.33 -14.17 25.42
N LYS D 271 -9.38 -15.04 25.19
CA LYS D 271 -8.91 -15.94 26.22
C LYS D 271 -7.49 -16.20 25.79
N ALA D 272 -6.65 -15.17 25.92
CA ALA D 272 -5.30 -15.23 25.37
C ALA D 272 -4.43 -16.38 25.91
N PRO D 273 -3.98 -17.27 25.01
CA PRO D 273 -3.07 -18.34 25.41
C PRO D 273 -1.69 -17.75 25.62
N VAL D 274 -1.01 -18.20 26.67
CA VAL D 274 0.35 -17.76 26.99
C VAL D 274 1.15 -19.06 26.96
N ILE D 275 1.96 -19.22 25.94
CA ILE D 275 2.71 -20.47 25.78
C ILE D 275 4.15 -20.32 26.25
N VAL D 276 4.49 -21.08 27.29
CA VAL D 276 5.78 -20.96 27.94
C VAL D 276 6.59 -22.23 27.73
N PHE D 277 7.66 -22.13 26.93
CA PHE D 277 8.53 -23.29 26.66
C PHE D 277 9.58 -23.44 27.74
N ASP D 278 10.24 -24.61 27.79
CA ASP D 278 11.22 -24.88 28.86
C ASP D 278 12.44 -23.98 28.82
N ASP D 279 12.68 -23.31 27.69
CA ASP D 279 13.80 -22.39 27.64
C ASP D 279 13.43 -20.93 27.85
N ALA D 280 12.23 -20.67 28.35
CA ALA D 280 11.82 -19.29 28.59
C ALA D 280 12.51 -18.71 29.82
N ASP D 281 12.56 -17.37 29.89
CA ASP D 281 13.09 -16.70 31.08
C ASP D 281 11.93 -16.72 32.11
N ILE D 282 11.95 -17.65 33.05
CA ILE D 282 10.83 -17.83 33.96
C ILE D 282 10.55 -16.60 34.84
N GLU D 283 11.63 -15.94 35.28
CA GLU D 283 11.48 -14.74 36.10
C GLU D 283 10.72 -13.66 35.31
N ALA D 284 11.05 -13.52 34.02
CA ALA D 284 10.36 -12.57 33.16
C ALA D 284 8.91 -12.99 32.93
N VAL D 285 8.64 -14.29 32.77
CA VAL D 285 7.24 -14.69 32.61
C VAL D 285 6.45 -14.31 33.87
N VAL D 286 7.01 -14.60 35.03
CA VAL D 286 6.32 -14.32 36.27
C VAL D 286 6.05 -12.84 36.45
N GLU D 287 7.10 -12.04 36.31
CA GLU D 287 6.98 -10.59 36.44
C GLU D 287 5.94 -10.11 35.44
N GLY D 288 5.96 -10.67 34.24
CA GLY D 288 4.99 -10.28 33.24
C GLY D 288 3.55 -10.62 33.61
N VAL D 289 3.28 -11.89 33.89
CA VAL D 289 1.91 -12.30 34.19
C VAL D 289 1.33 -11.65 35.45
N ARG D 290 2.18 -11.40 36.45
CA ARG D 290 1.71 -10.70 37.65
C ARG D 290 1.03 -9.40 37.24
N THR D 291 1.53 -8.77 36.19
CA THR D 291 0.89 -7.56 35.66
C THR D 291 -0.23 -7.89 34.68
N PHE D 292 0.11 -8.63 33.62
CA PHE D 292 -0.82 -8.86 32.52
C PHE D 292 -2.02 -9.76 32.81
N GLY D 293 -1.94 -10.60 33.83
CA GLY D 293 -3.10 -11.45 34.14
C GLY D 293 -4.04 -10.75 35.12
N TYR D 294 -3.60 -9.64 35.71
CA TYR D 294 -4.39 -9.02 36.78
C TYR D 294 -4.64 -7.53 36.65
N TYR D 295 -4.03 -6.92 35.63
CA TYR D 295 -4.25 -5.51 35.34
C TYR D 295 -5.73 -5.29 35.10
N ASN D 296 -6.27 -4.16 35.57
CA ASN D 296 -7.70 -3.90 35.44
C ASN D 296 -8.52 -5.04 36.02
N ALA D 297 -7.94 -5.73 37.01
CA ALA D 297 -8.57 -6.89 37.66
C ALA D 297 -8.91 -8.02 36.66
N GLY D 298 -8.10 -8.15 35.62
CA GLY D 298 -8.31 -9.18 34.63
C GLY D 298 -9.46 -8.92 33.67
N GLN D 299 -10.09 -7.75 33.81
CA GLN D 299 -11.19 -7.36 32.94
C GLN D 299 -10.62 -6.71 31.68
N ASP D 300 -9.94 -7.53 30.87
CA ASP D 300 -9.27 -7.05 29.68
C ASP D 300 -9.31 -8.23 28.70
N CYS D 301 -9.73 -7.97 27.47
CA CYS D 301 -9.85 -9.03 26.48
C CYS D 301 -8.51 -9.67 26.09
N THR D 302 -7.40 -8.99 26.41
CA THR D 302 -6.08 -9.58 26.14
C THR D 302 -5.38 -10.03 27.42
N ALA D 303 -6.10 -10.18 28.53
CA ALA D 303 -5.45 -10.60 29.79
C ALA D 303 -4.71 -11.91 29.57
N ALA D 304 -3.57 -12.05 30.21
CA ALA D 304 -2.77 -13.26 30.08
C ALA D 304 -3.35 -14.30 31.02
N CYS D 305 -4.46 -14.90 30.61
CA CYS D 305 -5.25 -15.72 31.52
C CYS D 305 -5.11 -17.23 31.37
N ARG D 306 -4.65 -17.69 30.21
CA ARG D 306 -4.62 -19.12 29.92
C ARG D 306 -3.18 -19.53 29.64
N ILE D 307 -2.49 -20.03 30.66
CA ILE D 307 -1.11 -20.40 30.50
C ILE D 307 -0.93 -21.87 30.19
N TYR D 308 -0.16 -22.13 29.15
CA TYR D 308 0.24 -23.48 28.77
C TYR D 308 1.74 -23.51 29.09
N ALA D 309 2.15 -24.32 30.06
CA ALA D 309 3.55 -24.37 30.47
C ALA D 309 4.19 -25.74 30.22
N GLN D 310 5.31 -25.77 29.52
CA GLN D 310 5.94 -27.02 29.18
C GLN D 310 6.35 -27.83 30.44
N LYS D 311 6.17 -29.13 30.37
CA LYS D 311 6.36 -30.02 31.48
C LYS D 311 7.63 -29.76 32.29
N GLY D 312 8.71 -29.39 31.62
CA GLY D 312 9.97 -29.14 32.28
C GLY D 312 9.98 -28.02 33.30
N ILE D 313 9.25 -26.93 33.01
CA ILE D 313 9.25 -25.77 33.91
C ILE D 313 7.90 -25.58 34.60
N TYR D 314 6.96 -26.46 34.34
CA TYR D 314 5.60 -26.31 34.88
C TYR D 314 5.52 -26.06 36.42
N ASP D 315 6.07 -26.97 37.20
CA ASP D 315 5.99 -26.77 38.65
C ASP D 315 6.79 -25.53 39.15
N THR D 316 7.95 -25.26 38.57
CA THR D 316 8.69 -24.06 38.96
C THR D 316 7.89 -22.80 38.67
N LEU D 317 7.30 -22.76 37.48
CA LEU D 317 6.50 -21.59 37.07
C LEU D 317 5.32 -21.41 38.02
N VAL D 318 4.59 -22.49 38.30
CA VAL D 318 3.40 -22.39 39.15
C VAL D 318 3.75 -21.87 40.53
N GLU D 319 4.81 -22.40 41.10
CA GLU D 319 5.27 -22.01 42.43
C GLU D 319 5.72 -20.54 42.49
N LYS D 320 6.52 -20.10 41.53
CA LYS D 320 7.00 -18.72 41.53
C LYS D 320 5.87 -17.74 41.20
N LEU D 321 4.99 -18.11 40.29
CA LEU D 321 3.88 -17.24 39.92
C LEU D 321 2.90 -17.09 41.08
N GLY D 322 2.67 -18.17 41.80
CA GLY D 322 1.79 -18.15 42.95
C GLY D 322 2.27 -17.16 44.00
N ALA D 323 3.56 -17.22 44.31
CA ALA D 323 4.14 -16.30 45.28
C ALA D 323 4.06 -14.86 44.79
N ALA D 324 4.27 -14.63 43.50
CA ALA D 324 4.20 -13.26 42.99
C ALA D 324 2.78 -12.71 42.97
N VAL D 325 1.82 -13.54 42.60
CA VAL D 325 0.42 -13.10 42.51
C VAL D 325 -0.10 -12.80 43.92
N ALA D 326 0.35 -13.56 44.91
CA ALA D 326 -0.10 -13.37 46.29
C ALA D 326 0.21 -11.98 46.87
N THR D 327 1.21 -11.29 46.31
CA THR D 327 1.57 -9.98 46.86
C THR D 327 0.79 -8.82 46.23
N LEU D 328 -0.08 -9.13 45.27
CA LEU D 328 -0.80 -8.03 44.61
C LEU D 328 -1.60 -7.24 45.65
N LYS D 329 -1.42 -5.92 45.68
CA LYS D 329 -2.07 -5.12 46.71
C LYS D 329 -3.40 -4.54 46.26
N SER D 330 -4.45 -4.85 47.02
CA SER D 330 -5.76 -4.29 46.76
C SER D 330 -6.04 -3.27 47.85
N GLY D 331 -6.74 -2.21 47.51
CA GLY D 331 -7.03 -1.13 48.45
C GLY D 331 -7.74 -0.03 47.70
N ALA D 332 -7.82 1.14 48.30
CA ALA D 332 -8.49 2.29 47.68
C ALA D 332 -7.86 2.64 46.34
N PRO D 333 -8.69 2.83 45.33
CA PRO D 333 -8.19 3.21 44.01
C PRO D 333 -7.33 4.47 44.06
N ASP D 334 -7.61 5.40 44.97
CA ASP D 334 -6.82 6.64 45.02
C ASP D 334 -5.48 6.49 45.73
N ASP D 335 -5.23 5.31 46.30
CA ASP D 335 -3.97 5.06 46.98
C ASP D 335 -2.94 4.66 45.95
N GLU D 336 -1.79 5.33 45.94
CA GLU D 336 -0.74 5.02 44.98
C GLU D 336 -0.22 3.58 45.07
N SER D 337 -0.38 2.96 46.24
CA SER D 337 0.12 1.61 46.46
C SER D 337 -0.83 0.52 45.93
N THR D 338 -2.05 0.92 45.57
CA THR D 338 -3.03 -0.03 45.10
C THR D 338 -2.65 -0.55 43.70
N GLU D 339 -2.57 -1.86 43.57
CA GLU D 339 -2.28 -2.49 42.29
C GLU D 339 -3.52 -3.15 41.70
N LEU D 340 -4.44 -3.55 42.58
CA LEU D 340 -5.59 -4.32 42.12
C LEU D 340 -6.90 -3.71 42.61
N GLY D 341 -7.69 -3.21 41.66
CA GLY D 341 -9.01 -2.66 41.94
C GLY D 341 -10.08 -3.74 41.98
N PRO D 342 -11.33 -3.33 42.14
CA PRO D 342 -12.44 -4.28 42.25
C PRO D 342 -12.96 -4.69 40.87
N LEU D 343 -13.89 -5.64 40.84
CA LEU D 343 -14.58 -6.00 39.62
C LEU D 343 -15.67 -4.94 39.38
N SER D 344 -16.23 -4.87 38.18
CA SER D 344 -17.11 -3.76 37.78
C SER D 344 -18.50 -3.71 38.39
N SER D 345 -18.99 -4.84 38.88
CA SER D 345 -20.33 -4.89 39.44
C SER D 345 -20.52 -6.14 40.27
N LEU D 346 -21.60 -6.15 41.04
CA LEU D 346 -21.95 -7.31 41.84
C LEU D 346 -22.20 -8.50 40.93
N ALA D 347 -22.94 -8.29 39.85
CA ALA D 347 -23.24 -9.38 38.90
C ALA D 347 -21.95 -9.98 38.35
N HIS D 348 -20.99 -9.14 37.99
CA HIS D 348 -19.77 -9.68 37.41
C HIS D 348 -18.97 -10.41 38.48
N LEU D 349 -18.99 -9.87 39.68
CA LEU D 349 -18.33 -10.50 40.81
C LEU D 349 -18.88 -11.91 41.01
N GLU D 350 -20.20 -12.05 40.99
CA GLU D 350 -20.83 -13.35 41.13
C GLU D 350 -20.44 -14.31 39.99
N ARG D 351 -20.40 -13.83 38.76
CA ARG D 351 -20.01 -14.71 37.65
C ARG D 351 -18.56 -15.20 37.77
N VAL D 352 -17.65 -14.30 38.14
CA VAL D 352 -16.27 -14.70 38.34
C VAL D 352 -16.18 -15.78 39.44
N GLY D 353 -16.83 -15.53 40.58
CA GLY D 353 -16.84 -16.48 41.66
C GLY D 353 -17.35 -17.85 41.23
N LYS D 354 -18.40 -17.84 40.42
CA LYS D 354 -19.00 -19.07 39.92
C LYS D 354 -18.01 -19.86 39.04
N ALA D 355 -17.32 -19.18 38.13
CA ALA D 355 -16.37 -19.86 37.28
C ALA D 355 -15.26 -20.51 38.11
N VAL D 356 -14.81 -19.82 39.15
CA VAL D 356 -13.79 -20.38 40.03
C VAL D 356 -14.30 -21.63 40.77
N GLU D 357 -15.51 -21.58 41.34
CA GLU D 357 -16.08 -22.73 42.02
C GLU D 357 -16.25 -23.92 41.06
N GLU D 358 -16.68 -23.64 39.84
CA GLU D 358 -16.82 -24.71 38.85
C GLU D 358 -15.47 -25.36 38.55
N ALA D 359 -14.41 -24.55 38.49
CA ALA D 359 -13.08 -25.09 38.27
C ALA D 359 -12.71 -25.99 39.45
N LYS D 360 -13.06 -25.58 40.67
CA LYS D 360 -12.74 -26.37 41.84
C LYS D 360 -13.56 -27.66 41.92
N ALA D 361 -14.80 -27.63 41.45
CA ALA D 361 -15.67 -28.80 41.54
C ALA D 361 -15.20 -29.90 40.58
N THR D 362 -14.27 -29.52 39.73
CA THR D 362 -13.64 -30.38 38.76
C THR D 362 -12.94 -31.58 39.46
N GLY D 363 -12.36 -31.34 40.64
CA GLY D 363 -11.65 -32.39 41.34
C GLY D 363 -10.17 -32.45 41.01
N HIS D 364 -9.75 -31.85 39.91
CA HIS D 364 -8.33 -31.94 39.55
C HIS D 364 -7.67 -30.56 39.40
N ILE D 365 -8.34 -29.52 39.86
CA ILE D 365 -7.74 -28.19 39.77
C ILE D 365 -7.39 -27.70 41.16
N LYS D 366 -6.20 -27.17 41.34
CA LYS D 366 -5.80 -26.71 42.66
C LYS D 366 -5.72 -25.21 42.73
N VAL D 367 -6.26 -24.63 43.79
CA VAL D 367 -6.15 -23.20 44.02
C VAL D 367 -4.77 -22.92 44.63
N ILE D 368 -3.90 -22.27 43.88
CA ILE D 368 -2.55 -21.97 44.37
C ILE D 368 -2.59 -20.74 45.28
N THR D 369 -3.34 -19.72 44.87
CA THR D 369 -3.59 -18.56 45.73
C THR D 369 -4.94 -17.92 45.37
N GLY D 370 -5.54 -17.21 46.32
CA GLY D 370 -6.81 -16.54 46.07
C GLY D 370 -8.01 -17.47 46.06
N GLY D 371 -8.91 -17.30 45.10
CA GLY D 371 -10.05 -18.18 44.97
C GLY D 371 -11.25 -17.83 45.85
N GLU D 372 -11.40 -16.55 46.18
CA GLU D 372 -12.49 -16.13 47.05
C GLU D 372 -12.67 -14.62 46.90
N LYS D 373 -13.88 -14.16 47.20
CA LYS D 373 -14.17 -12.74 47.17
C LYS D 373 -13.54 -12.15 48.42
N ARG D 374 -13.19 -10.87 48.34
CA ARG D 374 -12.66 -10.19 49.52
C ARG D 374 -13.81 -9.89 50.46
N LYS D 375 -13.51 -9.87 51.76
CA LYS D 375 -14.51 -9.44 52.73
C LYS D 375 -14.56 -7.91 52.68
N GLY D 376 -15.71 -7.31 52.92
CA GLY D 376 -15.80 -5.86 52.85
C GLY D 376 -16.64 -5.32 51.70
N ASN D 377 -16.72 -4.01 51.64
CA ASN D 377 -17.55 -3.35 50.64
C ASN D 377 -16.90 -3.31 49.26
N GLY D 378 -17.71 -3.06 48.25
CA GLY D 378 -17.22 -3.07 46.89
C GLY D 378 -17.18 -4.48 46.35
N TYR D 379 -16.68 -4.62 45.14
CA TYR D 379 -16.70 -5.89 44.42
C TYR D 379 -15.32 -6.46 44.16
N TYR D 380 -14.54 -6.57 45.23
CA TYR D 380 -13.19 -7.10 45.12
C TYR D 380 -13.16 -8.62 45.18
N TYR D 381 -12.33 -9.18 44.31
CA TYR D 381 -12.07 -10.62 44.26
C TYR D 381 -10.56 -10.81 44.43
N ALA D 382 -10.15 -11.82 45.22
CA ALA D 382 -8.73 -12.06 45.43
C ALA D 382 -8.01 -12.47 44.14
N PRO D 383 -6.78 -11.98 43.95
CA PRO D 383 -5.95 -12.38 42.81
C PRO D 383 -5.76 -13.90 42.90
N THR D 384 -6.14 -14.59 41.84
CA THR D 384 -6.24 -16.04 41.87
C THR D 384 -5.39 -16.79 40.83
N LEU D 385 -4.76 -17.88 41.24
CA LEU D 385 -3.99 -18.74 40.34
C LEU D 385 -4.45 -20.18 40.49
N LEU D 386 -4.88 -20.79 39.39
CA LEU D 386 -5.36 -22.16 39.40
C LEU D 386 -4.40 -23.03 38.61
N ALA D 387 -4.07 -24.21 39.12
CA ALA D 387 -3.12 -25.08 38.44
C ALA D 387 -3.73 -26.45 38.20
N GLY D 388 -3.24 -27.14 37.17
CA GLY D 388 -3.72 -28.48 36.86
C GLY D 388 -4.92 -28.48 35.95
N ALA D 389 -5.22 -27.34 35.33
CA ALA D 389 -6.36 -27.24 34.42
C ALA D 389 -6.06 -28.01 33.14
N LEU D 390 -7.05 -28.71 32.61
CA LEU D 390 -6.86 -29.50 31.39
C LEU D 390 -7.48 -28.78 30.22
N GLN D 391 -6.98 -29.08 29.01
CA GLN D 391 -7.43 -28.47 27.77
C GLN D 391 -8.93 -28.36 27.64
N ASP D 392 -9.65 -29.41 28.00
CA ASP D 392 -11.11 -29.41 27.82
C ASP D 392 -11.92 -28.83 28.98
N ASP D 393 -11.27 -28.39 30.06
CA ASP D 393 -12.01 -27.80 31.18
C ASP D 393 -12.61 -26.43 30.81
N ALA D 394 -13.75 -26.08 31.41
CA ALA D 394 -14.37 -24.78 31.17
C ALA D 394 -13.44 -23.62 31.52
N ILE D 395 -12.65 -23.75 32.56
CA ILE D 395 -11.73 -22.67 32.92
C ILE D 395 -10.71 -22.38 31.81
N VAL D 396 -10.51 -23.32 30.90
CA VAL D 396 -9.56 -23.10 29.81
C VAL D 396 -10.29 -22.72 28.54
N GLN D 397 -11.53 -23.21 28.41
CA GLN D 397 -12.25 -22.99 27.17
C GLN D 397 -13.12 -21.72 27.16
N LYS D 398 -13.44 -21.20 28.35
CA LYS D 398 -14.37 -20.08 28.49
C LYS D 398 -13.79 -18.86 29.22
N GLU D 399 -13.96 -17.69 28.62
CA GLU D 399 -13.50 -16.44 29.20
C GLU D 399 -14.09 -16.21 30.62
N VAL D 400 -13.24 -15.83 31.59
CA VAL D 400 -13.69 -15.48 32.95
C VAL D 400 -13.72 -13.94 33.16
N PHE D 401 -12.71 -13.26 32.63
CA PHE D 401 -12.69 -11.80 32.65
C PHE D 401 -12.62 -11.29 34.09
N GLY D 402 -11.75 -11.89 34.88
CA GLY D 402 -11.54 -11.55 36.28
C GLY D 402 -10.08 -11.82 36.65
N PRO D 403 -9.70 -11.54 37.89
CA PRO D 403 -8.31 -11.69 38.30
C PRO D 403 -7.98 -13.16 38.56
N VAL D 404 -8.05 -13.92 37.49
CA VAL D 404 -7.91 -15.37 37.55
C VAL D 404 -7.05 -15.87 36.38
N VAL D 405 -6.06 -16.68 36.69
CA VAL D 405 -5.16 -17.22 35.67
C VAL D 405 -5.08 -18.72 35.93
N SER D 406 -5.10 -19.53 34.85
CA SER D 406 -5.02 -20.99 34.99
C SER D 406 -3.75 -21.49 34.31
N VAL D 407 -3.18 -22.59 34.82
CA VAL D 407 -1.97 -23.15 34.21
C VAL D 407 -2.17 -24.60 33.86
N THR D 408 -1.82 -24.96 32.62
CA THR D 408 -1.98 -26.29 32.05
C THR D 408 -0.63 -26.79 31.55
N PRO D 409 -0.23 -28.01 31.92
CA PRO D 409 1.06 -28.51 31.41
C PRO D 409 0.95 -29.03 29.97
N PHE D 410 2.02 -28.90 29.19
CA PHE D 410 2.04 -29.52 27.86
C PHE D 410 3.39 -30.21 27.58
N ASP D 411 3.37 -31.15 26.65
CA ASP D 411 4.54 -31.95 26.30
C ASP D 411 5.38 -31.31 25.21
N ASN D 412 4.78 -31.07 24.04
CA ASN D 412 5.58 -30.60 22.92
C ASN D 412 4.92 -29.50 22.10
N GLU D 413 5.71 -28.92 21.22
CA GLU D 413 5.32 -27.78 20.39
C GLU D 413 4.08 -28.03 19.54
N GLU D 414 4.07 -29.16 18.83
CA GLU D 414 3.00 -29.47 17.92
C GLU D 414 1.71 -29.57 18.72
N GLN D 415 1.77 -30.30 19.82
CA GLN D 415 0.62 -30.47 20.71
C GLN D 415 0.05 -29.16 21.23
N VAL D 416 0.94 -28.26 21.68
CA VAL D 416 0.46 -27.03 22.31
C VAL D 416 -0.11 -26.03 21.29
N VAL D 417 0.47 -25.98 20.10
CA VAL D 417 -0.05 -25.11 19.06
C VAL D 417 -1.45 -25.57 18.65
N ASN D 418 -1.64 -26.87 18.52
CA ASN D 418 -2.96 -27.38 18.20
C ASN D 418 -3.95 -27.10 19.37
N TRP D 419 -3.55 -27.31 20.62
CA TRP D 419 -4.43 -26.96 21.75
C TRP D 419 -4.81 -25.46 21.75
N ALA D 420 -3.83 -24.58 21.59
CA ALA D 420 -4.10 -23.14 21.57
C ALA D 420 -5.05 -22.76 20.44
N ASN D 421 -4.85 -23.35 19.26
CA ASN D 421 -5.72 -23.09 18.11
C ASN D 421 -7.09 -23.77 18.20
N ASP D 422 -7.23 -24.72 19.12
CA ASP D 422 -8.51 -25.39 19.33
C ASP D 422 -9.31 -24.57 20.34
N SER D 423 -9.79 -23.42 19.90
CA SER D 423 -10.46 -22.51 20.80
C SER D 423 -11.47 -21.72 19.99
N GLN D 424 -12.50 -21.20 20.68
CA GLN D 424 -13.49 -20.37 19.99
C GLN D 424 -12.96 -18.94 19.91
N TYR D 425 -11.92 -18.63 20.68
CA TYR D 425 -11.36 -17.28 20.73
C TYR D 425 -10.18 -17.11 19.77
N GLY D 426 -9.86 -15.86 19.42
CA GLY D 426 -8.83 -15.60 18.43
C GLY D 426 -8.27 -14.17 18.44
N LEU D 427 -8.26 -13.55 19.60
CA LEU D 427 -7.85 -12.16 19.69
C LEU D 427 -6.35 -11.93 19.92
N ALA D 428 -5.77 -12.51 20.98
CA ALA D 428 -4.36 -12.24 21.29
C ALA D 428 -3.72 -13.47 21.94
N SER D 429 -2.38 -13.49 21.99
CA SER D 429 -1.63 -14.66 22.43
C SER D 429 -0.19 -14.26 22.66
N SER D 430 0.56 -15.07 23.41
CA SER D 430 1.99 -14.79 23.53
C SER D 430 2.74 -16.10 23.61
N VAL D 431 4.01 -16.07 23.21
CA VAL D 431 4.84 -17.26 23.27
C VAL D 431 6.13 -16.83 23.94
N TRP D 432 6.60 -17.66 24.86
CA TRP D 432 7.79 -17.33 25.64
C TRP D 432 8.85 -18.42 25.42
N THR D 433 9.95 -18.05 24.78
CA THR D 433 11.02 -18.98 24.46
C THR D 433 12.23 -18.16 24.05
N LYS D 434 13.44 -18.66 24.31
CA LYS D 434 14.62 -17.94 23.85
C LYS D 434 15.05 -18.34 22.46
N ASP D 435 14.48 -19.44 21.95
CA ASP D 435 14.84 -19.97 20.63
C ASP D 435 14.19 -19.21 19.45
N VAL D 436 15.03 -18.67 18.55
CA VAL D 436 14.57 -17.90 17.39
C VAL D 436 13.63 -18.70 16.51
N GLY D 437 14.01 -19.93 16.22
CA GLY D 437 13.25 -20.78 15.32
C GLY D 437 11.87 -21.05 15.86
N ARG D 438 11.84 -21.47 17.10
CA ARG D 438 10.59 -21.77 17.74
C ARG D 438 9.67 -20.58 17.86
N ALA D 439 10.22 -19.42 18.23
CA ALA D 439 9.41 -18.21 18.35
C ALA D 439 8.70 -17.90 17.03
N HIS D 440 9.42 -17.99 15.92
CA HIS D 440 8.83 -17.68 14.60
C HIS D 440 7.89 -18.77 14.11
N ARG D 441 8.22 -20.01 14.37
CA ARG D 441 7.34 -21.13 13.97
C ARG D 441 5.99 -21.01 14.62
N VAL D 442 5.99 -20.87 15.94
CA VAL D 442 4.76 -20.73 16.70
C VAL D 442 3.97 -19.47 16.34
N SER D 443 4.66 -18.33 16.23
CA SER D 443 3.98 -17.09 15.87
C SER D 443 3.31 -17.21 14.51
N ALA D 444 3.94 -17.92 13.59
CA ALA D 444 3.39 -18.07 12.25
C ALA D 444 2.09 -18.87 12.26
N ARG D 445 1.98 -19.81 13.21
CA ARG D 445 0.86 -20.76 13.19
C ARG D 445 -0.32 -20.42 14.10
N LEU D 446 -0.12 -19.53 15.06
CA LEU D 446 -1.19 -19.23 16.00
C LEU D 446 -2.32 -18.51 15.29
N GLN D 447 -3.55 -18.95 15.57
CA GLN D 447 -4.73 -18.35 14.92
C GLN D 447 -5.32 -17.26 15.81
N TYR D 448 -4.52 -16.22 16.06
CA TYR D 448 -4.87 -15.11 16.93
C TYR D 448 -4.46 -13.80 16.26
N GLY D 449 -5.27 -12.76 16.40
CA GLY D 449 -5.00 -11.50 15.74
C GLY D 449 -3.68 -10.87 16.12
N CYS D 450 -3.21 -11.15 17.35
CA CYS D 450 -1.94 -10.63 17.78
C CYS D 450 -1.14 -11.75 18.46
N THR D 451 0.17 -11.79 18.24
CA THR D 451 1.05 -12.69 18.98
C THR D 451 2.27 -11.91 19.48
N TRP D 452 2.44 -11.83 20.80
CA TRP D 452 3.65 -11.19 21.34
C TRP D 452 4.68 -12.30 21.62
N VAL D 453 5.96 -11.96 21.47
CA VAL D 453 7.00 -12.91 21.78
C VAL D 453 7.82 -12.38 22.93
N ASN D 454 7.85 -13.16 24.01
CA ASN D 454 8.59 -12.79 25.20
C ASN D 454 8.09 -11.52 25.88
N THR D 455 6.80 -11.25 25.69
CA THR D 455 6.11 -10.20 26.39
C THR D 455 4.64 -10.47 26.17
N HIS D 456 3.79 -9.55 26.56
CA HIS D 456 2.35 -9.68 26.36
C HIS D 456 1.76 -8.31 26.61
N PHE D 457 0.54 -8.09 26.13
CA PHE D 457 -0.25 -6.94 26.55
C PHE D 457 0.17 -5.57 26.00
N MET D 458 1.17 -5.49 25.13
CA MET D 458 1.62 -4.19 24.64
C MET D 458 0.88 -3.81 23.36
N LEU D 459 0.23 -2.64 23.36
CA LEU D 459 -0.47 -2.14 22.18
C LEU D 459 0.10 -0.79 21.77
N VAL D 460 0.14 -0.53 20.47
CA VAL D 460 0.54 0.80 19.98
C VAL D 460 -0.47 1.26 18.96
N SER D 461 -0.64 2.57 18.85
CA SER D 461 -1.66 3.13 17.95
C SER D 461 -1.48 2.71 16.53
N GLU D 462 -0.24 2.49 16.09
CA GLU D 462 -0.08 2.09 14.68
C GLU D 462 -0.34 0.60 14.27
N MET D 463 -0.42 -0.30 15.25
CA MET D 463 -0.57 -1.71 14.95
C MET D 463 -1.99 -2.18 15.26
N PRO D 464 -2.57 -2.96 14.36
CA PRO D 464 -3.98 -3.37 14.51
C PRO D 464 -4.21 -4.37 15.63
N HIS D 465 -5.42 -4.31 16.18
CA HIS D 465 -5.85 -5.13 17.29
C HIS D 465 -7.24 -5.59 16.88
N GLY D 466 -7.45 -6.89 16.81
CA GLY D 466 -8.75 -7.41 16.39
C GLY D 466 -8.69 -8.91 16.29
N GLY D 467 -9.85 -9.56 16.35
CA GLY D 467 -9.84 -11.00 16.45
C GLY D 467 -10.21 -11.79 15.21
N GLN D 468 -10.38 -13.07 15.45
CA GLN D 468 -10.72 -14.06 14.47
C GLN D 468 -11.73 -14.97 15.21
N LYS D 469 -12.41 -15.85 14.50
CA LYS D 469 -13.37 -16.77 15.11
C LYS D 469 -14.42 -16.02 15.94
N LEU D 470 -14.81 -16.54 17.11
CA LEU D 470 -15.86 -15.86 17.89
C LEU D 470 -15.39 -14.58 18.55
N SER D 471 -14.11 -14.25 18.44
CA SER D 471 -13.60 -12.99 18.98
C SER D 471 -14.08 -11.84 18.08
N GLY D 472 -14.56 -12.15 16.89
CA GLY D 472 -15.10 -11.12 16.02
C GLY D 472 -14.26 -10.84 14.79
N TYR D 473 -14.31 -9.61 14.30
CA TYR D 473 -13.63 -9.24 13.06
C TYR D 473 -13.58 -7.73 13.01
N GLY D 474 -12.70 -7.20 12.16
CA GLY D 474 -12.49 -5.76 12.10
C GLY D 474 -11.34 -5.40 13.05
N LYS D 475 -10.66 -4.30 12.78
CA LYS D 475 -9.52 -3.91 13.61
C LYS D 475 -9.76 -2.60 14.33
N ASP D 476 -9.18 -2.49 15.52
CA ASP D 476 -9.09 -1.21 16.20
C ASP D 476 -7.65 -0.75 16.07
N MET D 477 -7.46 0.56 16.05
CA MET D 477 -6.16 1.18 15.83
C MET D 477 -5.55 0.77 14.44
N SER D 478 -4.48 1.44 14.03
CA SER D 478 -3.76 1.26 12.76
C SER D 478 -4.55 1.80 11.58
N LEU D 479 -3.87 1.89 10.44
CA LEU D 479 -4.54 2.29 9.21
C LEU D 479 -5.68 1.32 8.87
N TYR D 480 -5.58 0.04 9.26
CA TYR D 480 -6.65 -0.89 8.93
C TYR D 480 -7.92 -0.52 9.71
N GLY D 481 -7.73 0.06 10.89
CA GLY D 481 -8.88 0.47 11.70
C GLY D 481 -9.61 1.60 11.00
N LEU D 482 -8.85 2.42 10.27
CA LEU D 482 -9.45 3.54 9.53
C LEU D 482 -10.20 3.01 8.32
N GLU D 483 -9.54 2.11 7.58
CA GLU D 483 -10.11 1.50 6.40
C GLU D 483 -11.47 0.84 6.64
N ASP D 484 -11.65 0.22 7.80
CA ASP D 484 -12.91 -0.44 8.18
C ASP D 484 -14.11 0.50 8.15
N TYR D 485 -13.86 1.81 8.23
CA TYR D 485 -14.95 2.77 8.27
C TYR D 485 -15.18 3.50 6.93
N THR D 486 -14.68 2.92 5.85
CA THR D 486 -14.85 3.52 4.53
C THR D 486 -15.33 2.46 3.55
N VAL D 487 -15.80 2.88 2.39
CA VAL D 487 -16.10 1.92 1.35
C VAL D 487 -15.20 2.24 0.15
N VAL D 488 -14.59 1.22 -0.41
CA VAL D 488 -13.75 1.42 -1.57
C VAL D 488 -14.69 1.60 -2.78
N ARG D 489 -14.39 2.58 -3.63
CA ARG D 489 -15.22 2.83 -4.82
C ARG D 489 -14.36 2.86 -6.10
N HIS D 490 -14.88 2.34 -7.19
CA HIS D 490 -14.17 2.36 -8.47
C HIS D 490 -14.87 3.36 -9.37
N VAL D 491 -14.17 4.37 -9.86
CA VAL D 491 -14.74 5.33 -10.84
C VAL D 491 -13.99 5.10 -12.14
N MET D 492 -14.72 4.91 -13.23
CA MET D 492 -14.08 4.59 -14.50
C MET D 492 -14.65 5.51 -15.59
N VAL D 493 -13.77 6.31 -16.21
CA VAL D 493 -14.16 7.30 -17.20
C VAL D 493 -13.80 6.87 -18.62
N LYS D 494 -14.80 6.76 -19.48
CA LYS D 494 -14.51 6.37 -20.85
C LYS D 494 -13.93 7.59 -21.55
N HIS D 495 -12.83 7.42 -22.25
CA HIS D 495 -12.37 8.62 -22.92
C HIS D 495 -11.97 8.35 -24.30
CA CA E . -26.98 -0.57 -7.55
CA CA F . 7.62 21.35 -16.43
CA CA G . 27.21 -6.15 1.48
CA CA H . -7.87 -14.66 22.53
#